data_6XEM
# 
_entry.id   6XEM 
# 
_audit_conform.dict_name       mmcif_pdbx.dic 
_audit_conform.dict_version    5.380 
_audit_conform.dict_location   http://mmcif.pdb.org/dictionaries/ascii/mmcif_pdbx.dic 
# 
loop_
_database_2.database_id 
_database_2.database_code 
_database_2.pdbx_database_accession 
_database_2.pdbx_DOI 
PDB   6XEM         pdb_00006xem 10.2210/pdb6xem/pdb 
WWPDB D_1000249238 ?            ?                   
# 
_pdbx_database_status.status_code                     REL 
_pdbx_database_status.status_code_sf                  REL 
_pdbx_database_status.status_code_mr                  ? 
_pdbx_database_status.entry_id                        6XEM 
_pdbx_database_status.recvd_initial_deposition_date   2020-06-12 
_pdbx_database_status.SG_entry                        N 
_pdbx_database_status.deposit_site                    RCSB 
_pdbx_database_status.process_site                    RCSB 
_pdbx_database_status.status_code_cs                  ? 
_pdbx_database_status.status_code_nmr_data            ? 
_pdbx_database_status.methods_development_category    ? 
_pdbx_database_status.pdb_format_compatible           Y 
# 
loop_
_audit_author.name 
_audit_author.pdbx_ordinal 
_audit_author.identifier_ORCID 
'Simmons, C.R.'      1 0000-0002-2290-6132 
'MacCulloch, T.'     2 0000-0001-5875-3361 
'Stephanopoulos, N.' 3 0000-0001-7859-410X 
'Yan, H.'            4 0000-0001-7397-9852 
# 
_citation.abstract                  ? 
_citation.abstract_id_CAS           ? 
_citation.book_id_ISBN              ? 
_citation.book_publisher            ? 
_citation.book_publisher_city       ? 
_citation.book_title                ? 
_citation.coordinate_linkage        ? 
_citation.country                   UK 
_citation.database_id_Medline       ? 
_citation.details                   ? 
_citation.id                        primary 
_citation.journal_abbrev            'Nat Commun' 
_citation.journal_id_ASTM           ? 
_citation.journal_id_CSD            ? 
_citation.journal_id_ISSN           2041-1723 
_citation.journal_full              ? 
_citation.journal_issue             ? 
_citation.journal_volume            13 
_citation.language                  ? 
_citation.page_first                3112 
_citation.page_last                 3112 
_citation.title                     'The influence of Holliday junction sequence and dynamics on DNA crystal self-assembly.' 
_citation.year                      2022 
_citation.database_id_CSD           ? 
_citation.pdbx_database_id_DOI      10.1038/s41467-022-30779-6 
_citation.pdbx_database_id_PubMed   35662248 
_citation.unpublished_flag          ? 
# 
loop_
_citation_author.citation_id 
_citation_author.name 
_citation_author.ordinal 
_citation_author.identifier_ORCID 
primary 'Simmons, C.R.'      1  ?                   
primary 'MacCulloch, T.'     2  ?                   
primary 'Krepl, M.'          3  0000-0002-9833-4281 
primary 'Matthies, M.'       4  ?                   
primary 'Buchberger, A.'     5  ?                   
primary 'Crawford, I.'       6  ?                   
primary 'Sponer, J.'         7  0000-0001-6558-6186 
primary 'Sulc, P.'           8  0000-0003-1565-6769 
primary 'Stephanopoulos, N.' 9  0000-0001-7859-410X 
primary 'Yan, H.'            10 0000-0001-7397-9852 
# 
_cell.angle_alpha                  90.000 
_cell.angle_alpha_esd              ? 
_cell.angle_beta                   90.000 
_cell.angle_beta_esd               ? 
_cell.angle_gamma                  120.000 
_cell.angle_gamma_esd              ? 
_cell.entry_id                     6XEM 
_cell.details                      ? 
_cell.formula_units_Z              ? 
_cell.length_a                     68.988 
_cell.length_a_esd                 ? 
_cell.length_b                     68.988 
_cell.length_b_esd                 ? 
_cell.length_c                     61.305 
_cell.length_c_esd                 ? 
_cell.volume                       ? 
_cell.volume_esd                   ? 
_cell.Z_PDB                        3 
_cell.reciprocal_angle_alpha       ? 
_cell.reciprocal_angle_beta        ? 
_cell.reciprocal_angle_gamma       ? 
_cell.reciprocal_angle_alpha_esd   ? 
_cell.reciprocal_angle_beta_esd    ? 
_cell.reciprocal_angle_gamma_esd   ? 
_cell.reciprocal_length_a          ? 
_cell.reciprocal_length_b          ? 
_cell.reciprocal_length_c          ? 
_cell.reciprocal_length_a_esd      ? 
_cell.reciprocal_length_b_esd      ? 
_cell.reciprocal_length_c_esd      ? 
_cell.pdbx_unique_axis             ? 
# 
_symmetry.entry_id                         6XEM 
_symmetry.cell_setting                     ? 
_symmetry.Int_Tables_number                145 
_symmetry.space_group_name_Hall            ? 
_symmetry.space_group_name_H-M             'P 32' 
_symmetry.pdbx_full_space_group_name_H-M   ? 
# 
loop_
_entity.id 
_entity.type 
_entity.src_method 
_entity.pdbx_description 
_entity.formula_weight 
_entity.pdbx_number_of_molecules 
_entity.pdbx_ec 
_entity.pdbx_mutation 
_entity.pdbx_fragment 
_entity.details 
1 polymer     syn 
;DNA (5'-D(*GP*AP*GP*CP*AP*GP*AP*CP*GP*TP*G)-3')
;
6891.455 1 ? ? ? ? 
2 polymer     syn 
;DNA (5'-D(P*AP*CP*CP*CP*CP*AP*CP*TP*CP*A)-3')
;
2933.947 1 ? ? ? ? 
3 polymer     syn 
;DNA (5'-D(P*CP*AP*GP*GP*T)-3')
;
1520.036 1 ? ? ? ? 
4 polymer     syn 
;DNA (5'-D(*TP*CP*TP*GP*AP*GP*TP*GP*GP*CP*GP*TP*CP*TP*GP*C)-3')
;
4921.175 1 ? ? ? ? 
5 non-polymer syn 'CACODYLATE ION'                                                 136.989  1 ? ? ? ? 
# 
loop_
_entity_poly.entity_id 
_entity_poly.type 
_entity_poly.nstd_linkage 
_entity_poly.nstd_monomer 
_entity_poly.pdbx_seq_one_letter_code 
_entity_poly.pdbx_seq_one_letter_code_can 
_entity_poly.pdbx_strand_id 
_entity_poly.pdbx_target_identifier 
1 polydeoxyribonucleotide no no 
;(DG)(DA)(DG)(DC)(DA)(DG)(DA)(DC)(DG)(DT)(DG)(DG)(DA)(DG)(DC)(DA)(DG)(DA)(DC)(DG)
(DT)(DG)
;
GAGCAGACGTGGAGCAGACGTG A ? 
2 polydeoxyribonucleotide no no '(DA)(DC)(DC)(DC)(DC)(DA)(DC)(DT)(DC)(DA)'                                                  
ACCCCACTCA             B ? 
3 polydeoxyribonucleotide no no '(DC)(DA)(DG)(DG)(DT)'                                                                      CAGGT 
C ? 
4 polydeoxyribonucleotide no no '(DT)(DC)(DT)(DG)(DA)(DG)(DT)(DG)(DG)(DC)(DG)(DT)(DC)(DT)(DG)(DC)'                          
TCTGAGTGGCGTCTGC       D ? 
# 
loop_
_entity_poly_seq.entity_id 
_entity_poly_seq.num 
_entity_poly_seq.mon_id 
_entity_poly_seq.hetero 
1 1  DG n 
1 2  DA n 
1 3  DG n 
1 4  DC n 
1 5  DA n 
1 6  DG n 
1 7  DA n 
1 8  DC n 
1 9  DG n 
1 10 DT n 
1 11 DG n 
1 12 DG n 
1 13 DA n 
1 14 DG n 
1 15 DC n 
1 16 DA n 
1 17 DG n 
1 18 DA n 
1 19 DC n 
1 20 DG n 
1 21 DT n 
1 22 DG n 
2 1  DA n 
2 2  DC n 
2 3  DC n 
2 4  DC n 
2 5  DC n 
2 6  DA n 
2 7  DC n 
2 8  DT n 
2 9  DC n 
2 10 DA n 
3 1  DC n 
3 2  DA n 
3 3  DG n 
3 4  DG n 
3 5  DT n 
4 1  DT n 
4 2  DC n 
4 3  DT n 
4 4  DG n 
4 5  DA n 
4 6  DG n 
4 7  DT n 
4 8  DG n 
4 9  DG n 
4 10 DC n 
4 11 DG n 
4 12 DT n 
4 13 DC n 
4 14 DT n 
4 15 DG n 
4 16 DC n 
# 
loop_
_pdbx_entity_src_syn.entity_id 
_pdbx_entity_src_syn.pdbx_src_id 
_pdbx_entity_src_syn.pdbx_alt_source_flag 
_pdbx_entity_src_syn.pdbx_beg_seq_num 
_pdbx_entity_src_syn.pdbx_end_seq_num 
_pdbx_entity_src_syn.organism_scientific 
_pdbx_entity_src_syn.organism_common_name 
_pdbx_entity_src_syn.ncbi_taxonomy_id 
_pdbx_entity_src_syn.details 
1 1 sample 1 22 'synthetic construct' ? 32630 ? 
2 1 sample 1 10 'synthetic construct' ? 32630 ? 
3 1 sample 1 5  'synthetic construct' ? 32630 ? 
4 1 sample 1 16 'synthetic construct' ? 32630 ? 
# 
loop_
_struct_ref.id 
_struct_ref.db_name 
_struct_ref.db_code 
_struct_ref.pdbx_db_accession 
_struct_ref.pdbx_db_isoform 
_struct_ref.entity_id 
_struct_ref.pdbx_seq_one_letter_code 
_struct_ref.pdbx_align_begin 
1 PDB 6XEM 6XEM ? 1 ? 1 
2 PDB 6XEM 6XEM ? 2 ? 1 
3 PDB 6XEM 6XEM ? 3 ? 1 
4 PDB 6XEM 6XEM ? 4 ? 1 
# 
loop_
_struct_ref_seq.align_id 
_struct_ref_seq.ref_id 
_struct_ref_seq.pdbx_PDB_id_code 
_struct_ref_seq.pdbx_strand_id 
_struct_ref_seq.seq_align_beg 
_struct_ref_seq.pdbx_seq_align_beg_ins_code 
_struct_ref_seq.seq_align_end 
_struct_ref_seq.pdbx_seq_align_end_ins_code 
_struct_ref_seq.pdbx_db_accession 
_struct_ref_seq.db_align_beg 
_struct_ref_seq.pdbx_db_align_beg_ins_code 
_struct_ref_seq.db_align_end 
_struct_ref_seq.pdbx_db_align_end_ins_code 
_struct_ref_seq.pdbx_auth_seq_align_beg 
_struct_ref_seq.pdbx_auth_seq_align_end 
1 1 6XEM A 1 ? 22 ? 6XEM 1  ? 22 ? 1  22 
2 2 6XEM B 1 ? 10 ? 6XEM 12 ? 21 ? 12 21 
3 3 6XEM C 1 ? 5  ? 6XEM 1  ? 5  ? 1  5  
4 4 6XEM D 1 ? 16 ? 6XEM 1  ? 16 ? 1  16 
# 
loop_
_chem_comp.id 
_chem_comp.type 
_chem_comp.mon_nstd_flag 
_chem_comp.name 
_chem_comp.pdbx_synonyms 
_chem_comp.formula 
_chem_comp.formula_weight 
CAC non-polymer   . 'CACODYLATE ION'                     dimethylarsinate 'C2 H6 As O2 -1'  136.989 
DA  'DNA linking' y "2'-DEOXYADENOSINE-5'-MONOPHOSPHATE" ?                'C10 H14 N5 O6 P' 331.222 
DC  'DNA linking' y "2'-DEOXYCYTIDINE-5'-MONOPHOSPHATE"  ?                'C9 H14 N3 O7 P'  307.197 
DG  'DNA linking' y "2'-DEOXYGUANOSINE-5'-MONOPHOSPHATE" ?                'C10 H14 N5 O7 P' 347.221 
DT  'DNA linking' y "THYMIDINE-5'-MONOPHOSPHATE"         ?                'C10 H15 N2 O8 P' 322.208 
# 
_exptl.absorpt_coefficient_mu     ? 
_exptl.absorpt_correction_T_max   ? 
_exptl.absorpt_correction_T_min   ? 
_exptl.absorpt_correction_type    ? 
_exptl.absorpt_process_details    ? 
_exptl.entry_id                   6XEM 
_exptl.crystals_number            1 
_exptl.details                    ? 
_exptl.method                     'X-RAY DIFFRACTION' 
_exptl.method_details             ? 
# 
_exptl_crystal.colour                      ? 
_exptl_crystal.density_diffrn              ? 
_exptl_crystal.density_Matthews            5.18 
_exptl_crystal.density_method              ? 
_exptl_crystal.density_percent_sol         76.25 
_exptl_crystal.description                 ? 
_exptl_crystal.F_000                       ? 
_exptl_crystal.id                          1 
_exptl_crystal.preparation                 ? 
_exptl_crystal.size_max                    ? 
_exptl_crystal.size_mid                    ? 
_exptl_crystal.size_min                    ? 
_exptl_crystal.size_rad                    ? 
_exptl_crystal.colour_lustre               ? 
_exptl_crystal.colour_modifier             ? 
_exptl_crystal.colour_primary              ? 
_exptl_crystal.density_meas                ? 
_exptl_crystal.density_meas_esd            ? 
_exptl_crystal.density_meas_gt             ? 
_exptl_crystal.density_meas_lt             ? 
_exptl_crystal.density_meas_temp           ? 
_exptl_crystal.density_meas_temp_esd       ? 
_exptl_crystal.density_meas_temp_gt        ? 
_exptl_crystal.density_meas_temp_lt        ? 
_exptl_crystal.pdbx_crystal_image_url      ? 
_exptl_crystal.pdbx_crystal_image_format   ? 
_exptl_crystal.pdbx_mosaicity              ? 
_exptl_crystal.pdbx_mosaicity_esd          ? 
# 
_exptl_crystal_grow.apparatus       ? 
_exptl_crystal_grow.atmosphere      ? 
_exptl_crystal_grow.crystal_id      1 
_exptl_crystal_grow.details         ? 
_exptl_crystal_grow.method          'VAPOR DIFFUSION, SITTING DROP' 
_exptl_crystal_grow.method_ref      ? 
_exptl_crystal_grow.pH              ? 
_exptl_crystal_grow.pressure        ? 
_exptl_crystal_grow.pressure_esd    ? 
_exptl_crystal_grow.seeding         ? 
_exptl_crystal_grow.seeding_ref     ? 
_exptl_crystal_grow.temp            298 
_exptl_crystal_grow.temp_details    'temperature gradient generated from 60 to 25 C at 0.3 degrees per hour' 
_exptl_crystal_grow.temp_esd        ? 
_exptl_crystal_grow.time            ? 
_exptl_crystal_grow.pdbx_details    
;0.5 mL of 0.05 M Cacodylate pH 6.5 with 18 mM MgCl2, 2.25 mM spermine, and 9% Isopropanol was added to the reservoir with 2 uL added to the drop containing 4 uL of DNA stock
;
_exptl_crystal_grow.pdbx_pH_range   ? 
# 
_diffrn.ambient_environment              ? 
_diffrn.ambient_temp                     100 
_diffrn.ambient_temp_details             ? 
_diffrn.ambient_temp_esd                 ? 
_diffrn.crystal_id                       1 
_diffrn.crystal_support                  ? 
_diffrn.crystal_treatment                ? 
_diffrn.details                          ? 
_diffrn.id                               1 
_diffrn.ambient_pressure                 ? 
_diffrn.ambient_pressure_esd             ? 
_diffrn.ambient_pressure_gt              ? 
_diffrn.ambient_pressure_lt              ? 
_diffrn.ambient_temp_gt                  ? 
_diffrn.ambient_temp_lt                  ? 
_diffrn.pdbx_serial_crystal_experiment   N 
# 
_diffrn_detector.details                      ? 
_diffrn_detector.detector                     PIXEL 
_diffrn_detector.diffrn_id                    1 
_diffrn_detector.type                         'DECTRIS PILATUS3 6M' 
_diffrn_detector.area_resol_mean              ? 
_diffrn_detector.dtime                        ? 
_diffrn_detector.pdbx_frames_total            ? 
_diffrn_detector.pdbx_collection_time_total   ? 
_diffrn_detector.pdbx_collection_date         2018-08-15 
_diffrn_detector.pdbx_frequency               ? 
# 
_diffrn_radiation.collimation                      ? 
_diffrn_radiation.diffrn_id                        1 
_diffrn_radiation.filter_edge                      ? 
_diffrn_radiation.inhomogeneity                    ? 
_diffrn_radiation.monochromator                    ? 
_diffrn_radiation.polarisn_norm                    ? 
_diffrn_radiation.polarisn_ratio                   ? 
_diffrn_radiation.probe                            ? 
_diffrn_radiation.type                             ? 
_diffrn_radiation.xray_symbol                      ? 
_diffrn_radiation.wavelength_id                    1 
_diffrn_radiation.pdbx_monochromatic_or_laue_m_l   M 
_diffrn_radiation.pdbx_wavelength_list             ? 
_diffrn_radiation.pdbx_wavelength                  ? 
_diffrn_radiation.pdbx_diffrn_protocol             'SINGLE WAVELENGTH' 
_diffrn_radiation.pdbx_analyzer                    ? 
_diffrn_radiation.pdbx_scattering_type             x-ray 
# 
_diffrn_radiation_wavelength.id           1 
_diffrn_radiation_wavelength.wavelength   0.92 
_diffrn_radiation_wavelength.wt           1.0 
# 
_diffrn_source.current                     ? 
_diffrn_source.details                     ? 
_diffrn_source.diffrn_id                   1 
_diffrn_source.power                       ? 
_diffrn_source.size                        ? 
_diffrn_source.source                      SYNCHROTRON 
_diffrn_source.target                      ? 
_diffrn_source.type                        'APS BEAMLINE 19-ID' 
_diffrn_source.voltage                     ? 
_diffrn_source.take-off_angle              ? 
_diffrn_source.pdbx_wavelength_list        0.92 
_diffrn_source.pdbx_wavelength             ? 
_diffrn_source.pdbx_synchrotron_beamline   19-ID 
_diffrn_source.pdbx_synchrotron_site       APS 
# 
_reflns.B_iso_Wilson_estimate            98.830 
_reflns.entry_id                         6XEM 
_reflns.data_reduction_details           ? 
_reflns.data_reduction_method            ? 
_reflns.d_resolution_high                3.050 
_reflns.d_resolution_low                 50.000 
_reflns.details                          ? 
_reflns.limit_h_max                      ? 
_reflns.limit_h_min                      ? 
_reflns.limit_k_max                      ? 
_reflns.limit_k_min                      ? 
_reflns.limit_l_max                      ? 
_reflns.limit_l_min                      ? 
_reflns.number_all                       ? 
_reflns.number_obs                       5999 
_reflns.observed_criterion               ? 
_reflns.observed_criterion_F_max         ? 
_reflns.observed_criterion_F_min         ? 
_reflns.observed_criterion_I_max         ? 
_reflns.observed_criterion_I_min         ? 
_reflns.observed_criterion_sigma_F       ? 
_reflns.observed_criterion_sigma_I       ? 
_reflns.percent_possible_obs             96.900 
_reflns.R_free_details                   ? 
_reflns.Rmerge_F_all                     ? 
_reflns.Rmerge_F_obs                     ? 
_reflns.Friedel_coverage                 ? 
_reflns.number_gt                        ? 
_reflns.threshold_expression             ? 
_reflns.pdbx_redundancy                  9.100 
_reflns.pdbx_Rmerge_I_obs                0.118 
_reflns.pdbx_Rmerge_I_all                ? 
_reflns.pdbx_Rsym_value                  ? 
_reflns.pdbx_netI_over_av_sigmaI         ? 
_reflns.pdbx_netI_over_sigmaI            5.900 
_reflns.pdbx_res_netI_over_av_sigmaI_2   ? 
_reflns.pdbx_res_netI_over_sigmaI_2      ? 
_reflns.pdbx_chi_squared                 2.935 
_reflns.pdbx_scaling_rejects             ? 
_reflns.pdbx_d_res_high_opt              ? 
_reflns.pdbx_d_res_low_opt               ? 
_reflns.pdbx_d_res_opt_method            ? 
_reflns.phase_calculation_details        ? 
_reflns.pdbx_Rrim_I_all                  0.125 
_reflns.pdbx_Rpim_I_all                  0.040 
_reflns.pdbx_d_opt                       ? 
_reflns.pdbx_number_measured_all         ? 
_reflns.pdbx_diffrn_id                   1 
_reflns.pdbx_ordinal                     1 
_reflns.pdbx_CC_half                     1.00 
_reflns.pdbx_CC_star                     ? 
_reflns.pdbx_R_split                     ? 
# 
loop_
_reflns_shell.d_res_high 
_reflns_shell.d_res_low 
_reflns_shell.meanI_over_sigI_all 
_reflns_shell.meanI_over_sigI_obs 
_reflns_shell.number_measured_all 
_reflns_shell.number_measured_obs 
_reflns_shell.number_possible 
_reflns_shell.number_unique_all 
_reflns_shell.number_unique_obs 
_reflns_shell.percent_possible_all 
_reflns_shell.percent_possible_obs 
_reflns_shell.Rmerge_F_all 
_reflns_shell.Rmerge_F_obs 
_reflns_shell.Rmerge_I_all 
_reflns_shell.Rmerge_I_obs 
_reflns_shell.meanI_over_sigI_gt 
_reflns_shell.meanI_over_uI_all 
_reflns_shell.meanI_over_uI_gt 
_reflns_shell.number_measured_gt 
_reflns_shell.number_unique_gt 
_reflns_shell.percent_possible_gt 
_reflns_shell.Rmerge_F_gt 
_reflns_shell.Rmerge_I_gt 
_reflns_shell.pdbx_redundancy 
_reflns_shell.pdbx_Rsym_value 
_reflns_shell.pdbx_chi_squared 
_reflns_shell.pdbx_netI_over_sigmaI_all 
_reflns_shell.pdbx_netI_over_sigmaI_obs 
_reflns_shell.pdbx_Rrim_I_all 
_reflns_shell.pdbx_Rpim_I_all 
_reflns_shell.pdbx_rejects 
_reflns_shell.pdbx_ordinal 
_reflns_shell.pdbx_diffrn_id 
_reflns_shell.pdbx_CC_half 
_reflns_shell.pdbx_CC_star 
_reflns_shell.pdbx_R_split 
3.050 3.100  ? ? ? ? ? ? 221 75.900  ? ? ? ? 0.757 ? ? ? ? ? ? ? ? 7.000  ? 0.502  ? ? 0.805 0.268 ? 1  1 0.925 ? ? 
3.100 3.160  ? ? ? ? ? ? 250 81.200  ? ? ? ? 0.394 ? ? ? ? ? ? ? ? 7.300  ? 0.526  ? ? 0.419 0.138 ? 2  1 0.983 ? ? 
3.160 3.220  ? ? ? ? ? ? 276 88.500  ? ? ? ? 0.222 ? ? ? ? ? ? ? ? 6.800  ? 0.652  ? ? 0.236 0.078 ? 3  1 0.995 ? ? 
3.220 3.290  ? ? ? ? ? ? 304 94.100  ? ? ? ? 0.131 ? ? ? ? ? ? ? ? 7.500  ? 0.946  ? ? 0.138 0.044 ? 4  1 0.998 ? ? 
3.290 3.360  ? ? ? ? ? ? 300 98.400  ? ? ? ? 0.221 ? ? ? ? ? ? ? ? 7.300  ? 0.584  ? ? 0.235 0.079 ? 5  1 0.996 ? ? 
3.360 3.430  ? ? ? ? ? ? 329 100.000 ? ? ? ? 0.175 ? ? ? ? ? ? ? ? 8.000  ? 0.646  ? ? 0.185 0.060 ? 6  1 0.996 ? ? 
3.430 3.520  ? ? ? ? ? ? 288 100.000 ? ? ? ? 0.273 ? ? ? ? ? ? ? ? 8.200  ? 0.501  ? ? 0.290 0.096 ? 7  1 0.996 ? ? 
3.520 3.620  ? ? ? ? ? ? 305 100.000 ? ? ? ? 0.229 ? ? ? ? ? ? ? ? 8.600  ? 0.570  ? ? 0.242 0.079 ? 8  1 0.994 ? ? 
3.620 3.720  ? ? ? ? ? ? 312 100.000 ? ? ? ? 0.362 ? ? ? ? ? ? ? ? 8.200  ? 0.512  ? ? 0.386 0.131 ? 9  1 0.984 ? ? 
3.720 3.840  ? ? ? ? ? ? 327 100.000 ? ? ? ? 0.290 ? ? ? ? ? ? ? ? 9.600  ? 0.553  ? ? 0.306 0.097 ? 10 1 0.993 ? ? 
3.840 3.980  ? ? ? ? ? ? 293 100.000 ? ? ? ? 0.198 ? ? ? ? ? ? ? ? 10.400 ? 0.646  ? ? 0.209 0.064 ? 11 1 0.994 ? ? 
3.980 4.140  ? ? ? ? ? ? 307 100.000 ? ? ? ? 0.165 ? ? ? ? ? ? ? ? 10.200 ? 0.599  ? ? 0.174 0.054 ? 12 1 0.996 ? ? 
4.140 4.330  ? ? ? ? ? ? 316 100.000 ? ? ? ? 0.165 ? ? ? ? ? ? ? ? 10.300 ? 0.663  ? ? 0.174 0.054 ? 13 1 0.994 ? ? 
4.330 4.560  ? ? ? ? ? ? 315 100.000 ? ? ? ? 0.163 ? ? ? ? ? ? ? ? 10.300 ? 1.385  ? ? 0.171 0.053 ? 14 1 0.988 ? ? 
4.560 4.840  ? ? ? ? ? ? 300 100.000 ? ? ? ? 0.123 ? ? ? ? ? ? ? ? 9.700  ? 0.661  ? ? 0.130 0.041 ? 15 1 0.995 ? ? 
4.840 5.210  ? ? ? ? ? ? 317 100.000 ? ? ? ? 0.098 ? ? ? ? ? ? ? ? 9.800  ? 2.903  ? ? 0.103 0.032 ? 16 1 0.991 ? ? 
5.210 5.740  ? ? ? ? ? ? 308 100.000 ? ? ? ? 0.081 ? ? ? ? ? ? ? ? 10.700 ? 5.090  ? ? 0.085 0.026 ? 17 1 0.989 ? ? 
5.740 6.570  ? ? ? ? ? ? 309 100.000 ? ? ? ? 0.081 ? ? ? ? ? ? ? ? 10.400 ? 4.163  ? ? 0.085 0.026 ? 18 1 0.984 ? ? 
6.570 8.270  ? ? ? ? ? ? 310 99.700  ? ? ? ? 0.063 ? ? ? ? ? ? ? ? 9.800  ? 4.138  ? ? 0.066 0.021 ? 19 1 0.992 ? ? 
8.270 50.000 ? ? ? ? ? ? 312 99.400  ? ? ? ? 0.109 ? ? ? ? ? ? ? ? 10.100 ? 25.330 ? ? 0.116 0.038 ? 20 1 0.982 ? ? 
# 
_refine.aniso_B[1][1]                            ? 
_refine.aniso_B[1][2]                            ? 
_refine.aniso_B[1][3]                            ? 
_refine.aniso_B[2][2]                            ? 
_refine.aniso_B[2][3]                            ? 
_refine.aniso_B[3][3]                            ? 
_refine.B_iso_max                                194.520 
_refine.B_iso_mean                               102.6143 
_refine.B_iso_min                                47.960 
_refine.correlation_coeff_Fo_to_Fc               ? 
_refine.correlation_coeff_Fo_to_Fc_free          ? 
_refine.details                                  ? 
_refine.diff_density_max                         ? 
_refine.diff_density_max_esd                     ? 
_refine.diff_density_min                         ? 
_refine.diff_density_min_esd                     ? 
_refine.diff_density_rms                         ? 
_refine.diff_density_rms_esd                     ? 
_refine.entry_id                                 6XEM 
_refine.pdbx_refine_id                           'X-RAY DIFFRACTION' 
_refine.ls_abs_structure_details                 ? 
_refine.ls_abs_structure_Flack                   ? 
_refine.ls_abs_structure_Flack_esd               ? 
_refine.ls_abs_structure_Rogers                  ? 
_refine.ls_abs_structure_Rogers_esd              ? 
_refine.ls_d_res_high                            3.0550 
_refine.ls_d_res_low                             30.0620 
_refine.ls_extinction_coef                       ? 
_refine.ls_extinction_coef_esd                   ? 
_refine.ls_extinction_expression                 ? 
_refine.ls_extinction_method                     ? 
_refine.ls_goodness_of_fit_all                   ? 
_refine.ls_goodness_of_fit_all_esd               ? 
_refine.ls_goodness_of_fit_obs                   ? 
_refine.ls_goodness_of_fit_obs_esd               ? 
_refine.ls_hydrogen_treatment                    ? 
_refine.ls_matrix_type                           ? 
_refine.ls_number_constraints                    ? 
_refine.ls_number_parameters                     ? 
_refine.ls_number_reflns_all                     ? 
_refine.ls_number_reflns_obs                     5800 
_refine.ls_number_reflns_R_free                  284 
_refine.ls_number_reflns_R_work                  5516 
_refine.ls_number_restraints                     ? 
_refine.ls_percent_reflns_obs                    93.9400 
_refine.ls_percent_reflns_R_free                 4.9000 
_refine.ls_R_factor_all                          ? 
_refine.ls_R_factor_obs                          0.2268 
_refine.ls_R_factor_R_free                       0.2539 
_refine.ls_R_factor_R_free_error                 ? 
_refine.ls_R_factor_R_free_error_details         ? 
_refine.ls_R_factor_R_work                       0.2249 
_refine.ls_R_Fsqd_factor_obs                     ? 
_refine.ls_R_I_factor_obs                        ? 
_refine.ls_redundancy_reflns_all                 ? 
_refine.ls_redundancy_reflns_obs                 ? 
_refine.ls_restrained_S_all                      ? 
_refine.ls_restrained_S_obs                      ? 
_refine.ls_shift_over_esd_max                    ? 
_refine.ls_shift_over_esd_mean                   ? 
_refine.ls_structure_factor_coef                 ? 
_refine.ls_weighting_details                     ? 
_refine.ls_weighting_scheme                      ? 
_refine.ls_wR_factor_all                         ? 
_refine.ls_wR_factor_obs                         ? 
_refine.ls_wR_factor_R_free                      ? 
_refine.ls_wR_factor_R_work                      ? 
_refine.occupancy_max                            ? 
_refine.occupancy_min                            ? 
_refine.solvent_model_details                    'FLAT BULK SOLVENT MODEL' 
_refine.solvent_model_param_bsol                 ? 
_refine.solvent_model_param_ksol                 ? 
_refine.pdbx_R_complete                          ? 
_refine.ls_R_factor_gt                           ? 
_refine.ls_goodness_of_fit_gt                    ? 
_refine.ls_goodness_of_fit_ref                   ? 
_refine.ls_shift_over_su_max                     ? 
_refine.ls_shift_over_su_max_lt                  ? 
_refine.ls_shift_over_su_mean                    ? 
_refine.ls_shift_over_su_mean_lt                 ? 
_refine.pdbx_ls_sigma_I                          ? 
_refine.pdbx_ls_sigma_F                          2.030 
_refine.pdbx_ls_sigma_Fsqd                       ? 
_refine.pdbx_data_cutoff_high_absF               ? 
_refine.pdbx_data_cutoff_high_rms_absF           ? 
_refine.pdbx_data_cutoff_low_absF                ? 
_refine.pdbx_isotropic_thermal_model             ? 
_refine.pdbx_ls_cross_valid_method               THROUGHOUT 
_refine.pdbx_method_to_determine_struct          'MOLECULAR REPLACEMENT' 
_refine.pdbx_starting_model                      6x8c 
_refine.pdbx_stereochemistry_target_values       ML 
_refine.pdbx_R_Free_selection_details            ? 
_refine.pdbx_stereochem_target_val_spec_case     ? 
_refine.pdbx_overall_ESU_R                       ? 
_refine.pdbx_overall_ESU_R_Free                  ? 
_refine.pdbx_solvent_vdw_probe_radii             1.1100 
_refine.pdbx_solvent_ion_probe_radii             ? 
_refine.pdbx_solvent_shrinkage_radii             0.9000 
_refine.pdbx_real_space_R                        ? 
_refine.pdbx_density_correlation                 ? 
_refine.pdbx_pd_number_of_powder_patterns        ? 
_refine.pdbx_pd_number_of_points                 ? 
_refine.pdbx_pd_meas_number_of_points            ? 
_refine.pdbx_pd_proc_ls_prof_R_factor            ? 
_refine.pdbx_pd_proc_ls_prof_wR_factor           ? 
_refine.pdbx_pd_Marquardt_correlation_coeff      ? 
_refine.pdbx_pd_Fsqrd_R_factor                   ? 
_refine.pdbx_pd_ls_matrix_band_width             ? 
_refine.pdbx_overall_phase_error                 29.8300 
_refine.pdbx_overall_SU_R_free_Cruickshank_DPI   ? 
_refine.pdbx_overall_SU_R_free_Blow_DPI          ? 
_refine.pdbx_overall_SU_R_Blow_DPI               ? 
_refine.pdbx_TLS_residual_ADP_flag               ? 
_refine.pdbx_diffrn_id                           1 
_refine.overall_SU_B                             ? 
_refine.overall_SU_ML                            0.5300 
_refine.overall_SU_R_Cruickshank_DPI             ? 
_refine.overall_SU_R_free                        ? 
_refine.overall_FOM_free_R_set                   ? 
_refine.overall_FOM_work_R_set                   ? 
_refine.pdbx_average_fsc_overall                 ? 
_refine.pdbx_average_fsc_work                    ? 
_refine.pdbx_average_fsc_free                    ? 
# 
_refine_hist.pdbx_refine_id                   'X-RAY DIFFRACTION' 
_refine_hist.cycle_id                         final 
_refine_hist.details                          ? 
_refine_hist.d_res_high                       3.0550 
_refine_hist.d_res_low                        30.0620 
_refine_hist.number_atoms_solvent             0 
_refine_hist.number_atoms_total               856 
_refine_hist.number_reflns_all                ? 
_refine_hist.number_reflns_obs                ? 
_refine_hist.number_reflns_R_free             ? 
_refine_hist.number_reflns_R_work             ? 
_refine_hist.R_factor_all                     ? 
_refine_hist.R_factor_obs                     ? 
_refine_hist.R_factor_R_free                  ? 
_refine_hist.R_factor_R_work                  ? 
_refine_hist.pdbx_number_residues_total       42 
_refine_hist.pdbx_B_iso_mean_ligand           182.54 
_refine_hist.pdbx_B_iso_mean_solvent          ? 
_refine_hist.pdbx_number_atoms_protein        0 
_refine_hist.pdbx_number_atoms_nucleic_acid   855 
_refine_hist.pdbx_number_atoms_ligand         1 
_refine_hist.pdbx_number_atoms_lipid          ? 
_refine_hist.pdbx_number_atoms_carb           ? 
_refine_hist.pdbx_pseudo_atom_details         ? 
# 
loop_
_refine_ls_restr.pdbx_refine_id 
_refine_ls_restr.criterion 
_refine_ls_restr.dev_ideal 
_refine_ls_restr.dev_ideal_target 
_refine_ls_restr.number 
_refine_ls_restr.rejects 
_refine_ls_restr.type 
_refine_ls_restr.weight 
_refine_ls_restr.pdbx_restraint_function 
'X-RAY DIFFRACTION' ? 0.006  ? 956  ? f_bond_d           ? ? 
'X-RAY DIFFRACTION' ? 0.766  ? 1467 ? f_angle_d          ? ? 
'X-RAY DIFFRACTION' ? 0.038  ? 166  ? f_chiral_restr     ? ? 
'X-RAY DIFFRACTION' ? 0.004  ? 42   ? f_plane_restr      ? ? 
'X-RAY DIFFRACTION' ? 34.675 ? 406  ? f_dihedral_angle_d ? ? 
# 
loop_
_refine_ls_shell.pdbx_refine_id 
_refine_ls_shell.d_res_high 
_refine_ls_shell.d_res_low 
_refine_ls_shell.number_reflns_all 
_refine_ls_shell.number_reflns_obs 
_refine_ls_shell.number_reflns_R_free 
_refine_ls_shell.number_reflns_R_work 
_refine_ls_shell.percent_reflns_obs 
_refine_ls_shell.percent_reflns_R_free 
_refine_ls_shell.R_factor_all 
_refine_ls_shell.R_factor_obs 
_refine_ls_shell.R_factor_R_free 
_refine_ls_shell.R_factor_R_free_error 
_refine_ls_shell.R_factor_R_work 
_refine_ls_shell.redundancy_reflns_all 
_refine_ls_shell.redundancy_reflns_obs 
_refine_ls_shell.wR_factor_all 
_refine_ls_shell.wR_factor_obs 
_refine_ls_shell.wR_factor_R_free 
_refine_ls_shell.wR_factor_R_work 
_refine_ls_shell.pdbx_R_complete 
_refine_ls_shell.pdbx_total_number_of_bins_used 
_refine_ls_shell.pdbx_phase_error 
_refine_ls_shell.pdbx_fsc_work 
_refine_ls_shell.pdbx_fsc_free 
'X-RAY DIFFRACTION' 3.055  3.8473 . . 130 2607 88.0000  . . . 0.3742 0.0000 0.3207 . . . . . . . . . . . 
'X-RAY DIFFRACTION' 3.8473 30.062 . . 154 2909 100.0000 . . . 0.2241 0.0000 0.1990 . . . . . . . . . . . 
# 
_struct.entry_id                     6XEM 
_struct.title                        
'Self-assembly of a 3D DNA crystal lattice (4x5 junction version) containing the J16 immobile Holliday junction' 
_struct.pdbx_model_details           ? 
_struct.pdbx_formula_weight          ? 
_struct.pdbx_formula_weight_method   ? 
_struct.pdbx_model_type_details      ? 
_struct.pdbx_CASP_flag               N 
# 
_struct_keywords.entry_id        6XEM 
_struct_keywords.text            
'Structural DNA nanotechnology, immobile Holliday junctions, 3D DNA self-assembly, designer DNA crystals, DNA' 
_struct_keywords.pdbx_keywords   DNA 
# 
loop_
_struct_asym.id 
_struct_asym.pdbx_blank_PDB_chainid_flag 
_struct_asym.pdbx_modified 
_struct_asym.entity_id 
_struct_asym.details 
A N N 1 ? 
B N N 2 ? 
C N N 3 ? 
D N N 4 ? 
E N N 5 ? 
# 
loop_
_struct_conn.id 
_struct_conn.conn_type_id 
_struct_conn.pdbx_leaving_atom_flag 
_struct_conn.pdbx_PDB_id 
_struct_conn.ptnr1_label_asym_id 
_struct_conn.ptnr1_label_comp_id 
_struct_conn.ptnr1_label_seq_id 
_struct_conn.ptnr1_label_atom_id 
_struct_conn.pdbx_ptnr1_label_alt_id 
_struct_conn.pdbx_ptnr1_PDB_ins_code 
_struct_conn.pdbx_ptnr1_standard_comp_id 
_struct_conn.ptnr1_symmetry 
_struct_conn.ptnr2_label_asym_id 
_struct_conn.ptnr2_label_comp_id 
_struct_conn.ptnr2_label_seq_id 
_struct_conn.ptnr2_label_atom_id 
_struct_conn.pdbx_ptnr2_label_alt_id 
_struct_conn.pdbx_ptnr2_PDB_ins_code 
_struct_conn.ptnr1_auth_asym_id 
_struct_conn.ptnr1_auth_comp_id 
_struct_conn.ptnr1_auth_seq_id 
_struct_conn.ptnr2_auth_asym_id 
_struct_conn.ptnr2_auth_comp_id 
_struct_conn.ptnr2_auth_seq_id 
_struct_conn.ptnr2_symmetry 
_struct_conn.pdbx_ptnr3_label_atom_id 
_struct_conn.pdbx_ptnr3_label_seq_id 
_struct_conn.pdbx_ptnr3_label_comp_id 
_struct_conn.pdbx_ptnr3_label_asym_id 
_struct_conn.pdbx_ptnr3_label_alt_id 
_struct_conn.pdbx_ptnr3_PDB_ins_code 
_struct_conn.details 
_struct_conn.pdbx_dist_value 
_struct_conn.pdbx_value_order 
_struct_conn.pdbx_role 
hydrog1  hydrog ? ? A DG 3  N1 ? ? ? 1_555 D DC 16 N3 ? ? A DG 3  D DC 16 1_555 ? ? ? ? ? ? WATSON-CRICK ? ? ? 
hydrog2  hydrog ? ? A DG 3  N2 ? ? ? 1_555 D DC 16 O2 ? ? A DG 3  D DC 16 1_555 ? ? ? ? ? ? WATSON-CRICK ? ? ? 
hydrog3  hydrog ? ? A DG 3  O6 ? ? ? 1_555 D DC 16 N4 ? ? A DG 3  D DC 16 1_555 ? ? ? ? ? ? WATSON-CRICK ? ? ? 
hydrog4  hydrog ? ? A DC 4  N3 ? ? ? 1_555 D DG 15 N1 ? ? A DC 4  D DG 15 1_555 ? ? ? ? ? ? WATSON-CRICK ? ? ? 
hydrog5  hydrog ? ? A DC 4  N4 ? ? ? 1_555 D DG 15 O6 ? ? A DC 4  D DG 15 1_555 ? ? ? ? ? ? WATSON-CRICK ? ? ? 
hydrog6  hydrog ? ? A DC 4  O2 ? ? ? 1_555 D DG 15 N2 ? ? A DC 4  D DG 15 1_555 ? ? ? ? ? ? WATSON-CRICK ? ? ? 
hydrog7  hydrog ? ? A DA 5  N1 ? ? ? 1_555 D DT 14 N3 ? ? A DA 5  D DT 14 1_555 ? ? ? ? ? ? WATSON-CRICK ? ? ? 
hydrog8  hydrog ? ? A DA 5  N6 ? ? ? 1_555 D DT 14 O4 ? ? A DA 5  D DT 14 1_555 ? ? ? ? ? ? WATSON-CRICK ? ? ? 
hydrog9  hydrog ? ? A DG 6  N1 ? ? ? 1_555 D DC 13 N3 ? ? A DG 6  D DC 13 1_555 ? ? ? ? ? ? WATSON-CRICK ? ? ? 
hydrog10 hydrog ? ? A DG 6  N2 ? ? ? 1_555 D DC 13 O2 ? ? A DG 6  D DC 13 1_555 ? ? ? ? ? ? WATSON-CRICK ? ? ? 
hydrog11 hydrog ? ? A DG 6  O6 ? ? ? 1_555 D DC 13 N4 ? ? A DG 6  D DC 13 1_555 ? ? ? ? ? ? WATSON-CRICK ? ? ? 
hydrog12 hydrog ? ? A DA 7  N1 ? ? ? 1_555 D DT 12 N3 ? ? A DA 7  D DT 12 1_555 ? ? ? ? ? ? WATSON-CRICK ? ? ? 
hydrog13 hydrog ? ? A DA 7  N6 ? ? ? 1_555 D DT 12 O4 ? ? A DA 7  D DT 12 1_555 ? ? ? ? ? ? WATSON-CRICK ? ? ? 
hydrog14 hydrog ? ? A DC 8  N3 ? ? ? 1_555 D DG 11 N1 ? ? A DC 8  D DG 11 1_555 ? ? ? ? ? ? WATSON-CRICK ? ? ? 
hydrog15 hydrog ? ? A DC 8  N4 ? ? ? 1_555 D DG 11 O6 ? ? A DC 8  D DG 11 1_555 ? ? ? ? ? ? WATSON-CRICK ? ? ? 
hydrog16 hydrog ? ? A DC 8  O2 ? ? ? 1_555 D DG 11 N2 ? ? A DC 8  D DG 11 1_555 ? ? ? ? ? ? WATSON-CRICK ? ? ? 
hydrog17 hydrog ? ? A DG 9  N1 ? ? ? 1_555 D DC 10 N3 ? ? A DG 9  D DC 10 1_555 ? ? ? ? ? ? WATSON-CRICK ? ? ? 
hydrog18 hydrog ? ? A DG 9  N2 ? ? ? 1_555 D DC 10 O2 ? ? A DG 9  D DC 10 1_555 ? ? ? ? ? ? WATSON-CRICK ? ? ? 
hydrog19 hydrog ? ? A DG 9  O6 ? ? ? 1_555 D DC 10 N4 ? ? A DG 9  D DC 10 1_555 ? ? ? ? ? ? WATSON-CRICK ? ? ? 
hydrog20 hydrog ? ? A DT 10 N3 ? ? ? 1_555 C DA 2  N1 ? ? A DT 10 C DA 2  1_555 ? ? ? ? ? ? WATSON-CRICK ? ? ? 
hydrog21 hydrog ? ? A DT 10 O4 ? ? ? 1_555 C DA 2  N6 ? ? A DT 10 C DA 2  1_555 ? ? ? ? ? ? WATSON-CRICK ? ? ? 
hydrog22 hydrog ? ? A DG 11 N1 ? ? ? 1_555 C DC 1  N3 ? ? A DG 11 C DC 1  1_555 ? ? ? ? ? ? WATSON-CRICK ? ? ? 
hydrog23 hydrog ? ? A DG 11 N2 ? ? ? 1_555 C DC 1  O2 ? ? A DG 11 C DC 1  1_555 ? ? ? ? ? ? WATSON-CRICK ? ? ? 
hydrog24 hydrog ? ? A DG 11 O6 ? ? ? 1_555 C DC 1  N4 ? ? A DG 11 C DC 1  1_555 ? ? ? ? ? ? WATSON-CRICK ? ? ? 
hydrog25 hydrog ? ? B DA 1  N1 ? ? ? 1_555 C DT 5  N3 ? ? B DA 12 C DT 5  1_555 ? ? ? ? ? ? WATSON-CRICK ? ? ? 
hydrog26 hydrog ? ? B DA 1  N6 ? ? ? 1_555 C DT 5  O4 ? ? B DA 12 C DT 5  1_555 ? ? ? ? ? ? WATSON-CRICK ? ? ? 
hydrog27 hydrog ? ? B DC 2  N3 ? ? ? 1_555 C DG 4  N1 ? ? B DC 13 C DG 4  1_555 ? ? ? ? ? ? WATSON-CRICK ? ? ? 
hydrog28 hydrog ? ? B DC 2  N4 ? ? ? 1_555 C DG 4  O6 ? ? B DC 13 C DG 4  1_555 ? ? ? ? ? ? WATSON-CRICK ? ? ? 
hydrog29 hydrog ? ? B DC 2  O2 ? ? ? 1_555 C DG 4  N2 ? ? B DC 13 C DG 4  1_555 ? ? ? ? ? ? WATSON-CRICK ? ? ? 
hydrog30 hydrog ? ? B DC 3  N3 ? ? ? 1_555 C DG 3  N1 ? ? B DC 14 C DG 3  1_555 ? ? ? ? ? ? WATSON-CRICK ? ? ? 
hydrog31 hydrog ? ? B DC 3  N4 ? ? ? 1_555 C DG 3  O6 ? ? B DC 14 C DG 3  1_555 ? ? ? ? ? ? WATSON-CRICK ? ? ? 
hydrog32 hydrog ? ? B DC 3  O2 ? ? ? 1_555 C DG 3  N2 ? ? B DC 14 C DG 3  1_555 ? ? ? ? ? ? WATSON-CRICK ? ? ? 
hydrog33 hydrog ? ? B DC 4  N3 ? ? ? 1_555 D DG 9  N1 ? ? B DC 15 D DG 9  1_555 ? ? ? ? ? ? WATSON-CRICK ? ? ? 
hydrog34 hydrog ? ? B DC 4  N4 ? ? ? 1_555 D DG 9  O6 ? ? B DC 15 D DG 9  1_555 ? ? ? ? ? ? WATSON-CRICK ? ? ? 
hydrog35 hydrog ? ? B DC 4  O2 ? ? ? 1_555 D DG 9  N2 ? ? B DC 15 D DG 9  1_555 ? ? ? ? ? ? WATSON-CRICK ? ? ? 
hydrog36 hydrog ? ? B DC 5  N3 ? ? ? 1_555 D DG 8  N1 ? ? B DC 16 D DG 8  1_555 ? ? ? ? ? ? WATSON-CRICK ? ? ? 
hydrog37 hydrog ? ? B DC 5  N4 ? ? ? 1_555 D DG 8  O6 ? ? B DC 16 D DG 8  1_555 ? ? ? ? ? ? WATSON-CRICK ? ? ? 
hydrog38 hydrog ? ? B DC 5  O2 ? ? ? 1_555 D DG 8  N2 ? ? B DC 16 D DG 8  1_555 ? ? ? ? ? ? WATSON-CRICK ? ? ? 
hydrog39 hydrog ? ? B DA 6  N1 ? ? ? 1_555 D DT 7  N3 ? ? B DA 17 D DT 7  1_555 ? ? ? ? ? ? WATSON-CRICK ? ? ? 
hydrog40 hydrog ? ? B DA 6  N6 ? ? ? 1_555 D DT 7  O4 ? ? B DA 17 D DT 7  1_555 ? ? ? ? ? ? WATSON-CRICK ? ? ? 
hydrog41 hydrog ? ? B DC 7  N3 ? ? ? 1_555 D DG 6  N1 ? ? B DC 18 D DG 6  1_555 ? ? ? ? ? ? WATSON-CRICK ? ? ? 
hydrog42 hydrog ? ? B DC 7  N4 ? ? ? 1_555 D DG 6  O6 ? ? B DC 18 D DG 6  1_555 ? ? ? ? ? ? WATSON-CRICK ? ? ? 
hydrog43 hydrog ? ? B DC 7  O2 ? ? ? 1_555 D DG 6  N2 ? ? B DC 18 D DG 6  1_555 ? ? ? ? ? ? WATSON-CRICK ? ? ? 
hydrog44 hydrog ? ? B DT 8  N3 ? ? ? 1_555 D DA 5  N1 ? ? B DT 19 D DA 5  1_555 ? ? ? ? ? ? WATSON-CRICK ? ? ? 
hydrog45 hydrog ? ? B DT 8  O4 ? ? ? 1_555 D DA 5  N6 ? ? B DT 19 D DA 5  1_555 ? ? ? ? ? ? WATSON-CRICK ? ? ? 
hydrog46 hydrog ? ? B DC 9  N3 ? ? ? 1_555 D DG 4  N1 ? ? B DC 20 D DG 4  1_555 ? ? ? ? ? ? WATSON-CRICK ? ? ? 
hydrog47 hydrog ? ? B DC 9  N4 ? ? ? 1_555 D DG 4  O6 ? ? B DC 20 D DG 4  1_555 ? ? ? ? ? ? WATSON-CRICK ? ? ? 
hydrog48 hydrog ? ? B DC 9  O2 ? ? ? 1_555 D DG 4  N2 ? ? B DC 20 D DG 4  1_555 ? ? ? ? ? ? WATSON-CRICK ? ? ? 
hydrog49 hydrog ? ? B DA 10 N1 ? ? ? 1_555 D DT 3  N3 ? ? B DA 21 D DT 3  1_555 ? ? ? ? ? ? WATSON-CRICK ? ? ? 
hydrog50 hydrog ? ? B DA 10 N6 ? ? ? 1_555 D DT 3  O4 ? ? B DA 21 D DT 3  1_555 ? ? ? ? ? ? WATSON-CRICK ? ? ? 
# 
_struct_conn_type.id          hydrog 
_struct_conn_type.criteria    ? 
_struct_conn_type.reference   ? 
# 
_struct_site.id                   AC1 
_struct_site.pdbx_evidence_code   Software 
_struct_site.pdbx_auth_asym_id    C 
_struct_site.pdbx_auth_comp_id    CAC 
_struct_site.pdbx_auth_seq_id     101 
_struct_site.pdbx_auth_ins_code   ? 
_struct_site.pdbx_num_residues    1 
_struct_site.details              'binding site for residue CAC C 101' 
# 
_struct_site_gen.id                   1 
_struct_site_gen.site_id              AC1 
_struct_site_gen.pdbx_num_res         1 
_struct_site_gen.label_comp_id        DG 
_struct_site_gen.label_asym_id        C 
_struct_site_gen.label_seq_id         4 
_struct_site_gen.pdbx_auth_ins_code   ? 
_struct_site_gen.auth_comp_id         DG 
_struct_site_gen.auth_asym_id         C 
_struct_site_gen.auth_seq_id          4 
_struct_site_gen.label_atom_id        . 
_struct_site_gen.label_alt_id         ? 
_struct_site_gen.symmetry             1_555 
_struct_site_gen.details              ? 
# 
_atom_sites.entry_id                    6XEM 
_atom_sites.Cartn_transf_matrix[1][1]   ? 
_atom_sites.Cartn_transf_matrix[1][2]   ? 
_atom_sites.Cartn_transf_matrix[1][3]   ? 
_atom_sites.Cartn_transf_matrix[2][1]   ? 
_atom_sites.Cartn_transf_matrix[2][2]   ? 
_atom_sites.Cartn_transf_matrix[2][3]   ? 
_atom_sites.Cartn_transf_matrix[3][1]   ? 
_atom_sites.Cartn_transf_matrix[3][2]   ? 
_atom_sites.Cartn_transf_matrix[3][3]   ? 
_atom_sites.Cartn_transf_vector[1]      ? 
_atom_sites.Cartn_transf_vector[2]      ? 
_atom_sites.Cartn_transf_vector[3]      ? 
_atom_sites.fract_transf_matrix[1][1]   -0.01475173 
_atom_sites.fract_transf_matrix[1][2]   -0.00500316 
_atom_sites.fract_transf_matrix[1][3]   0.00612374 
_atom_sites.fract_transf_matrix[2][1]   -0.01064934 
_atom_sites.fract_transf_matrix[2][2]   -0.00849879 
_atom_sites.fract_transf_matrix[2][3]   -0.00972228 
_atom_sites.fract_transf_matrix[3][1]   0.00676950 
_atom_sites.fract_transf_matrix[3][2]   -0.01402719 
_atom_sites.fract_transf_matrix[3][3]   0.00484696 
_atom_sites.fract_transf_vector[1]      0.212899 
_atom_sites.fract_transf_vector[2]      0.381886 
_atom_sites.fract_transf_vector[3]      0.138117 
_atom_sites.solution_primary            ? 
_atom_sites.solution_secondary          ? 
_atom_sites.solution_hydrogens          ? 
_atom_sites.special_details             ? 
# 
loop_
_atom_type.symbol 
AS 
C  
N  
O  
P  
# 
loop_
_atom_site.group_PDB 
_atom_site.id 
_atom_site.type_symbol 
_atom_site.label_atom_id 
_atom_site.label_alt_id 
_atom_site.label_comp_id 
_atom_site.label_asym_id 
_atom_site.label_entity_id 
_atom_site.label_seq_id 
_atom_site.pdbx_PDB_ins_code 
_atom_site.Cartn_x 
_atom_site.Cartn_y 
_atom_site.Cartn_z 
_atom_site.occupancy 
_atom_site.B_iso_or_equiv 
_atom_site.pdbx_formal_charge 
_atom_site.auth_seq_id 
_atom_site.auth_comp_id 
_atom_site.auth_asym_id 
_atom_site.auth_atom_id 
_atom_site.pdbx_PDB_model_num 
ATOM   1   O  "O5'" . DG  A 1 1  ? -0.065  -6.304  24.037  1.00 150.01 ? 1   DG  A "O5'" 1 
ATOM   2   C  "C5'" . DG  A 1 1  ? 1.092   -5.942  24.776  1.00 148.58 ? 1   DG  A "C5'" 1 
ATOM   3   C  "C4'" . DG  A 1 1  ? 0.885   -4.613  25.481  1.00 146.81 ? 1   DG  A "C4'" 1 
ATOM   4   O  "O4'" . DG  A 1 1  ? 1.896   -4.464  26.507  1.00 143.98 ? 1   DG  A "O4'" 1 
ATOM   5   C  "C3'" . DG  A 1 1  ? 0.996   -3.380  24.577  1.00 152.75 ? 1   DG  A "C3'" 1 
ATOM   6   O  "O3'" . DG  A 1 1  ? -0.294  -2.850  24.290  1.00 156.19 ? 1   DG  A "O3'" 1 
ATOM   7   C  "C2'" . DG  A 1 1  ? 1.823   -2.394  25.389  1.00 148.31 ? 1   DG  A "C2'" 1 
ATOM   8   C  "C1'" . DG  A 1 1  ? 2.667   -3.312  26.260  1.00 144.26 ? 1   DG  A "C1'" 1 
ATOM   9   N  N9    . DG  A 1 1  ? 3.949   -3.720  25.674  1.00 135.70 ? 1   DG  A N9    1 
ATOM   10  C  C8    . DG  A 1 1  ? 4.535   -4.960  25.778  1.00 130.27 ? 1   DG  A C8    1 
ATOM   11  N  N7    . DG  A 1 1  ? 5.690   -5.042  25.182  1.00 128.94 ? 1   DG  A N7    1 
ATOM   12  C  C5    . DG  A 1 1  ? 5.892   -3.773  24.652  1.00 131.40 ? 1   DG  A C5    1 
ATOM   13  C  C6    . DG  A 1 1  ? 6.975   -3.267  23.897  1.00 131.21 ? 1   DG  A C6    1 
ATOM   14  O  O6    . DG  A 1 1  ? 8.001   -3.857  23.539  1.00 127.45 ? 1   DG  A O6    1 
ATOM   15  N  N1    . DG  A 1 1  ? 6.789   -1.929  23.557  1.00 132.46 ? 1   DG  A N1    1 
ATOM   16  C  C2    . DG  A 1 1  ? 5.695   -1.178  23.900  1.00 133.58 ? 1   DG  A C2    1 
ATOM   17  N  N2    . DG  A 1 1  ? 5.689   0.092   23.478  1.00 133.58 ? 1   DG  A N2    1 
ATOM   18  N  N3    . DG  A 1 1  ? 4.672   -1.639  24.607  1.00 134.04 ? 1   DG  A N3    1 
ATOM   19  C  C4    . DG  A 1 1  ? 4.835   -2.943  24.949  1.00 134.71 ? 1   DG  A C4    1 
ATOM   20  P  P     . DA  A 1 2  ? -1.205  -3.524  23.153  1.00 155.06 ? 2   DA  A P     1 
ATOM   21  O  OP1   . DA  A 1 2  ? -2.384  -4.108  23.831  1.00 157.04 ? 2   DA  A OP1   1 
ATOM   22  O  OP2   . DA  A 1 2  ? -0.323  -4.393  22.344  1.00 145.37 ? 2   DA  A OP2   1 
ATOM   23  O  "O5'" . DA  A 1 2  ? -1.654  -2.300  22.216  1.00 149.83 ? 2   DA  A "O5'" 1 
ATOM   24  C  "C5'" . DA  A 1 2  ? -1.436  -0.950  22.629  1.00 147.48 ? 2   DA  A "C5'" 1 
ATOM   25  C  "C4'" . DA  A 1 2  ? -0.275  -0.333  21.867  1.00 143.94 ? 2   DA  A "C4'" 1 
ATOM   26  O  "O4'" . DA  A 1 2  ? 0.934   -1.034  22.202  1.00 136.74 ? 2   DA  A "O4'" 1 
ATOM   27  C  "C3'" . DA  A 1 2  ? -0.392  -0.406  20.344  1.00 142.72 ? 2   DA  A "C3'" 1 
ATOM   28  O  "O3'" . DA  A 1 2  ? -0.713  0.881   19.816  1.00 144.85 ? 2   DA  A "O3'" 1 
ATOM   29  C  "C2'" . DA  A 1 2  ? 0.987   -0.893  19.859  1.00 135.98 ? 2   DA  A "C2'" 1 
ATOM   30  C  "C1'" . DA  A 1 2  ? 1.831   -0.947  21.128  1.00 134.98 ? 2   DA  A "C1'" 1 
ATOM   31  N  N9    . DA  A 1 2  ? 2.714   -2.109  21.199  1.00 133.55 ? 2   DA  A N9    1 
ATOM   32  C  C8    . DA  A 1 2  ? 2.392   -3.355  21.658  1.00 134.05 ? 2   DA  A C8    1 
ATOM   33  N  N7    . DA  A 1 2  ? 3.384   -4.208  21.626  1.00 137.32 ? 2   DA  A N7    1 
ATOM   34  C  C5    . DA  A 1 2  ? 4.433   -3.476  21.105  1.00 134.66 ? 2   DA  A C5    1 
ATOM   35  C  C6    . DA  A 1 2  ? 5.767   -3.812  20.816  1.00 134.37 ? 2   DA  A C6    1 
ATOM   36  N  N6    . DA  A 1 2  ? 6.278   -5.028  21.025  1.00 136.60 ? 2   DA  A N6    1 
ATOM   37  N  N1    . DA  A 1 2  ? 6.557   -2.848  20.303  1.00 134.13 ? 2   DA  A N1    1 
ATOM   38  C  C2    . DA  A 1 2  ? 6.039   -1.630  20.097  1.00 135.30 ? 2   DA  A C2    1 
ATOM   39  N  N3    . DA  A 1 2  ? 4.799   -1.195  20.328  1.00 132.49 ? 2   DA  A N3    1 
ATOM   40  C  C4    . DA  A 1 2  ? 4.040   -2.175  20.838  1.00 131.96 ? 2   DA  A C4    1 
ATOM   41  P  P     . DG  A 1 3  ? -1.113  1.047   18.268  1.00 160.81 ? 3   DG  A P     1 
ATOM   42  O  OP1   . DG  A 1 3  ? -1.829  2.335   18.118  1.00 157.55 ? 3   DG  A OP1   1 
ATOM   43  O  OP2   . DG  A 1 3  ? -1.752  -0.216  17.834  1.00 171.45 ? 3   DG  A OP2   1 
ATOM   44  O  "O5'" . DG  A 1 3  ? 0.295   1.171   17.522  1.00 134.98 ? 3   DG  A "O5'" 1 
ATOM   45  C  "C5'" . DG  A 1 3  ? 1.223   2.169   17.923  1.00 125.78 ? 3   DG  A "C5'" 1 
ATOM   46  C  "C4'" . DG  A 1 3  ? 2.448   2.154   17.029  1.00 135.12 ? 3   DG  A "C4'" 1 
ATOM   47  O  "O4'" . DG  A 1 3  ? 3.339   1.089   17.445  1.00 133.44 ? 3   DG  A "O4'" 1 
ATOM   48  C  "C3'" . DG  A 1 3  ? 2.158   1.922   15.545  1.00 146.21 ? 3   DG  A "C3'" 1 
ATOM   49  O  "O3'" . DG  A 1 3  ? 2.925   2.822   14.757  1.00 147.54 ? 3   DG  A "O3'" 1 
ATOM   50  C  "C2'" . DG  A 1 3  ? 2.579   0.468   15.319  1.00 143.13 ? 3   DG  A "C2'" 1 
ATOM   51  C  "C1'" . DG  A 1 3  ? 3.701   0.303   16.331  1.00 136.61 ? 3   DG  A "C1'" 1 
ATOM   52  N  N9    . DG  A 1 3  ? 3.874   -1.071  16.788  1.00 131.01 ? 3   DG  A N9    1 
ATOM   53  C  C8    . DG  A 1 3  ? 2.922   -1.875  17.363  1.00 131.52 ? 3   DG  A C8    1 
ATOM   54  N  N7    . DG  A 1 3  ? 3.364   -3.057  17.684  1.00 129.79 ? 3   DG  A N7    1 
ATOM   55  C  C5    . DG  A 1 3  ? 4.696   -3.038  17.297  1.00 132.62 ? 3   DG  A C5    1 
ATOM   56  C  C6    . DG  A 1 3  ? 5.683   -4.045  17.394  1.00 137.89 ? 3   DG  A C6    1 
ATOM   57  O  O6    . DG  A 1 3  ? 5.569   -5.187  17.858  1.00 139.28 ? 3   DG  A O6    1 
ATOM   58  N  N1    . DG  A 1 3  ? 6.906   -3.617  16.886  1.00 133.13 ? 3   DG  A N1    1 
ATOM   59  C  C2    . DG  A 1 3  ? 7.141   -2.374  16.351  1.00 130.95 ? 3   DG  A C2    1 
ATOM   60  N  N2    . DG  A 1 3  ? 8.381   -2.146  15.907  1.00 132.21 ? 3   DG  A N2    1 
ATOM   61  N  N3    . DG  A 1 3  ? 6.223   -1.421  16.253  1.00 126.37 ? 3   DG  A N3    1 
ATOM   62  C  C4    . DG  A 1 3  ? 5.027   -1.822  16.745  1.00 128.11 ? 3   DG  A C4    1 
ATOM   63  P  P     . DC  A 1 4  ? 2.539   3.090   13.220  1.00 148.70 ? 4   DC  A P     1 
ATOM   64  O  OP1   . DC  A 1 4  ? 2.127   4.506   13.098  1.00 149.39 ? 4   DC  A OP1   1 
ATOM   65  O  OP2   . DC  A 1 4  ? 1.617   2.020   12.780  1.00 148.25 ? 4   DC  A OP2   1 
ATOM   66  O  "O5'" . DC  A 1 4  ? 3.926   2.888   12.452  1.00 151.47 ? 4   DC  A "O5'" 1 
ATOM   67  C  "C5'" . DC  A 1 4  ? 5.053   2.371   13.156  1.00 146.29 ? 4   DC  A "C5'" 1 
ATOM   68  C  "C4'" . DC  A 1 4  ? 5.920   1.525   12.241  1.00 155.81 ? 4   DC  A "C4'" 1 
ATOM   69  O  "O4'" . DC  A 1 4  ? 6.128   0.215   12.838  1.00 159.71 ? 4   DC  A "O4'" 1 
ATOM   70  C  "C3'" . DC  A 1 4  ? 5.336   1.268   10.850  1.00 156.80 ? 4   DC  A "C3'" 1 
ATOM   71  O  "O3'" . DC  A 1 4  ? 6.363   1.363   9.874   1.00 161.72 ? 4   DC  A "O3'" 1 
ATOM   72  C  "C2'" . DC  A 1 4  ? 4.802   -0.159  10.960  1.00 146.82 ? 4   DC  A "C2'" 1 
ATOM   73  C  "C1'" . DC  A 1 4  ? 5.831   -0.782  11.886  1.00 142.14 ? 4   DC  A "C1'" 1 
ATOM   74  N  N1    . DC  A 1 4  ? 5.341   -1.996  12.603  1.00 132.09 ? 4   DC  A N1    1 
ATOM   75  C  C2    . DC  A 1 4  ? 6.224   -3.052  12.858  1.00 129.46 ? 4   DC  A C2    1 
ATOM   76  O  O2    . DC  A 1 4  ? 7.399   -2.959  12.484  1.00 128.79 ? 4   DC  A O2    1 
ATOM   77  N  N3    . DC  A 1 4  ? 5.766   -4.149  13.510  1.00 127.52 ? 4   DC  A N3    1 
ATOM   78  C  C4    . DC  A 1 4  ? 4.492   -4.212  13.898  1.00 129.39 ? 4   DC  A C4    1 
ATOM   79  N  N4    . DC  A 1 4  ? 4.088   -5.315  14.537  1.00 128.45 ? 4   DC  A N4    1 
ATOM   80  C  C5    . DC  A 1 4  ? 3.574   -3.148  13.647  1.00 128.64 ? 4   DC  A C5    1 
ATOM   81  C  C6    . DC  A 1 4  ? 4.036   -2.070  13.002  1.00 130.48 ? 4   DC  A C6    1 
ATOM   82  P  P     . DA  A 1 5  ? 6.017   1.803   8.370   1.00 159.08 ? 5   DA  A P     1 
ATOM   83  O  OP1   . DA  A 1 5  ? 6.280   3.256   8.251   1.00 160.19 ? 5   DA  A OP1   1 
ATOM   84  O  OP2   . DA  A 1 5  ? 4.676   1.267   8.046   1.00 152.82 ? 5   DA  A OP2   1 
ATOM   85  O  "O5'" . DA  A 1 5  ? 7.096   1.013   7.493   1.00 146.38 ? 5   DA  A "O5'" 1 
ATOM   86  C  "C5'" . DA  A 1 5  ? 8.482   1.159   7.780   1.00 140.90 ? 5   DA  A "C5'" 1 
ATOM   87  C  "C4'" . DA  A 1 5  ? 9.236   -0.127  7.484   1.00 140.00 ? 5   DA  A "C4'" 1 
ATOM   88  O  "O4'" . DA  A 1 5  ? 8.741   -1.191  8.336   1.00 133.42 ? 5   DA  A "O4'" 1 
ATOM   89  C  "C3'" . DA  A 1 5  ? 9.119   -0.634  6.052   1.00 140.74 ? 5   DA  A "C3'" 1 
ATOM   90  O  "O3'" . DA  A 1 5  ? 10.370  -1.151  5.619   1.00 145.22 ? 5   DA  A "O3'" 1 
ATOM   91  C  "C2'" . DA  A 1 5  ? 8.053   -1.727  6.148   1.00 134.30 ? 5   DA  A "C2'" 1 
ATOM   92  C  "C1'" . DA  A 1 5  ? 8.268   -2.269  7.555   1.00 125.58 ? 5   DA  A "C1'" 1 
ATOM   93  N  N9    . DA  A 1 5  ? 7.045   -2.771  8.179   1.00 122.76 ? 5   DA  A N9    1 
ATOM   94  C  C8    . DA  A 1 5  ? 5.833   -2.137  8.242   1.00 127.23 ? 5   DA  A C8    1 
ATOM   95  N  N7    . DA  A 1 5  ? 4.910   -2.822  8.872   1.00 124.03 ? 5   DA  A N7    1 
ATOM   96  C  C5    . DA  A 1 5  ? 5.559   -3.983  9.255   1.00 121.33 ? 5   DA  A C5    1 
ATOM   97  C  C6    . DA  A 1 5  ? 5.125   -5.120  9.962   1.00 118.96 ? 5   DA  A C6    1 
ATOM   98  N  N6    . DA  A 1 5  ? 3.879   -5.265  10.422  1.00 117.84 ? 5   DA  A N6    1 
ATOM   99  N  N1    . DA  A 1 5  ? 6.024   -6.104  10.177  1.00 113.76 ? 5   DA  A N1    1 
ATOM   100 C  C2    . DA  A 1 5  ? 7.272   -5.951  9.713   1.00 114.14 ? 5   DA  A C2    1 
ATOM   101 N  N3    . DA  A 1 5  ? 7.796   -4.929  9.035   1.00 115.37 ? 5   DA  A N3    1 
ATOM   102 C  C4    . DA  A 1 5  ? 6.878   -3.968  8.837   1.00 120.53 ? 5   DA  A C4    1 
ATOM   103 P  P     . DG  A 1 6  ? 10.616  -1.474  4.066   1.00 147.26 ? 6   DG  A P     1 
ATOM   104 O  OP1   . DG  A 1 6  ? 12.070  -1.349  3.819   1.00 140.76 ? 6   DG  A OP1   1 
ATOM   105 O  OP2   . DG  A 1 6  ? 9.663   -0.671  3.268   1.00 150.90 ? 6   DG  A OP2   1 
ATOM   106 O  "O5'" . DG  A 1 6  ? 10.212  -3.014  3.935   1.00 131.32 ? 6   DG  A "O5'" 1 
ATOM   107 C  "C5'" . DG  A 1 6  ? 11.227  -3.994  3.871   1.00 127.77 ? 6   DG  A "C5'" 1 
ATOM   108 C  "C4'" . DG  A 1 6  ? 10.764  -5.313  4.465   1.00 125.89 ? 6   DG  A "C4'" 1 
ATOM   109 O  "O4'" . DG  A 1 6  ? 9.575   -5.128  5.250   1.00 118.03 ? 6   DG  A "O4'" 1 
ATOM   110 C  "C3'" . DG  A 1 6  ? 10.391  -6.388  3.445   1.00 125.26 ? 6   DG  A "C3'" 1 
ATOM   111 O  "O3'" . DG  A 1 6  ? 11.479  -7.277  3.257   1.00 132.43 ? 6   DG  A "O3'" 1 
ATOM   112 C  "C2'" . DG  A 1 6  ? 9.182   -7.106  4.075   1.00 119.02 ? 6   DG  A "C2'" 1 
ATOM   113 C  "C1'" . DG  A 1 6  ? 9.015   -6.402  5.419   1.00 117.73 ? 6   DG  A "C1'" 1 
ATOM   114 N  N9    . DG  A 1 6  ? 7.628   -6.283  5.847   1.00 116.43 ? 6   DG  A N9    1 
ATOM   115 C  C8    . DG  A 1 6  ? 6.757   -5.250  5.585   1.00 111.29 ? 6   DG  A C8    1 
ATOM   116 N  N7    . DG  A 1 6  ? 5.571   -5.424  6.105   1.00 107.42 ? 6   DG  A N7    1 
ATOM   117 C  C5    . DG  A 1 6  ? 5.663   -6.658  6.748   1.00 105.82 ? 6   DG  A C5    1 
ATOM   118 C  C6    . DG  A 1 6  ? 4.687   -7.370  7.489   1.00 105.52 ? 6   DG  A C6    1 
ATOM   119 O  O6    . DG  A 1 6  ? 3.519   -7.052  7.731   1.00 106.71 ? 6   DG  A O6    1 
ATOM   120 N  N1    . DG  A 1 6  ? 5.194   -8.579  7.970   1.00 106.03 ? 6   DG  A N1    1 
ATOM   121 C  C2    . DG  A 1 6  ? 6.474   -9.033  7.766   1.00 112.93 ? 6   DG  A C2    1 
ATOM   122 N  N2    . DG  A 1 6  ? 6.780   -10.220 8.311   1.00 106.63 ? 6   DG  A N2    1 
ATOM   123 N  N3    . DG  A 1 6  ? 7.396   -8.371  7.073   1.00 111.38 ? 6   DG  A N3    1 
ATOM   124 C  C4    . DG  A 1 6  ? 6.917   -7.192  6.595   1.00 111.92 ? 6   DG  A C4    1 
ATOM   125 P  P     . DA  A 1 7  ? 11.414  -8.413  2.120   1.00 142.30 ? 7   DA  A P     1 
ATOM   126 O  OP1   . DA  A 1 7  ? 12.801  -8.861  1.868   1.00 140.53 ? 7   DA  A OP1   1 
ATOM   127 O  OP2   . DA  A 1 7  ? 10.598  -7.887  1.005   1.00 167.10 ? 7   DA  A OP2   1 
ATOM   128 O  "O5'" . DA  A 1 7  ? 10.608  -9.612  2.811   1.00 120.48 ? 7   DA  A "O5'" 1 
ATOM   129 C  "C5'" . DA  A 1 7  ? 11.077  -10.167 4.038   1.00 119.40 ? 7   DA  A "C5'" 1 
ATOM   130 C  "C4'" . DA  A 1 7  ? 10.199  -11.321 4.491   1.00 118.57 ? 7   DA  A "C4'" 1 
ATOM   131 O  "O4'" . DA  A 1 7  ? 8.970   -10.805 5.068   1.00 116.07 ? 7   DA  A "O4'" 1 
ATOM   132 C  "C3'" . DA  A 1 7  ? 9.775   -12.289 3.385   1.00 114.58 ? 7   DA  A "C3'" 1 
ATOM   133 O  "O3'" . DA  A 1 7  ? 9.878   -13.631 3.850   1.00 117.20 ? 7   DA  A "O3'" 1 
ATOM   134 C  "C2'" . DA  A 1 7  ? 8.324   -11.896 3.118   1.00 110.08 ? 7   DA  A "C2'" 1 
ATOM   135 C  "C1'" . DA  A 1 7  ? 7.872   -11.480 4.504   1.00 108.29 ? 7   DA  A "C1'" 1 
ATOM   136 N  N9    . DA  A 1 7  ? 6.728   -10.576 4.495   1.00 103.26 ? 7   DA  A N9    1 
ATOM   137 C  C8    . DA  A 1 7  ? 6.657   -9.344  3.906   1.00 100.96 ? 7   DA  A C8    1 
ATOM   138 N  N7    . DA  A 1 7  ? 5.499   -8.751  4.061   1.00 99.30  ? 7   DA  A N7    1 
ATOM   139 C  C5    . DA  A 1 7  ? 4.759   -9.654  4.802   1.00 99.03  ? 7   DA  A C5    1 
ATOM   140 C  C6    . DA  A 1 7  ? 3.444   -9.615  5.298   1.00 99.72  ? 7   DA  A C6    1 
ATOM   141 N  N6    . DA  A 1 7  ? 2.620   -8.583  5.102   1.00 97.20  ? 7   DA  A N6    1 
ATOM   142 N  N1    . DA  A 1 7  ? 3.006   -10.681 6.001   1.00 97.56  ? 7   DA  A N1    1 
ATOM   143 C  C2    . DA  A 1 7  ? 3.839   -11.713 6.194   1.00 102.22 ? 7   DA  A C2    1 
ATOM   144 N  N3    . DA  A 1 7  ? 5.098   -11.864 5.776   1.00 100.01 ? 7   DA  A N3    1 
ATOM   145 C  C4    . DA  A 1 7  ? 5.501   -10.786 5.081   1.00 99.78  ? 7   DA  A C4    1 
ATOM   146 P  P     . DC  A 1 8  ? 9.500   -14.853 2.879   1.00 124.74 ? 8   DC  A P     1 
ATOM   147 O  OP1   . DC  A 1 8  ? 10.339  -16.007 3.271   1.00 113.38 ? 8   DC  A OP1   1 
ATOM   148 O  OP2   . DC  A 1 8  ? 9.536   -14.346 1.487   1.00 126.58 ? 8   DC  A OP2   1 
ATOM   149 O  "O5'" . DC  A 1 8  ? 7.979   -15.186 3.248   1.00 106.10 ? 8   DC  A "O5'" 1 
ATOM   150 C  "C5'" . DC  A 1 8  ? 7.659   -15.732 4.520   1.00 105.57 ? 8   DC  A "C5'" 1 
ATOM   151 C  "C4'" . DC  A 1 8  ? 6.177   -16.048 4.616   1.00 106.11 ? 8   DC  A "C4'" 1 
ATOM   152 O  "O4'" . DC  A 1 8  ? 5.410   -14.816 4.591   1.00 102.21 ? 8   DC  A "O4'" 1 
ATOM   153 C  "C3'" . DC  A 1 8  ? 5.623   -16.921 3.488   1.00 101.69 ? 8   DC  A "C3'" 1 
ATOM   154 O  "O3'" . DC  A 1 8  ? 4.831   -17.964 4.041   1.00 103.93 ? 8   DC  A "O3'" 1 
ATOM   155 C  "C2'" . DC  A 1 8  ? 4.786   -15.941 2.660   1.00 101.58 ? 8   DC  A "C2'" 1 
ATOM   156 C  "C1'" . DC  A 1 8  ? 4.314   -14.972 3.725   1.00 96.99  ? 8   DC  A "C1'" 1 
ATOM   157 N  N1    . DC  A 1 8  ? 3.940   -13.627 3.193   1.00 95.71  ? 8   DC  A N1    1 
ATOM   158 C  C2    . DC  A 1 8  ? 2.656   -13.121 3.423   1.00 96.05  ? 8   DC  A C2    1 
ATOM   159 O  O2    . DC  A 1 8  ? 1.845   -13.800 4.066   1.00 96.32  ? 8   DC  A O2    1 
ATOM   160 N  N3    . DC  A 1 8  ? 2.335   -11.897 2.936   1.00 88.04  ? 8   DC  A N3    1 
ATOM   161 C  C4    . DC  A 1 8  ? 3.237   -11.195 2.247   1.00 90.27  ? 8   DC  A C4    1 
ATOM   162 N  N4    . DC  A 1 8  ? 2.875   -9.995  1.787   1.00 92.56  ? 8   DC  A N4    1 
ATOM   163 C  C5    . DC  A 1 8  ? 4.549   -11.693 2.001   1.00 93.28  ? 8   DC  A C5    1 
ATOM   164 C  C6    . DC  A 1 8  ? 4.856   -12.901 2.487   1.00 93.64  ? 8   DC  A C6    1 
ATOM   165 P  P     . DG  A 1 9  ? 3.842   -18.828 3.115   1.00 114.11 ? 9   DG  A P     1 
ATOM   166 O  OP1   . DG  A 1 9  ? 3.671   -20.144 3.771   1.00 106.24 ? 9   DG  A OP1   1 
ATOM   167 O  OP2   . DG  A 1 9  ? 4.306   -18.763 1.709   1.00 97.61  ? 9   DG  A OP2   1 
ATOM   168 O  "O5'" . DG  A 1 9  ? 2.456   -18.049 3.236   1.00 87.59  ? 9   DG  A "O5'" 1 
ATOM   169 C  "C5'" . DG  A 1 9  ? 1.856   -17.889 4.508   1.00 89.77  ? 9   DG  A "C5'" 1 
ATOM   170 C  "C4'" . DG  A 1 9  ? 0.346   -17.894 4.395   1.00 101.36 ? 9   DG  A "C4'" 1 
ATOM   171 O  "O4'" . DG  A 1 9  ? -0.115  -16.571 4.027   1.00 105.92 ? 9   DG  A "O4'" 1 
ATOM   172 C  "C3'" . DG  A 1 9  ? -0.217  -18.848 3.350   1.00 92.53  ? 9   DG  A "C3'" 1 
ATOM   173 O  "O3'" . DG  A 1 9  ? -1.431  -19.412 3.819   1.00 99.00  ? 9   DG  A "O3'" 1 
ATOM   174 C  "C2'" . DG  A 1 9  ? -0.442  -17.942 2.140   1.00 91.15  ? 9   DG  A "C2'" 1 
ATOM   175 C  "C1'" . DG  A 1 9  ? -0.802  -16.614 2.795   1.00 93.55  ? 9   DG  A "C1'" 1 
ATOM   176 N  N9    . DG  A 1 9  ? -0.399  -15.449 2.014   1.00 82.64  ? 9   DG  A N9    1 
ATOM   177 C  C8    . DG  A 1 9  ? 0.854   -15.170 1.529   1.00 86.27  ? 9   DG  A C8    1 
ATOM   178 N  N7    . DG  A 1 9  ? 0.919   -14.046 0.870   1.00 85.34  ? 9   DG  A N7    1 
ATOM   179 C  C5    . DG  A 1 9  ? -0.372  -13.543 0.926   1.00 79.02  ? 9   DG  A C5    1 
ATOM   180 C  C6    . DG  A 1 9  ? -0.907  -12.350 0.388   1.00 68.91  ? 9   DG  A C6    1 
ATOM   181 O  O6    . DG  A 1 9  ? -0.325  -11.474 -0.265  1.00 69.24  ? 9   DG  A O6    1 
ATOM   182 N  N1    . DG  A 1 9  ? -2.263  -12.221 0.670   1.00 64.26  ? 9   DG  A N1    1 
ATOM   183 C  C2    . DG  A 1 9  ? -3.007  -13.129 1.381   1.00 73.46  ? 9   DG  A C2    1 
ATOM   184 N  N2    . DG  A 1 9  ? -4.303  -12.831 1.550   1.00 77.14  ? 9   DG  A N2    1 
ATOM   185 N  N3    . DG  A 1 9  ? -2.518  -14.254 1.892   1.00 84.38  ? 9   DG  A N3    1 
ATOM   186 C  C4    . DG  A 1 9  ? -1.197  -14.395 1.624   1.00 80.57  ? 9   DG  A C4    1 
ATOM   187 P  P     . DT  A 1 10 ? -2.299  -20.369 2.868   1.00 112.10 ? 10  DT  A P     1 
ATOM   188 O  OP1   . DT  A 1 10 ? -3.123  -21.251 3.723   1.00 115.16 ? 10  DT  A OP1   1 
ATOM   189 O  OP2   . DT  A 1 10 ? -1.402  -20.949 1.844   1.00 114.89 ? 10  DT  A OP2   1 
ATOM   190 O  "O5'" . DT  A 1 10 ? -3.283  -19.360 2.138   1.00 91.44  ? 10  DT  A "O5'" 1 
ATOM   191 C  "C5'" . DT  A 1 10 ? -3.932  -18.349 2.886   1.00 93.29  ? 10  DT  A "C5'" 1 
ATOM   192 C  "C4'" . DT  A 1 10 ? -5.183  -17.916 2.169   1.00 98.04  ? 10  DT  A "C4'" 1 
ATOM   193 O  "O4'" . DT  A 1 10 ? -4.961  -16.644 1.502   1.00 96.13  ? 10  DT  A "O4'" 1 
ATOM   194 C  "C3'" . DT  A 1 10 ? -5.636  -18.894 1.097   1.00 92.15  ? 10  DT  A "C3'" 1 
ATOM   195 O  "O3'" . DT  A 1 10 ? -7.026  -19.088 1.206   1.00 95.17  ? 10  DT  A "O3'" 1 
ATOM   196 C  "C2'" . DT  A 1 10 ? -5.236  -18.202 -0.213  1.00 87.62  ? 10  DT  A "C2'" 1 
ATOM   197 C  "C1'" . DT  A 1 10 ? -5.370  -16.735 0.157   1.00 82.54  ? 10  DT  A "C1'" 1 
ATOM   198 N  N1    . DT  A 1 10 ? -4.513  -15.807 -0.656  1.00 73.76  ? 10  DT  A N1    1 
ATOM   199 C  C2    . DT  A 1 10 ? -5.078  -14.669 -1.190  1.00 78.61  ? 10  DT  A C2    1 
ATOM   200 O  O2    . DT  A 1 10 ? -6.255  -14.381 -1.055  1.00 90.13  ? 10  DT  A O2    1 
ATOM   201 N  N3    . DT  A 1 10 ? -4.214  -13.879 -1.899  1.00 69.02  ? 10  DT  A N3    1 
ATOM   202 C  C4    . DT  A 1 10 ? -2.868  -14.104 -2.121  1.00 72.25  ? 10  DT  A C4    1 
ATOM   203 O  O4    . DT  A 1 10 ? -2.172  -13.333 -2.775  1.00 68.11  ? 10  DT  A O4    1 
ATOM   204 C  C5    . DT  A 1 10 ? -2.339  -15.309 -1.529  1.00 69.52  ? 10  DT  A C5    1 
ATOM   205 C  C7    . DT  A 1 10 ? -0.892  -15.655 -1.705  1.00 64.84  ? 10  DT  A C7    1 
ATOM   206 C  C6    . DT  A 1 10 ? -3.175  -16.091 -0.830  1.00 69.04  ? 10  DT  A C6    1 
ATOM   207 P  P     . DG  A 1 11 ? -7.763  -20.208 0.326   1.00 101.37 ? 11  DG  A P     1 
ATOM   208 O  OP1   . DG  A 1 11 ? -8.794  -20.870 1.156   1.00 101.15 ? 11  DG  A OP1   1 
ATOM   209 O  OP2   . DG  A 1 11 ? -6.731  -21.019 -0.357  1.00 93.23  ? 11  DG  A OP2   1 
ATOM   210 O  "O5'" . DG  A 1 11 ? -8.487  -19.348 -0.795  1.00 93.62  ? 11  DG  A "O5'" 1 
ATOM   211 C  "C5'" . DG  A 1 11 ? -9.616  -19.857 -1.464  1.00 92.55  ? 11  DG  A "C5'" 1 
ATOM   212 C  "C4'" . DG  A 1 11 ? -10.216 -18.768 -2.312  1.00 87.51  ? 11  DG  A "C4'" 1 
ATOM   213 O  "O4'" . DG  A 1 11 ? -9.596  -17.506 -1.922  1.00 80.72  ? 11  DG  A "O4'" 1 
ATOM   214 C  "C3'" . DG  A 1 11 ? -9.900  -18.869 -3.799  1.00 94.10  ? 11  DG  A "C3'" 1 
ATOM   215 O  "O3'" . DG  A 1 11 ? -10.800 -19.704 -4.487  1.00 97.26  ? 11  DG  A "O3'" 1 
ATOM   216 C  "C2'" . DG  A 1 11 ? -10.069 -17.429 -4.202  1.00 85.86  ? 11  DG  A "C2'" 1 
ATOM   217 C  "C1'" . DG  A 1 11 ? -9.287  -16.760 -3.091  1.00 88.05  ? 11  DG  A "C1'" 1 
ATOM   218 N  N9    . DG  A 1 11 ? -7.837  -16.783 -3.329  1.00 78.52  ? 11  DG  A N9    1 
ATOM   219 C  C8    . DG  A 1 11 ? -6.944  -17.774 -2.984  1.00 80.07  ? 11  DG  A C8    1 
ATOM   220 N  N7    . DG  A 1 11 ? -5.715  -17.520 -3.343  1.00 75.15  ? 11  DG  A N7    1 
ATOM   221 C  C5    . DG  A 1 11 ? -5.795  -16.287 -3.978  1.00 75.47  ? 11  DG  A C5    1 
ATOM   222 C  C6    . DG  A 1 11 ? -4.780  -15.505 -4.579  1.00 77.20  ? 11  DG  A C6    1 
ATOM   223 O  O6    . DG  A 1 11 ? -3.568  -15.756 -4.671  1.00 77.45  ? 11  DG  A O6    1 
ATOM   224 N  N1    . DG  A 1 11 ? -5.288  -14.321 -5.110  1.00 64.73  ? 11  DG  A N1    1 
ATOM   225 C  C2    . DG  A 1 11 ? -6.609  -13.944 -5.064  1.00 70.04  ? 11  DG  A C2    1 
ATOM   226 N  N2    . DG  A 1 11 ? -6.909  -12.769 -5.631  1.00 71.92  ? 11  DG  A N2    1 
ATOM   227 N  N3    . DG  A 1 11 ? -7.570  -14.668 -4.504  1.00 67.97  ? 11  DG  A N3    1 
ATOM   228 C  C4    . DG  A 1 11 ? -7.093  -15.823 -3.983  1.00 71.79  ? 11  DG  A C4    1 
ATOM   229 P  P     . DA  B 2 1  ? -13.403 -0.941  -23.012 1.00 107.51 ? 12  DA  B P     1 
ATOM   230 O  OP1   . DA  B 2 1  ? -12.851 -0.348  -24.249 1.00 116.60 ? 12  DA  B OP1   1 
ATOM   231 O  OP2   . DA  B 2 1  ? -12.702 -2.151  -22.544 1.00 114.40 ? 12  DA  B OP2   1 
ATOM   232 O  "O5'" . DA  B 2 1  ? -13.586 0.193   -21.875 1.00 84.15  ? 12  DA  B "O5'" 1 
ATOM   233 C  "C5'" . DA  B 2 1  ? -14.502 1.274   -22.117 1.00 92.32  ? 12  DA  B "C5'" 1 
ATOM   234 C  "C4'" . DA  B 2 1  ? -14.634 2.234   -20.933 1.00 88.44  ? 12  DA  B "C4'" 1 
ATOM   235 O  "O4'" . DA  B 2 1  ? -14.924 1.533   -19.709 1.00 82.26  ? 12  DA  B "O4'" 1 
ATOM   236 C  "C3'" . DA  B 2 1  ? -13.416 3.111   -20.630 1.00 82.74  ? 12  DA  B "C3'" 1 
ATOM   237 O  "O3'" . DA  B 2 1  ? -13.709 4.443   -21.029 1.00 73.09  ? 12  DA  B "O3'" 1 
ATOM   238 C  "C2'" . DA  B 2 1  ? -13.241 2.995   -19.096 1.00 80.47  ? 12  DA  B "C2'" 1 
ATOM   239 C  "C1'" . DA  B 2 1  ? -14.573 2.391   -18.660 1.00 72.56  ? 12  DA  B "C1'" 1 
ATOM   240 N  N9    . DA  B 2 1  ? -14.531 1.626   -17.403 1.00 68.41  ? 12  DA  B N9    1 
ATOM   241 C  C8    . DA  B 2 1  ? -13.920 0.424   -17.183 1.00 76.12  ? 12  DA  B C8    1 
ATOM   242 N  N7    . DA  B 2 1  ? -14.064 -0.032  -15.958 1.00 70.94  ? 12  DA  B N7    1 
ATOM   243 C  C5    . DA  B 2 1  ? -14.826 0.936   -15.332 1.00 70.19  ? 12  DA  B C5    1 
ATOM   244 C  C6    . DA  B 2 1  ? -15.322 1.050   -14.018 1.00 70.49  ? 12  DA  B C6    1 
ATOM   245 N  N6    . DA  B 2 1  ? -15.107 0.133   -13.069 1.00 73.25  ? 12  DA  B N6    1 
ATOM   246 N  N1    . DA  B 2 1  ? -16.049 2.145   -13.717 1.00 67.38  ? 12  DA  B N1    1 
ATOM   247 C  C2    . DA  B 2 1  ? -16.262 3.062   -14.671 1.00 69.13  ? 12  DA  B C2    1 
ATOM   248 N  N3    . DA  B 2 1  ? -15.847 3.065   -15.939 1.00 70.08  ? 12  DA  B N3    1 
ATOM   249 C  C4    . DA  B 2 1  ? -15.129 1.967   -16.209 1.00 69.15  ? 12  DA  B C4    1 
ATOM   250 P  P     . DC  B 2 2  ? -12.590 5.590   -20.948 1.00 92.11  ? 13  DC  B P     1 
ATOM   251 O  OP1   . DC  B 2 2  ? -13.010 6.667   -21.875 1.00 84.75  ? 13  DC  B OP1   1 
ATOM   252 O  OP2   . DC  B 2 2  ? -11.261 4.955   -21.082 1.00 80.48  ? 13  DC  B OP2   1 
ATOM   253 O  "O5'" . DC  B 2 2  ? -12.701 6.129   -19.449 1.00 79.22  ? 13  DC  B "O5'" 1 
ATOM   254 C  "C5'" . DC  B 2 2  ? -13.939 6.604   -18.971 1.00 77.88  ? 13  DC  B "C5'" 1 
ATOM   255 C  "C4'" . DC  B 2 2  ? -13.940 6.719   -17.455 1.00 77.67  ? 13  DC  B "C4'" 1 
ATOM   256 O  "O4'" . DC  B 2 2  ? -13.825 5.419   -16.854 1.00 76.97  ? 13  DC  B "O4'" 1 
ATOM   257 C  "C3'" . DC  B 2 2  ? -12.797 7.535   -16.849 1.00 76.86  ? 13  DC  B "C3'" 1 
ATOM   258 O  "O3'" . DC  B 2 2  ? -13.275 8.818   -16.467 1.00 80.66  ? 13  DC  B "O3'" 1 
ATOM   259 C  "C2'" . DC  B 2 2  ? -12.353 6.711   -15.621 1.00 74.49  ? 13  DC  B "C2'" 1 
ATOM   260 C  "C1'" . DC  B 2 2  ? -13.419 5.624   -15.535 1.00 66.07  ? 13  DC  B "C1'" 1 
ATOM   261 N  N1    . DC  B 2 2  ? -12.929 4.336   -14.969 1.00 61.07  ? 13  DC  B N1    1 
ATOM   262 C  C2    . DC  B 2 2  ? -13.237 4.006   -13.647 1.00 68.02  ? 13  DC  B C2    1 
ATOM   263 O  O2    . DC  B 2 2  ? -13.912 4.791   -12.970 1.00 71.16  ? 13  DC  B O2    1 
ATOM   264 N  N3    . DC  B 2 2  ? -12.783 2.835   -13.141 1.00 67.35  ? 13  DC  B N3    1 
ATOM   265 C  C4    . DC  B 2 2  ? -12.061 2.013   -13.902 1.00 68.29  ? 13  DC  B C4    1 
ATOM   266 N  N4    . DC  B 2 2  ? -11.638 0.867   -13.361 1.00 76.58  ? 13  DC  B N4    1 
ATOM   267 C  C5    . DC  B 2 2  ? -11.738 2.333   -15.252 1.00 68.05  ? 13  DC  B C5    1 
ATOM   268 C  C6    . DC  B 2 2  ? -12.189 3.494   -15.740 1.00 62.46  ? 13  DC  B C6    1 
ATOM   269 P  P     . DC  B 2 3  ? -12.245 9.963   -16.009 1.00 92.30  ? 14  DC  B P     1 
ATOM   270 O  OP1   . DC  B 2 3  ? -12.673 11.227  -16.642 1.00 109.06 ? 14  DC  B OP1   1 
ATOM   271 O  OP2   . DC  B 2 3  ? -10.868 9.471   -16.234 1.00 76.17  ? 14  DC  B OP2   1 
ATOM   272 O  "O5'" . DC  B 2 3  ? -12.467 10.067  -14.434 1.00 75.14  ? 14  DC  B "O5'" 1 
ATOM   273 C  "C5'" . DC  B 2 3  ? -13.752 9.854   -13.889 1.00 72.98  ? 14  DC  B "C5'" 1 
ATOM   274 C  "C4'" . DC  B 2 3  ? -13.636 9.493   -12.427 1.00 86.52  ? 14  DC  B "C4'" 1 
ATOM   275 O  "O4'" . DC  B 2 3  ? -13.228 8.118   -12.303 1.00 85.84  ? 14  DC  B "O4'" 1 
ATOM   276 C  "C3'" . DC  B 2 3  ? -12.596 10.305  -11.660 1.00 76.32  ? 14  DC  B "C3'" 1 
ATOM   277 O  "O3'" . DC  B 2 3  ? -13.244 11.204  -10.788 1.00 73.28  ? 14  DC  B "O3'" 1 
ATOM   278 C  "C2'" . DC  B 2 3  ? -11.767 9.259   -10.888 1.00 81.55  ? 14  DC  B "C2'" 1 
ATOM   279 C  "C1'" . DC  B 2 3  ? -12.550 7.967   -11.086 1.00 75.51  ? 14  DC  B "C1'" 1 
ATOM   280 N  N1    . DC  B 2 3  ? -11.686 6.761   -11.188 1.00 68.60  ? 14  DC  B N1    1 
ATOM   281 C  C2    . DC  B 2 3  ? -11.438 5.973   -10.052 1.00 69.39  ? 14  DC  B C2    1 
ATOM   282 O  O2    . DC  B 2 3  ? -11.940 6.296   -8.968  1.00 69.61  ? 14  DC  B O2    1 
ATOM   283 N  N3    . DC  B 2 3  ? -10.648 4.878   -10.175 1.00 60.46  ? 14  DC  B N3    1 
ATOM   284 C  C4    . DC  B 2 3  ? -10.126 4.564   -11.362 1.00 65.82  ? 14  DC  B C4    1 
ATOM   285 N  N4    . DC  B 2 3  ? -9.354  3.476   -11.439 1.00 74.27  ? 14  DC  B N4    1 
ATOM   286 C  C5    . DC  B 2 3  ? -10.369 5.354   -12.523 1.00 66.10  ? 14  DC  B C5    1 
ATOM   287 C  C6    . DC  B 2 3  ? -11.145 6.431   -12.392 1.00 63.86  ? 14  DC  B C6    1 
ATOM   288 P  P     . DC  B 2 4  ? -12.395 12.334  -10.034 1.00 97.63  ? 15  DC  B P     1 
ATOM   289 O  OP1   . DC  B 2 4  ? -13.322 13.432  -9.686  1.00 105.92 ? 15  DC  B OP1   1 
ATOM   290 O  OP2   . DC  B 2 4  ? -11.202 12.599  -10.870 1.00 98.98  ? 15  DC  B OP2   1 
ATOM   291 O  "O5'" . DC  B 2 4  ? -11.906 11.619  -8.693  1.00 75.65  ? 15  DC  B "O5'" 1 
ATOM   292 C  "C5'" . DC  B 2 4  ? -12.837 10.922  -7.885  1.00 78.81  ? 15  DC  B "C5'" 1 
ATOM   293 C  "C4'" . DC  B 2 4  ? -12.157 10.364  -6.652  1.00 82.20  ? 15  DC  B "C4'" 1 
ATOM   294 O  "O4'" . DC  B 2 4  ? -11.548 9.084   -6.953  1.00 81.41  ? 15  DC  B "O4'" 1 
ATOM   295 C  "C3'" . DC  B 2 4  ? -11.049 11.244  -6.078  1.00 82.36  ? 15  DC  B "C3'" 1 
ATOM   296 O  "O3'" . DC  B 2 4  ? -11.271 11.410  -4.693  1.00 82.37  ? 15  DC  B "O3'" 1 
ATOM   297 C  "C2'" . DC  B 2 4  ? -9.760  10.458  -6.372  1.00 85.59  ? 15  DC  B "C2'" 1 
ATOM   298 C  "C1'" . DC  B 2 4  ? -10.263 9.026   -6.378  1.00 73.35  ? 15  DC  B "C1'" 1 
ATOM   299 N  N1    . DC  B 2 4  ? -9.437  8.070   -7.191  1.00 71.50  ? 15  DC  B N1    1 
ATOM   300 C  C2    . DC  B 2 4  ? -8.840  6.961   -6.571  1.00 67.22  ? 15  DC  B C2    1 
ATOM   301 O  O2    . DC  B 2 4  ? -8.977  6.805   -5.353  1.00 68.32  ? 15  DC  B O2    1 
ATOM   302 N  N3    . DC  B 2 4  ? -8.120  6.092   -7.326  1.00 61.01  ? 15  DC  B N3    1 
ATOM   303 C  C4    . DC  B 2 4  ? -7.995  6.295   -8.637  1.00 60.89  ? 15  DC  B C4    1 
ATOM   304 N  N4    . DC  B 2 4  ? -7.276  5.416   -9.342  1.00 61.28  ? 15  DC  B N4    1 
ATOM   305 C  C5    . DC  B 2 4  ? -8.600  7.413   -9.288  1.00 70.34  ? 15  DC  B C5    1 
ATOM   306 C  C6    . DC  B 2 4  ? -9.311  8.262   -8.535  1.00 71.58  ? 15  DC  B C6    1 
ATOM   307 P  P     . DC  B 2 5  ? -10.521 12.570  -3.884  1.00 91.46  ? 16  DC  B P     1 
ATOM   308 O  OP1   . DC  B 2 5  ? -11.381 12.928  -2.730  1.00 94.29  ? 16  DC  B OP1   1 
ATOM   309 O  OP2   . DC  B 2 5  ? -10.110 13.602  -4.862  1.00 73.60  ? 16  DC  B OP2   1 
ATOM   310 O  "O5'" . DC  B 2 5  ? -9.211  11.847  -3.332  1.00 83.20  ? 16  DC  B "O5'" 1 
ATOM   311 C  "C5'" . DC  B 2 5  ? -9.340  10.617  -2.634  1.00 82.48  ? 16  DC  B "C5'" 1 
ATOM   312 C  "C4'" . DC  B 2 5  ? -8.001  10.155  -2.085  1.00 84.51  ? 16  DC  B "C4'" 1 
ATOM   313 O  "O4'" . DC  B 2 5  ? -7.387  9.212   -3.006  1.00 84.82  ? 16  DC  B "O4'" 1 
ATOM   314 C  "C3'" . DC  B 2 5  ? -6.963  11.258  -1.870  1.00 83.56  ? 16  DC  B "C3'" 1 
ATOM   315 O  "O3'" . DC  B 2 5  ? -6.180  10.939  -0.735  1.00 87.44  ? 16  DC  B "O3'" 1 
ATOM   316 C  "C2'" . DC  B 2 5  ? -6.131  11.160  -3.140  1.00 78.19  ? 16  DC  B "C2'" 1 
ATOM   317 C  "C1'" . DC  B 2 5  ? -6.083  9.653   -3.307  1.00 74.50  ? 16  DC  B "C1'" 1 
ATOM   318 N  N1    . DC  B 2 5  ? -5.732  9.208   -4.675  1.00 67.93  ? 16  DC  B N1    1 
ATOM   319 C  C2    . DC  B 2 5  ? -5.063  7.994   -4.849  1.00 71.14  ? 16  DC  B C2    1 
ATOM   320 O  O2    . DC  B 2 5  ? -4.789  7.314   -3.855  1.00 76.75  ? 16  DC  B O2    1 
ATOM   321 N  N3    . DC  B 2 5  ? -4.743  7.594   -6.105  1.00 69.70  ? 16  DC  B N3    1 
ATOM   322 C  C4    . DC  B 2 5  ? -5.062  8.362   -7.149  1.00 77.85  ? 16  DC  B C4    1 
ATOM   323 N  N4    . DC  B 2 5  ? -4.727  7.932   -8.371  1.00 81.08  ? 16  DC  B N4    1 
ATOM   324 C  C5    . DC  B 2 5  ? -5.741  9.606   -6.988  1.00 71.48  ? 16  DC  B C5    1 
ATOM   325 C  C6    . DC  B 2 5  ? -6.053  9.985   -5.746  1.00 66.71  ? 16  DC  B C6    1 
ATOM   326 P  P     . DA  B 2 6  ? -5.808  12.062  0.348   1.00 91.00  ? 17  DA  B P     1 
ATOM   327 O  OP1   . DA  B 2 6  ? -7.064  12.576  0.945   1.00 81.63  ? 17  DA  B OP1   1 
ATOM   328 O  OP2   . DA  B 2 6  ? -4.828  12.967  -0.294  1.00 90.51  ? 17  DA  B OP2   1 
ATOM   329 O  "O5'" . DA  B 2 6  ? -5.026  11.243  1.471   1.00 90.67  ? 17  DA  B "O5'" 1 
ATOM   330 C  "C5'" . DA  B 2 6  ? -5.495  9.970   1.867   1.00 80.88  ? 17  DA  B "C5'" 1 
ATOM   331 C  "C4'" . DA  B 2 6  ? -4.412  8.918   1.690   1.00 81.49  ? 17  DA  B "C4'" 1 
ATOM   332 O  "O4'" . DA  B 2 6  ? -4.126  8.730   0.280   1.00 87.91  ? 17  DA  B "O4'" 1 
ATOM   333 C  "C3'" . DA  B 2 6  ? -3.081  9.236   2.354   1.00 86.71  ? 17  DA  B "C3'" 1 
ATOM   334 O  "O3'" . DA  B 2 6  ? -2.567  8.052   2.946   1.00 94.65  ? 17  DA  B "O3'" 1 
ATOM   335 C  "C2'" . DA  B 2 6  ? -2.210  9.730   1.189   1.00 82.96  ? 17  DA  B "C2'" 1 
ATOM   336 C  "C1'" . DA  B 2 6  ? -2.746  8.913   0.024   1.00 85.18  ? 17  DA  B "C1'" 1 
ATOM   337 N  N9    . DA  B 2 6  ? -2.637  9.568   -1.280  1.00 90.36  ? 17  DA  B N9    1 
ATOM   338 C  C8    . DA  B 2 6  ? -2.890  10.882  -1.572  1.00 85.75  ? 17  DA  B C8    1 
ATOM   339 N  N7    . DA  B 2 6  ? -2.748  11.180  -2.843  1.00 82.29  ? 17  DA  B N7    1 
ATOM   340 C  C5    . DA  B 2 6  ? -2.395  9.977   -3.429  1.00 82.54  ? 17  DA  B C5    1 
ATOM   341 C  C6    . DA  B 2 6  ? -2.104  9.623   -4.760  1.00 85.19  ? 17  DA  B C6    1 
ATOM   342 N  N6    . DA  B 2 6  ? -2.128  10.495  -5.773  1.00 78.80  ? 17  DA  B N6    1 
ATOM   343 N  N1    . DA  B 2 6  ? -1.788  8.334   -5.011  1.00 85.50  ? 17  DA  B N1    1 
ATOM   344 C  C2    . DA  B 2 6  ? -1.765  7.463   -3.991  1.00 90.15  ? 17  DA  B C2    1 
ATOM   345 N  N3    . DA  B 2 6  ? -2.021  7.678   -2.698  1.00 82.12  ? 17  DA  B N3    1 
ATOM   346 C  C4    . DA  B 2 6  ? -2.332  8.968   -2.483  1.00 86.64  ? 17  DA  B C4    1 
ATOM   347 P  P     . DC  B 2 7  ? -1.251  8.107   3.860   1.00 100.18 ? 18  DC  B P     1 
ATOM   348 O  OP1   . DC  B 2 7  ? -1.211  6.863   4.659   1.00 89.48  ? 18  DC  B OP1   1 
ATOM   349 O  OP2   . DC  B 2 7  ? -1.208  9.423   4.539   1.00 104.19 ? 18  DC  B OP2   1 
ATOM   350 O  "O5'" . DC  B 2 7  ? -0.069  8.035   2.795   1.00 84.62  ? 18  DC  B "O5'" 1 
ATOM   351 C  "C5'" . DC  B 2 7  ? 0.924   7.061   2.951   1.00 89.73  ? 18  DC  B "C5'" 1 
ATOM   352 C  "C4'" . DC  B 2 7  ? 1.437   6.571   1.612   1.00 90.61  ? 18  DC  B "C4'" 1 
ATOM   353 O  "O4'" . DC  B 2 7  ? 0.887   7.346   0.540   1.00 85.87  ? 18  DC  B "O4'" 1 
ATOM   354 C  "C3'" . DC  B 2 7  ? 2.941   6.686   1.440   1.00 97.32  ? 18  DC  B "C3'" 1 
ATOM   355 O  "O3'" . DC  B 2 7  ? 3.533   5.452   1.750   1.00 97.13  ? 18  DC  B "O3'" 1 
ATOM   356 C  "C2'" . DC  B 2 7  ? 3.141   7.077   -0.045  1.00 93.46  ? 18  DC  B "C2'" 1 
ATOM   357 C  "C1'" . DC  B 2 7  ? 1.714   7.146   -0.580  1.00 87.19  ? 18  DC  B "C1'" 1 
ATOM   358 N  N1    . DC  B 2 7  ? 1.451   8.240   -1.567  1.00 87.45  ? 18  DC  B N1    1 
ATOM   359 C  C2    . DC  B 2 7  ? 1.412   7.944   -2.931  1.00 91.64  ? 18  DC  B C2    1 
ATOM   360 O  O2    . DC  B 2 7  ? 1.630   6.785   -3.303  1.00 95.40  ? 18  DC  B O2    1 
ATOM   361 N  N3    . DC  B 2 7  ? 1.139   8.939   -3.812  1.00 90.93  ? 18  DC  B N3    1 
ATOM   362 C  C4    . DC  B 2 7  ? 0.907   10.177  -3.373  1.00 91.61  ? 18  DC  B C4    1 
ATOM   363 N  N4    . DC  B 2 7  ? 0.645   11.122  -4.279  1.00 94.74  ? 18  DC  B N4    1 
ATOM   364 C  C5    . DC  B 2 7  ? 0.935   10.497  -1.985  1.00 90.73  ? 18  DC  B C5    1 
ATOM   365 C  C6    . DC  B 2 7  ? 1.203   9.507   -1.124  1.00 89.14  ? 18  DC  B C6    1 
ATOM   366 P  P     . DT  B 2 8  ? 5.072   5.396   2.178   1.00 132.74 ? 19  DT  B P     1 
ATOM   367 O  OP1   . DT  B 2 8  ? 5.254   4.171   2.993   1.00 128.57 ? 19  DT  B OP1   1 
ATOM   368 O  OP2   . DT  B 2 8  ? 5.423   6.722   2.749   1.00 120.65 ? 19  DT  B OP2   1 
ATOM   369 O  "O5'" . DT  B 2 8  ? 5.820   5.211   0.776   1.00 110.70 ? 19  DT  B "O5'" 1 
ATOM   370 C  "C5'" . DT  B 2 8  ? 5.334   4.243   -0.134  1.00 95.56  ? 19  DT  B "C5'" 1 
ATOM   371 C  "C4'" . DT  B 2 8  ? 5.839   4.495   -1.546  1.00 102.12 ? 19  DT  B "C4'" 1 
ATOM   372 O  "O4'" . DT  B 2 8  ? 5.194   5.648   -2.122  1.00 94.19  ? 19  DT  B "O4'" 1 
ATOM   373 C  "C3'" . DT  B 2 8  ? 7.341   4.734   -1.685  1.00 107.01 ? 19  DT  B "C3'" 1 
ATOM   374 O  "O3'" . DT  B 2 8  ? 7.869   3.747   -2.536  1.00 99.62  ? 19  DT  B "O3'" 1 
ATOM   375 C  "C2'" . DT  B 2 8  ? 7.441   6.142   -2.310  1.00 112.08 ? 19  DT  B "C2'" 1 
ATOM   376 C  "C1'" . DT  B 2 8  ? 6.096   6.262   -3.002  1.00 94.63  ? 19  DT  B "C1'" 1 
ATOM   377 N  N1    . DT  B 2 8  ? 5.614   7.655   -3.230  1.00 98.57  ? 19  DT  B N1    1 
ATOM   378 C  C2    . DT  B 2 8  ? 5.159   8.000   -4.478  1.00 104.30 ? 19  DT  B C2    1 
ATOM   379 O  O2    . DT  B 2 8  ? 5.175   7.236   -5.426  1.00 104.67 ? 19  DT  B O2    1 
ATOM   380 N  N3    . DT  B 2 8  ? 4.695   9.285   -4.583  1.00 102.88 ? 19  DT  B N3    1 
ATOM   381 C  C4    . DT  B 2 8  ? 4.629   10.237  -3.582  1.00 96.90  ? 19  DT  B C4    1 
ATOM   382 O  O4    . DT  B 2 8  ? 4.195   11.366  -3.777  1.00 100.43 ? 19  DT  B O4    1 
ATOM   383 C  C5    . DT  B 2 8  ? 5.110   9.803   -2.292  1.00 92.91  ? 19  DT  B C5    1 
ATOM   384 C  C7    . DT  B 2 8  ? 5.088   10.747  -1.127  1.00 90.23  ? 19  DT  B C7    1 
ATOM   385 C  C6    . DT  B 2 8  ? 5.566   8.544   -2.176  1.00 97.15  ? 19  DT  B C6    1 
ATOM   386 P  P     . DC  B 2 9  ? 9.388   3.267   -2.374  1.00 122.13 ? 20  DC  B P     1 
ATOM   387 O  OP1   . DC  B 2 9  ? 9.380   1.792   -2.251  1.00 132.00 ? 20  DC  B OP1   1 
ATOM   388 O  OP2   . DC  B 2 9  ? 10.014  4.092   -1.314  1.00 117.24 ? 20  DC  B OP2   1 
ATOM   389 O  "O5'" . DC  B 2 9  ? 10.028  3.671   -3.776  1.00 119.94 ? 20  DC  B "O5'" 1 
ATOM   390 C  "C5'" . DC  B 2 9  ? 9.169   3.991   -4.865  1.00 115.63 ? 20  DC  B "C5'" 1 
ATOM   391 C  "C4'" . DC  B 2 9  ? 9.814   5.015   -5.781  1.00 130.62 ? 20  DC  B "C4'" 1 
ATOM   392 O  "O4'" . DC  B 2 9  ? 9.177   6.312   -5.611  1.00 138.63 ? 20  DC  B "O4'" 1 
ATOM   393 C  "C3'" . DC  B 2 9  ? 11.313  5.246   -5.550  1.00 131.61 ? 20  DC  B "C3'" 1 
ATOM   394 O  "O3'" . DC  B 2 9  ? 11.982  5.304   -6.800  1.00 132.57 ? 20  DC  B "O3'" 1 
ATOM   395 C  "C2'" . DC  B 2 9  ? 11.345  6.600   -4.844  1.00 123.75 ? 20  DC  B "C2'" 1 
ATOM   396 C  "C1'" . DC  B 2 9  ? 10.181  7.295   -5.525  1.00 123.49 ? 20  DC  B "C1'" 1 
ATOM   397 N  N1    . DC  B 2 9  ? 9.652   8.473   -4.778  1.00 118.89 ? 20  DC  B N1    1 
ATOM   398 C  C2    . DC  B 2 9  ? 8.799   9.373   -5.426  1.00 118.33 ? 20  DC  B C2    1 
ATOM   399 O  O2    . DC  B 2 9  ? 8.489   9.167   -6.607  1.00 116.86 ? 20  DC  B O2    1 
ATOM   400 N  N3    . DC  B 2 9  ? 8.330   10.445  -4.740  1.00 114.05 ? 20  DC  B N3    1 
ATOM   401 C  C4    . DC  B 2 9  ? 8.687   10.630  -3.468  1.00 111.94 ? 20  DC  B C4    1 
ATOM   402 N  N4    . DC  B 2 9  ? 8.200   11.701  -2.831  1.00 112.89 ? 20  DC  B N4    1 
ATOM   403 C  C5    . DC  B 2 9  ? 9.560   9.726   -2.791  1.00 102.15 ? 20  DC  B C5    1 
ATOM   404 C  C6    . DC  B 2 9  ? 10.016  8.673   -3.478  1.00 107.01 ? 20  DC  B C6    1 
ATOM   405 P  P     . DA  B 2 10 ? 13.377  4.540   -7.017  1.00 135.46 ? 21  DA  B P     1 
ATOM   406 O  OP1   . DA  B 2 10 ? 13.093  3.095   -7.175  1.00 138.50 ? 21  DA  B OP1   1 
ATOM   407 O  OP2   . DA  B 2 10 ? 14.304  4.998   -5.958  1.00 130.21 ? 21  DA  B OP2   1 
ATOM   408 O  "O5'" . DA  B 2 10 ? 13.906  5.113   -8.414  1.00 130.99 ? 21  DA  B "O5'" 1 
ATOM   409 C  "C5'" . DA  B 2 10 ? 13.034  5.159   -9.543  1.00 123.79 ? 21  DA  B "C5'" 1 
ATOM   410 C  "C4'" . DA  B 2 10 ? 12.727  6.596   -9.937  1.00 126.10 ? 21  DA  B "C4'" 1 
ATOM   411 O  "O4'" . DA  B 2 10 ? 12.344  7.350   -8.761  1.00 130.08 ? 21  DA  B "O4'" 1 
ATOM   412 C  "C3'" . DA  B 2 10 ? 13.894  7.363   -10.577 1.00 123.47 ? 21  DA  B "C3'" 1 
ATOM   413 O  "O3'" . DA  B 2 10 ? 13.484  7.925   -11.822 1.00 121.23 ? 21  DA  B "O3'" 1 
ATOM   414 C  "C2'" . DA  B 2 10 ? 14.232  8.451   -9.551  1.00 122.16 ? 21  DA  B "C2'" 1 
ATOM   415 C  "C1'" . DA  B 2 10 ? 12.901  8.637   -8.844  1.00 125.07 ? 21  DA  B "C1'" 1 
ATOM   416 N  N9    . DA  B 2 10 ? 13.014  9.186   -7.492  1.00 126.32 ? 21  DA  B N9    1 
ATOM   417 C  C8    . DA  B 2 10 ? 13.745  8.683   -6.450  1.00 123.32 ? 21  DA  B C8    1 
ATOM   418 N  N7    . DA  B 2 10 ? 13.649  9.389   -5.346  1.00 118.62 ? 21  DA  B N7    1 
ATOM   419 C  C5    . DA  B 2 10 ? 12.795  10.425  -5.688  1.00 120.11 ? 21  DA  B C5    1 
ATOM   420 C  C6    . DA  B 2 10 ? 12.287  11.517  -4.955  1.00 122.44 ? 21  DA  B C6    1 
ATOM   421 N  N6    . DA  B 2 10 ? 12.594  11.747  -3.675  1.00 120.23 ? 21  DA  B N6    1 
ATOM   422 N  N1    . DA  B 2 10 ? 11.457  12.369  -5.594  1.00 125.12 ? 21  DA  B N1    1 
ATOM   423 C  C2    . DA  B 2 10 ? 11.156  12.134  -6.878  1.00 125.32 ? 21  DA  B C2    1 
ATOM   424 N  N3    . DA  B 2 10 ? 11.567  11.141  -7.667  1.00 122.58 ? 21  DA  B N3    1 
ATOM   425 C  C4    . DA  B 2 10 ? 12.392  10.314  -7.005  1.00 123.58 ? 21  DA  B C4    1 
ATOM   426 P  P     . DC  C 3 1  ? -0.933  -6.314  -12.056 1.00 66.86  ? 1   DC  C P     1 
ATOM   427 O  OP1   . DC  C 3 1  ? -0.030  -5.698  -11.061 1.00 65.06  ? 1   DC  C OP1   1 
ATOM   428 O  OP2   . DC  C 3 1  ? -0.382  -7.255  -13.059 1.00 72.35  ? 1   DC  C OP2   1 
ATOM   429 O  "O5'" . DC  C 3 1  ? -2.131  -7.043  -11.281 1.00 52.51  ? 1   DC  C "O5'" 1 
ATOM   430 C  "C5'" . DC  C 3 1  ? -2.551  -6.576  -9.990  1.00 60.81  ? 1   DC  C "C5'" 1 
ATOM   431 C  "C4'" . DC  C 3 1  ? -3.974  -7.018  -9.670  1.00 53.22  ? 1   DC  C "C4'" 1 
ATOM   432 O  "O4'" . DC  C 3 1  ? -3.987  -8.429  -9.332  1.00 54.37  ? 1   DC  C "O4'" 1 
ATOM   433 C  "C3'" . DC  C 3 1  ? -4.604  -6.286  -8.488  1.00 53.08  ? 1   DC  C "C3'" 1 
ATOM   434 O  "O3'" . DC  C 3 1  ? -5.875  -5.781  -8.848  1.00 54.47  ? 1   DC  C "O3'" 1 
ATOM   435 C  "C2'" . DC  C 3 1  ? -4.687  -7.340  -7.374  1.00 58.26  ? 1   DC  C "C2'" 1 
ATOM   436 C  "C1'" . DC  C 3 1  ? -4.710  -8.649  -8.137  1.00 57.32  ? 1   DC  C "C1'" 1 
ATOM   437 N  N1    . DC  C 3 1  ? -4.077  -9.841  -7.414  1.00 52.05  ? 1   DC  C N1    1 
ATOM   438 C  C2    . DC  C 3 1  ? -4.894  -10.803 -6.800  1.00 62.00  ? 1   DC  C C2    1 
ATOM   439 O  O2    . DC  C 3 1  ? -6.121  -10.649 -6.806  1.00 74.18  ? 1   DC  C O2    1 
ATOM   440 N  N3    . DC  C 3 1  ? -4.313  -11.881 -6.203  1.00 65.14  ? 1   DC  C N3    1 
ATOM   441 C  C4    . DC  C 3 1  ? -2.986  -12.019 -6.216  1.00 70.16  ? 1   DC  C C4    1 
ATOM   442 N  N4    . DC  C 3 1  ? -2.459  -13.093 -5.616  1.00 72.66  ? 1   DC  C N4    1 
ATOM   443 C  C5    . DC  C 3 1  ? -2.141  -11.058 -6.845  1.00 66.41  ? 1   DC  C C5    1 
ATOM   444 C  C6    . DC  C 3 1  ? -2.721  -10.001 -7.427  1.00 50.24  ? 1   DC  C C6    1 
ATOM   445 P  P     . DA  C 3 2  ? -6.344  -4.341  -8.312  1.00 55.32  ? 2   DA  C P     1 
ATOM   446 O  OP1   . DA  C 3 2  ? -7.380  -3.800  -9.221  1.00 69.92  ? 2   DA  C OP1   1 
ATOM   447 O  OP2   . DA  C 3 2  ? -5.126  -3.541  -8.046  1.00 55.67  ? 2   DA  C OP2   1 
ATOM   448 O  "O5'" . DA  C 3 2  ? -7.018  -4.674  -6.902  1.00 58.30  ? 2   DA  C "O5'" 1 
ATOM   449 C  "C5'" . DA  C 3 2  ? -8.248  -5.382  -6.843  1.00 61.72  ? 2   DA  C "C5'" 1 
ATOM   450 C  "C4'" . DA  C 3 2  ? -8.507  -5.858  -5.425  1.00 63.92  ? 2   DA  C "C4'" 1 
ATOM   451 O  "O4'" . DA  C 3 2  ? -7.839  -7.120  -5.220  1.00 74.36  ? 2   DA  C "O4'" 1 
ATOM   452 C  "C3'" . DA  C 3 2  ? -7.949  -4.950  -4.349  1.00 58.53  ? 2   DA  C "C3'" 1 
ATOM   453 O  "O3'" . DA  C 3 2  ? -8.894  -3.940  -3.994  1.00 65.21  ? 2   DA  C "O3'" 1 
ATOM   454 C  "C2'" . DA  C 3 2  ? -7.692  -5.904  -3.194  1.00 59.83  ? 2   DA  C "C2'" 1 
ATOM   455 C  "C1'" . DA  C 3 2  ? -7.385  -7.223  -3.885  1.00 58.73  ? 2   DA  C "C1'" 1 
ATOM   456 N  N9    . DA  C 3 2  ? -5.965  -7.551  -3.903  1.00 50.44  ? 2   DA  C N9    1 
ATOM   457 C  C8    . DA  C 3 2  ? -4.935  -6.732  -4.271  1.00 55.11  ? 2   DA  C C8    1 
ATOM   458 N  N7    . DA  C 3 2  ? -3.754  -7.301  -4.197  1.00 57.59  ? 2   DA  C N7    1 
ATOM   459 C  C5    . DA  C 3 2  ? -4.031  -8.578  -3.740  1.00 61.88  ? 2   DA  C C5    1 
ATOM   460 C  C6    . DA  C 3 2  ? -3.209  -9.680  -3.450  1.00 58.28  ? 2   DA  C C6    1 
ATOM   461 N  N6    . DA  C 3 2  ? -1.879  -9.660  -3.586  1.00 66.28  ? 2   DA  C N6    1 
ATOM   462 N  N1    . DA  C 3 2  ? -3.804  -10.805 -3.008  1.00 54.90  ? 2   DA  C N1    1 
ATOM   463 C  C2    . DA  C 3 2  ? -5.135  -10.823 -2.870  1.00 63.04  ? 2   DA  C C2    1 
ATOM   464 N  N3    . DA  C 3 2  ? -6.014  -9.852  -3.111  1.00 63.97  ? 2   DA  C N3    1 
ATOM   465 C  C4    . DA  C 3 2  ? -5.390  -8.746  -3.548  1.00 61.12  ? 2   DA  C C4    1 
ATOM   466 P  P     . DG  C 3 3  ? -10.439 -4.287  -3.717  1.00 58.96  ? 3   DG  C P     1 
ATOM   467 O  OP1   . DG  C 3 3  ? -10.542 -5.427  -2.786  1.00 64.08  ? 3   DG  C OP1   1 
ATOM   468 O  OP2   . DG  C 3 3  ? -11.154 -4.309  -5.013  1.00 65.48  ? 3   DG  C OP2   1 
ATOM   469 O  "O5'" . DG  C 3 3  ? -10.950 -3.006  -2.924  1.00 67.08  ? 3   DG  C "O5'" 1 
ATOM   470 C  "C5'" . DG  C 3 3  ? -10.079 -2.326  -2.045  1.00 60.15  ? 3   DG  C "C5'" 1 
ATOM   471 C  "C4'" . DG  C 3 3  ? -10.277 -0.831  -2.176  1.00 63.30  ? 3   DG  C "C4'" 1 
ATOM   472 O  "O4'" . DG  C 3 3  ? -9.321  -0.300  -3.112  1.00 60.59  ? 3   DG  C "O4'" 1 
ATOM   473 C  "C3'" . DG  C 3 3  ? -11.612 -0.409  -2.758  1.00 56.98  ? 3   DG  C "C3'" 1 
ATOM   474 O  "O3'" . DG  C 3 3  ? -12.621 -0.439  -1.760  1.00 50.71  ? 3   DG  C "O3'" 1 
ATOM   475 C  "C2'" . DG  C 3 3  ? -11.305 1.010   -3.214  1.00 51.71  ? 3   DG  C "C2'" 1 
ATOM   476 C  "C1'" . DG  C 3 3  ? -9.861  0.870   -3.709  1.00 55.04  ? 3   DG  C "C1'" 1 
ATOM   477 N  N9    . DG  C 3 3  ? -9.748  0.742   -5.153  1.00 49.19  ? 3   DG  C N9    1 
ATOM   478 C  C8    . DG  C 3 3  ? -9.302  -0.350  -5.853  1.00 56.38  ? 3   DG  C C8    1 
ATOM   479 N  N7    . DG  C 3 3  ? -9.303  -0.174  -7.143  1.00 59.30  ? 3   DG  C N7    1 
ATOM   480 C  C5    . DG  C 3 3  ? -9.789  1.117   -7.305  1.00 51.72  ? 3   DG  C C5    1 
ATOM   481 C  C6    . DG  C 3 3  ? -10.011 1.857   -8.482  1.00 56.02  ? 3   DG  C C6    1 
ATOM   482 O  O6    . DG  C 3 3  ? -9.821  1.512   -9.657  1.00 64.25  ? 3   DG  C O6    1 
ATOM   483 N  N1    . DG  C 3 3  ? -10.508 3.130   -8.201  1.00 62.34  ? 3   DG  C N1    1 
ATOM   484 C  C2    . DG  C 3 3  ? -10.755 3.619   -6.940  1.00 61.61  ? 3   DG  C C2    1 
ATOM   485 N  N2    . DG  C 3 3  ? -11.232 4.873   -6.871  1.00 72.18  ? 3   DG  C N2    1 
ATOM   486 N  N3    . DG  C 3 3  ? -10.549 2.930   -5.827  1.00 49.58  ? 3   DG  C N3    1 
ATOM   487 C  C4    . DG  C 3 3  ? -10.063 1.691   -6.087  1.00 47.96  ? 3   DG  C C4    1 
ATOM   488 P  P     . DG  C 3 4  ? -14.102 -0.930  -2.137  1.00 57.08  ? 4   DG  C P     1 
ATOM   489 O  OP1   . DG  C 3 4  ? -14.902 -1.054  -0.895  1.00 48.85  ? 4   DG  C OP1   1 
ATOM   490 O  OP2   . DG  C 3 4  ? -13.969 -2.094  -3.039  1.00 60.83  ? 4   DG  C OP2   1 
ATOM   491 O  "O5'" . DG  C 3 4  ? -14.681 0.276   -3.008  1.00 58.97  ? 4   DG  C "O5'" 1 
ATOM   492 C  "C5'" . DG  C 3 4  ? -14.924 1.530   -2.395  1.00 55.60  ? 4   DG  C "C5'" 1 
ATOM   493 C  "C4'" . DG  C 3 4  ? -15.035 2.622   -3.437  1.00 64.22  ? 4   DG  C "C4'" 1 
ATOM   494 O  "O4'" . DG  C 3 4  ? -13.909 2.558   -4.333  1.00 59.86  ? 4   DG  C "O4'" 1 
ATOM   495 C  "C3'" . DG  C 3 4  ? -16.222 2.515   -4.363  1.00 74.08  ? 4   DG  C "C3'" 1 
ATOM   496 O  "O3'" . DG  C 3 4  ? -17.395 2.999   -3.720  1.00 77.88  ? 4   DG  C "O3'" 1 
ATOM   497 C  "C2'" . DG  C 3 4  ? -15.781 3.431   -5.499  1.00 64.22  ? 4   DG  C "C2'" 1 
ATOM   498 C  "C1'" . DG  C 3 4  ? -14.277 3.159   -5.563  1.00 57.84  ? 4   DG  C "C1'" 1 
ATOM   499 N  N9    . DG  C 3 4  ? -13.906 2.271   -6.649  1.00 53.42  ? 4   DG  C N9    1 
ATOM   500 C  C8    . DG  C 3 4  ? -13.499 0.964   -6.553  1.00 62.14  ? 4   DG  C C8    1 
ATOM   501 N  N7    . DG  C 3 4  ? -13.227 0.421   -7.707  1.00 59.49  ? 4   DG  C N7    1 
ATOM   502 C  C5    . DG  C 3 4  ? -13.474 1.436   -8.626  1.00 57.09  ? 4   DG  C C5    1 
ATOM   503 C  C6    . DG  C 3 4  ? -13.360 1.441   -10.039 1.00 61.46  ? 4   DG  C C6    1 
ATOM   504 O  O6    . DG  C 3 4  ? -13.007 0.520   -10.784 1.00 65.24  ? 4   DG  C O6    1 
ATOM   505 N  N1    . DG  C 3 4  ? -13.706 2.676   -10.578 1.00 61.90  ? 4   DG  C N1    1 
ATOM   506 C  C2    . DG  C 3 4  ? -14.113 3.766   -9.846  1.00 67.98  ? 4   DG  C C2    1 
ATOM   507 N  N2    . DG  C 3 4  ? -14.409 4.873   -10.541 1.00 72.76  ? 4   DG  C N2    1 
ATOM   508 N  N3    . DG  C 3 4  ? -14.226 3.771   -8.524  1.00 61.19  ? 4   DG  C N3    1 
ATOM   509 C  C4    . DG  C 3 4  ? -13.891 2.578   -7.985  1.00 55.20  ? 4   DG  C C4    1 
ATOM   510 P  P     . DT  C 3 5  ? -18.728 3.263   -4.572  1.00 81.06  ? 5   DT  C P     1 
ATOM   511 O  OP1   . DT  C 3 5  ? -19.857 3.286   -3.617  1.00 79.12  ? 5   DT  C OP1   1 
ATOM   512 O  OP2   . DT  C 3 5  ? -18.750 2.299   -5.697  1.00 60.45  ? 5   DT  C OP2   1 
ATOM   513 O  "O5'" . DT  C 3 5  ? -18.500 4.735   -5.156  1.00 76.05  ? 5   DT  C "O5'" 1 
ATOM   514 C  "C5'" . DT  C 3 5  ? -19.587 5.489   -5.615  1.00 71.70  ? 5   DT  C "C5'" 1 
ATOM   515 C  "C4'" . DT  C 3 5  ? -19.418 5.848   -7.078  1.00 54.21  ? 5   DT  C "C4'" 1 
ATOM   516 O  "O4'" . DT  C 3 5  ? -18.164 5.345   -7.583  1.00 54.57  ? 5   DT  C "O4'" 1 
ATOM   517 C  "C3'" . DT  C 3 5  ? -20.414 5.204   -8.004  1.00 69.76  ? 5   DT  C "C3'" 1 
ATOM   518 O  "O3'" . DT  C 3 5  ? -21.651 5.843   -7.917  1.00 75.55  ? 5   DT  C "O3'" 1 
ATOM   519 C  "C2'" . DT  C 3 5  ? -19.746 5.445   -9.345  1.00 66.33  ? 5   DT  C "C2'" 1 
ATOM   520 C  "C1'" . DT  C 3 5  ? -18.275 5.228   -8.998  1.00 60.40  ? 5   DT  C "C1'" 1 
ATOM   521 N  N1    . DT  C 3 5  ? -17.778 3.892   -9.437  1.00 61.23  ? 5   DT  C N1    1 
ATOM   522 C  C2    . DT  C 3 5  ? -17.557 3.686   -10.776 1.00 59.81  ? 5   DT  C C2    1 
ATOM   523 O  O2    . DT  C 3 5  ? -17.733 4.547   -11.616 1.00 68.84  ? 5   DT  C O2    1 
ATOM   524 N  N3    . DT  C 3 5  ? -17.116 2.434   -11.101 1.00 61.82  ? 5   DT  C N3    1 
ATOM   525 C  C4    . DT  C 3 5  ? -16.882 1.380   -10.241 1.00 64.75  ? 5   DT  C C4    1 
ATOM   526 O  O4    . DT  C 3 5  ? -16.480 0.288   -10.632 1.00 66.91  ? 5   DT  C O4    1 
ATOM   527 C  C5    . DT  C 3 5  ? -17.142 1.658   -8.847  1.00 61.88  ? 5   DT  C C5    1 
ATOM   528 C  C7    . DT  C 3 5  ? -16.921 0.589   -7.821  1.00 66.22  ? 5   DT  C C7    1 
ATOM   529 C  C6    . DT  C 3 5  ? -17.579 2.886   -8.514  1.00 60.88  ? 5   DT  C C6    1 
ATOM   530 O  "O5'" . DT  D 4 1  ? 15.394  17.316  4.640   1.00 128.98 ? 1   DT  D "O5'" 1 
ATOM   531 C  "C5'" . DT  D 4 1  ? 15.307  18.698  4.934   1.00 129.53 ? 1   DT  D "C5'" 1 
ATOM   532 C  "C4'" . DT  D 4 1  ? 14.994  19.492  3.678   1.00 137.56 ? 1   DT  D "C4'" 1 
ATOM   533 O  "O4'" . DT  D 4 1  ? 15.650  18.880  2.547   1.00 138.68 ? 1   DT  D "O4'" 1 
ATOM   534 C  "C3'" . DT  D 4 1  ? 13.508  19.568  3.311   1.00 134.15 ? 1   DT  D "C3'" 1 
ATOM   535 O  "O3'" . DT  D 4 1  ? 13.022  20.900  3.505   1.00 141.83 ? 1   DT  D "O3'" 1 
ATOM   536 C  "C2'" . DT  D 4 1  ? 13.453  19.147  1.829   1.00 133.76 ? 1   DT  D "C2'" 1 
ATOM   537 C  "C1'" . DT  D 4 1  ? 14.910  19.180  1.397   1.00 137.92 ? 1   DT  D "C1'" 1 
ATOM   538 N  N1    . DT  D 4 1  ? 15.238  18.176  0.341   1.00 143.06 ? 1   DT  D N1    1 
ATOM   539 C  C2    . DT  D 4 1  ? 15.067  18.517  -0.982  1.00 149.36 ? 1   DT  D C2    1 
ATOM   540 O  O2    . DT  D 4 1  ? 14.664  19.606  -1.346  1.00 152.16 ? 1   DT  D O2    1 
ATOM   541 N  N3    . DT  D 4 1  ? 15.399  17.530  -1.871  1.00 149.08 ? 1   DT  D N3    1 
ATOM   542 C  C4    . DT  D 4 1  ? 15.866  16.261  -1.580  1.00 147.94 ? 1   DT  D C4    1 
ATOM   543 O  O4    . DT  D 4 1  ? 16.130  15.442  -2.453  1.00 147.04 ? 1   DT  D O4    1 
ATOM   544 C  C5    . DT  D 4 1  ? 16.016  15.969  -0.175  1.00 142.60 ? 1   DT  D C5    1 
ATOM   545 C  C7    . DT  D 4 1  ? 16.515  14.622  0.262   1.00 140.94 ? 1   DT  D C7    1 
ATOM   546 C  C6    . DT  D 4 1  ? 15.698  16.929  0.708   1.00 137.88 ? 1   DT  D C6    1 
ATOM   547 P  P     . DC  D 4 2  ? 11.443  21.205  3.472   1.00 158.18 ? 2   DC  D P     1 
ATOM   548 O  OP1   . DC  D 4 2  ? 11.265  22.669  3.617   1.00 191.84 ? 2   DC  D OP1   1 
ATOM   549 O  OP2   . DC  D 4 2  ? 10.795  20.280  4.431   1.00 154.41 ? 2   DC  D OP2   1 
ATOM   550 O  "O5'" . DC  D 4 2  ? 11.012  20.796  1.987   1.00 143.05 ? 2   DC  D "O5'" 1 
ATOM   551 C  "C5'" . DC  D 4 2  ? 9.898   21.401  1.363   1.00 141.53 ? 2   DC  D "C5'" 1 
ATOM   552 C  "C4'" . DC  D 4 2  ? 10.179  21.627  -0.114  1.00 144.22 ? 2   DC  D "C4'" 1 
ATOM   553 O  "O4'" . DC  D 4 2  ? 11.186  20.687  -0.574  1.00 138.17 ? 2   DC  D "O4'" 1 
ATOM   554 C  "C3'" . DC  D 4 2  ? 8.973   21.455  -1.044  1.00 142.21 ? 2   DC  D "C3'" 1 
ATOM   555 O  "O3'" . DC  D 4 2  ? 8.865   22.579  -1.905  1.00 146.41 ? 2   DC  D "O3'" 1 
ATOM   556 C  "C2'" . DC  D 4 2  ? 9.295   20.177  -1.826  1.00 141.73 ? 2   DC  D "C2'" 1 
ATOM   557 C  "C1'" . DC  D 4 2  ? 10.812  20.209  -1.841  1.00 140.60 ? 2   DC  D "C1'" 1 
ATOM   558 N  N1    . DC  D 4 2  ? 11.450  18.877  -2.060  1.00 143.37 ? 2   DC  D N1    1 
ATOM   559 C  C2    . DC  D 4 2  ? 11.917  18.540  -3.334  1.00 150.10 ? 2   DC  D C2    1 
ATOM   560 O  O2    . DC  D 4 2  ? 11.780  19.350  -4.257  1.00 147.36 ? 2   DC  D O2    1 
ATOM   561 N  N3    . DC  D 4 2  ? 12.503  17.332  -3.523  1.00 157.20 ? 2   DC  D N3    1 
ATOM   562 C  C4    . DC  D 4 2  ? 12.629  16.484  -2.501  1.00 148.22 ? 2   DC  D C4    1 
ATOM   563 N  N4    . DC  D 4 2  ? 13.214  15.306  -2.736  1.00 137.71 ? 2   DC  D N4    1 
ATOM   564 C  C5    . DC  D 4 2  ? 12.164  16.811  -1.192  1.00 145.40 ? 2   DC  D C5    1 
ATOM   565 C  C6    . DC  D 4 2  ? 11.587  18.006  -1.018  1.00 143.25 ? 2   DC  D C6    1 
ATOM   566 P  P     . DT  D 4 3  ? 7.476   22.901  -2.644  1.00 167.87 ? 3   DT  D P     1 
ATOM   567 O  OP1   . DT  D 4 3  ? 7.561   24.284  -3.160  1.00 182.20 ? 3   DT  D OP1   1 
ATOM   568 O  OP2   . DT  D 4 3  ? 6.378   22.520  -1.727  1.00 170.52 ? 3   DT  D OP2   1 
ATOM   569 O  "O5'" . DT  D 4 3  ? 7.477   21.919  -3.908  1.00 153.37 ? 3   DT  D "O5'" 1 
ATOM   570 C  "C5'" . DT  D 4 3  ? 8.423   22.111  -4.949  1.00 148.27 ? 3   DT  D "C5'" 1 
ATOM   571 C  "C4'" . DT  D 4 3  ? 8.232   21.093  -6.060  1.00 149.16 ? 3   DT  D "C4'" 1 
ATOM   572 O  "O4'" . DT  D 4 3  ? 8.977   19.882  -5.763  1.00 148.18 ? 3   DT  D "O4'" 1 
ATOM   573 C  "C3'" . DT  D 4 3  ? 6.786   20.641  -6.310  1.00 145.71 ? 3   DT  D "C3'" 1 
ATOM   574 O  "O3'" . DT  D 4 3  ? 6.555   20.592  -7.711  1.00 151.36 ? 3   DT  D "O3'" 1 
ATOM   575 C  "C2'" . DT  D 4 3  ? 6.769   19.237  -5.711  1.00 143.26 ? 3   DT  D "C2'" 1 
ATOM   576 C  "C1'" . DT  D 4 3  ? 8.164   18.787  -6.091  1.00 144.19 ? 3   DT  D "C1'" 1 
ATOM   577 N  N1    . DT  D 4 3  ? 8.655   17.576  -5.375  1.00 137.72 ? 3   DT  D N1    1 
ATOM   578 C  C2    . DT  D 4 3  ? 9.347   16.626  -6.088  1.00 141.63 ? 3   DT  D C2    1 
ATOM   579 O  O2    . DT  D 4 3  ? 9.582   16.728  -7.282  1.00 147.76 ? 3   DT  D O2    1 
ATOM   580 N  N3    . DT  D 4 3  ? 9.769   15.552  -5.355  1.00 139.51 ? 3   DT  D N3    1 
ATOM   581 C  C4    . DT  D 4 3  ? 9.567   15.330  -4.007  1.00 137.91 ? 3   DT  D C4    1 
ATOM   582 O  O4    . DT  D 4 3  ? 9.986   14.326  -3.438  1.00 134.04 ? 3   DT  D O4    1 
ATOM   583 C  C5    . DT  D 4 3  ? 8.830   16.364  -3.315  1.00 132.90 ? 3   DT  D C5    1 
ATOM   584 C  C7    . DT  D 4 3  ? 8.549   16.233  -1.848  1.00 127.59 ? 3   DT  D C7    1 
ATOM   585 C  C6    . DT  D 4 3  ? 8.414   17.425  -4.023  1.00 133.79 ? 3   DT  D C6    1 
ATOM   586 P  P     . DG  D 4 4  ? 5.088   20.842  -8.314  1.00 166.26 ? 4   DG  D P     1 
ATOM   587 O  OP1   . DG  D 4 4  ? 4.838   22.300  -8.271  1.00 194.52 ? 4   DG  D OP1   1 
ATOM   588 O  OP2   . DG  D 4 4  ? 4.159   19.901  -7.652  1.00 184.46 ? 4   DG  D OP2   1 
ATOM   589 O  "O5'" . DG  D 4 4  ? 5.220   20.390  -9.844  1.00 151.86 ? 4   DG  D "O5'" 1 
ATOM   590 C  "C5'" . DG  D 4 4  ? 6.429   19.814  -10.319 1.00 144.54 ? 4   DG  D "C5'" 1 
ATOM   591 C  "C4'" . DG  D 4 4  ? 6.196   18.394  -10.802 1.00 145.79 ? 4   DG  D "C4'" 1 
ATOM   592 O  "O4'" . DG  D 4 4  ? 6.573   17.461  -9.760  1.00 141.47 ? 4   DG  D "O4'" 1 
ATOM   593 C  "C3'" . DG  D 4 4  ? 4.748   18.064  -11.189 1.00 139.68 ? 4   DG  D "C3'" 1 
ATOM   594 O  "O3'" . DG  D 4 4  ? 4.728   17.476  -12.503 1.00 140.61 ? 4   DG  D "O3'" 1 
ATOM   595 C  "C2'" . DG  D 4 4  ? 4.286   17.097  -10.092 1.00 135.19 ? 4   DG  D "C2'" 1 
ATOM   596 C  "C1'" . DG  D 4 4  ? 5.589   16.465  -9.630  1.00 133.99 ? 4   DG  D "C1'" 1 
ATOM   597 N  N9    . DG  D 4 4  ? 5.561   16.037  -8.234  1.00 128.82 ? 4   DG  D N9    1 
ATOM   598 C  C8    . DG  D 4 4  ? 4.957   16.679  -7.179  1.00 128.80 ? 4   DG  D C8    1 
ATOM   599 N  N7    . DG  D 4 4  ? 5.105   16.062  -6.040  1.00 121.34 ? 4   DG  D N7    1 
ATOM   600 C  C5    . DG  D 4 4  ? 5.858   14.939  -6.359  1.00 120.72 ? 4   DG  D C5    1 
ATOM   601 C  C6    . DG  D 4 4  ? 6.331   13.895  -5.533  1.00 116.99 ? 4   DG  D C6    1 
ATOM   602 O  O6    . DG  D 4 4  ? 6.174   13.754  -4.315  1.00 111.78 ? 4   DG  D O6    1 
ATOM   603 N  N1    . DG  D 4 4  ? 7.055   12.951  -6.254  1.00 117.85 ? 4   DG  D N1    1 
ATOM   604 C  C2    . DG  D 4 4  ? 7.291   13.009  -7.607  1.00 121.97 ? 4   DG  D C2    1 
ATOM   605 N  N2    . DG  D 4 4  ? 8.010   12.006  -8.129  1.00 126.35 ? 4   DG  D N2    1 
ATOM   606 N  N3    . DG  D 4 4  ? 6.852   13.982  -8.394  1.00 118.61 ? 4   DG  D N3    1 
ATOM   607 C  C4    . DG  D 4 4  ? 6.146   14.910  -7.704  1.00 121.09 ? 4   DG  D C4    1 
ATOM   608 P  P     . DA  D 4 5  ? 3.500   16.578  -13.032 1.00 150.61 ? 5   DA  D P     1 
ATOM   609 O  OP1   . DA  D 4 5  ? 3.409   16.851  -14.481 1.00 171.94 ? 5   DA  D OP1   1 
ATOM   610 O  OP2   . DA  D 4 5  ? 2.286   16.759  -12.205 1.00 144.57 ? 5   DA  D OP2   1 
ATOM   611 O  "O5'" . DA  D 4 5  ? 4.038   15.081  -12.870 1.00 136.66 ? 5   DA  D "O5'" 1 
ATOM   612 C  "C5'" . DA  D 4 5  ? 5.302   14.725  -13.433 1.00 131.98 ? 5   DA  D "C5'" 1 
ATOM   613 C  "C4'" . DA  D 4 5  ? 5.456   13.217  -13.566 1.00 128.44 ? 5   DA  D "C4'" 1 
ATOM   614 O  "O4'" . DA  D 4 5  ? 5.551   12.614  -12.254 1.00 128.56 ? 5   DA  D "O4'" 1 
ATOM   615 C  "C3'" . DA  D 4 5  ? 4.319   12.494  -14.267 1.00 125.75 ? 5   DA  D "C3'" 1 
ATOM   616 O  "O3'" . DA  D 4 5  ? 4.829   11.331  -14.917 1.00 128.68 ? 5   DA  D "O3'" 1 
ATOM   617 C  "C2'" . DA  D 4 5  ? 3.388   12.136  -13.106 1.00 119.83 ? 5   DA  D "C2'" 1 
ATOM   618 C  "C1'" . DA  D 4 5  ? 4.370   11.893  -11.956 1.00 116.58 ? 5   DA  D "C1'" 1 
ATOM   619 N  N9    . DA  D 4 5  ? 3.888   12.350  -10.651 1.00 114.34 ? 5   DA  D N9    1 
ATOM   620 C  C8    . DA  D 4 5  ? 3.245   13.526  -10.373 1.00 114.87 ? 5   DA  D C8    1 
ATOM   621 N  N7    . DA  D 4 5  ? 2.939   13.677  -9.105  1.00 112.73 ? 5   DA  D N7    1 
ATOM   622 C  C5    . DA  D 4 5  ? 3.423   12.527  -8.507  1.00 111.34 ? 5   DA  D C5    1 
ATOM   623 C  C6    . DA  D 4 5  ? 3.415   12.078  -7.172  1.00 111.04 ? 5   DA  D C6    1 
ATOM   624 N  N6    . DA  D 4 5  ? 2.876   12.776  -6.166  1.00 109.33 ? 5   DA  D N6    1 
ATOM   625 N  N1    . DA  D 4 5  ? 3.982   10.882  -6.911  1.00 103.95 ? 5   DA  D N1    1 
ATOM   626 C  C2    . DA  D 4 5  ? 4.520   10.187  -7.921  1.00 109.68 ? 5   DA  D C2    1 
ATOM   627 N  N3    . DA  D 4 5  ? 4.589   10.505  -9.216  1.00 104.67 ? 5   DA  D N3    1 
ATOM   628 C  C4    . DA  D 4 5  ? 4.017   11.699  -9.444  1.00 109.05 ? 5   DA  D C4    1 
ATOM   629 P  P     . DG  D 4 6  ? 3.975   10.578  -16.050 1.00 143.67 ? 6   DG  D P     1 
ATOM   630 O  OP1   . DG  D 4 6  ? 4.786   10.563  -17.288 1.00 168.84 ? 6   DG  D OP1   1 
ATOM   631 O  OP2   . DG  D 4 6  ? 2.621   11.180  -16.064 1.00 126.94 ? 6   DG  D OP2   1 
ATOM   632 O  "O5'" . DG  D 4 6  ? 3.866   9.080   -15.499 1.00 123.72 ? 6   DG  D "O5'" 1 
ATOM   633 C  "C5'" . DG  D 4 6  ? 3.262   8.846   -14.238 1.00 117.79 ? 6   DG  D "C5'" 1 
ATOM   634 C  "C4'" . DG  D 4 6  ? 3.767   7.563   -13.608 1.00 112.42 ? 6   DG  D "C4'" 1 
ATOM   635 O  "O4'" . DG  D 4 6  ? 3.984   7.786   -12.194 1.00 109.66 ? 6   DG  D "O4'" 1 
ATOM   636 C  "C3'" . DG  D 4 6  ? 2.795   6.398   -13.680 1.00 101.28 ? 6   DG  D "C3'" 1 
ATOM   637 O  "O3'" . DG  D 4 6  ? 3.489   5.158   -13.629 1.00 111.93 ? 6   DG  D "O3'" 1 
ATOM   638 C  "C2'" . DG  D 4 6  ? 1.934   6.608   -12.441 1.00 92.89  ? 6   DG  D "C2'" 1 
ATOM   639 C  "C1'" . DG  D 4 6  ? 2.911   7.242   -11.445 1.00 95.82  ? 6   DG  D "C1'" 1 
ATOM   640 N  N9    . DG  D 4 6  ? 2.291   8.312   -10.660 1.00 88.90  ? 6   DG  D N9    1 
ATOM   641 C  C8    . DG  D 4 6  ? 1.792   9.499   -11.138 1.00 91.24  ? 6   DG  D C8    1 
ATOM   642 N  N7    . DG  D 4 6  ? 1.272   10.256  -10.216 1.00 92.14  ? 6   DG  D N7    1 
ATOM   643 C  C5    . DG  D 4 6  ? 1.425   9.524   -9.048  1.00 89.22  ? 6   DG  D C5    1 
ATOM   644 C  C6    . DG  D 4 6  ? 1.049   9.844   -7.724  1.00 89.58  ? 6   DG  D C6    1 
ATOM   645 O  O6    . DG  D 4 6  ? 0.490   10.867  -7.315  1.00 88.99  ? 6   DG  D O6    1 
ATOM   646 N  N1    . DG  D 4 6  ? 1.383   8.831   -6.832  1.00 85.98  ? 6   DG  D N1    1 
ATOM   647 C  C2    . DG  D 4 6  ? 2.004   7.656   -7.177  1.00 88.38  ? 6   DG  D C2    1 
ATOM   648 N  N2    . DG  D 4 6  ? 2.245   6.797   -6.177  1.00 88.26  ? 6   DG  D N2    1 
ATOM   649 N  N3    . DG  D 4 6  ? 2.364   7.341   -8.419  1.00 86.45  ? 6   DG  D N3    1 
ATOM   650 C  C4    . DG  D 4 6  ? 2.045   8.321   -9.300  1.00 86.62  ? 6   DG  D C4    1 
ATOM   651 P  P     . DT  D 4 7  ? 2.673   3.783   -13.803 1.00 117.08 ? 7   DT  D P     1 
ATOM   652 O  OP1   . DT  D 4 7  ? 3.621   2.723   -14.213 1.00 112.48 ? 7   DT  D OP1   1 
ATOM   653 O  OP2   . DT  D 4 7  ? 1.487   4.085   -14.635 1.00 109.54 ? 7   DT  D OP2   1 
ATOM   654 O  "O5'" . DT  D 4 7  ? 2.165   3.455   -12.323 1.00 116.77 ? 7   DT  D "O5'" 1 
ATOM   655 C  "C5'" . DT  D 4 7  ? 3.100   3.432   -11.249 1.00 114.61 ? 7   DT  D "C5'" 1 
ATOM   656 C  "C4'" . DT  D 4 7  ? 2.498   2.803   -10.003 1.00 98.90  ? 7   DT  D "C4'" 1 
ATOM   657 O  "O4'" . DT  D 4 7  ? 1.932   3.835   -9.152  1.00 96.41  ? 7   DT  D "O4'" 1 
ATOM   658 C  "C3'" . DT  D 4 7  ? 1.374   1.801   -10.251 1.00 87.09  ? 7   DT  D "C3'" 1 
ATOM   659 O  "O3'" . DT  D 4 7  ? 1.484   0.747   -9.314  1.00 82.44  ? 7   DT  D "O3'" 1 
ATOM   660 C  "C2'" . DT  D 4 7  ? 0.125   2.640   -10.001 1.00 77.77  ? 7   DT  D "C2'" 1 
ATOM   661 C  "C1'" . DT  D 4 7  ? 0.592   3.516   -8.852  1.00 78.73  ? 7   DT  D "C1'" 1 
ATOM   662 N  N1    . DT  D 4 7  ? -0.170  4.792   -8.714  1.00 73.12  ? 7   DT  D N1    1 
ATOM   663 C  C2    . DT  D 4 7  ? -0.633  5.171   -7.474  1.00 71.84  ? 7   DT  D C2    1 
ATOM   664 O  O2    . DT  D 4 7  ? -0.463  4.509   -6.466  1.00 72.68  ? 7   DT  D O2    1 
ATOM   665 N  N3    . DT  D 4 7  ? -1.309  6.361   -7.455  1.00 71.21  ? 7   DT  D N3    1 
ATOM   666 C  C4    . DT  D 4 7  ? -1.563  7.191   -8.531  1.00 73.43  ? 7   DT  D C4    1 
ATOM   667 O  O4    . DT  D 4 7  ? -2.183  8.240   -8.418  1.00 74.88  ? 7   DT  D O4    1 
ATOM   668 C  C5    . DT  D 4 7  ? -1.049  6.735   -9.799  1.00 77.29  ? 7   DT  D C5    1 
ATOM   669 C  C7    . DT  D 4 7  ? -1.266  7.555   -11.036 1.00 81.97  ? 7   DT  D C7    1 
ATOM   670 C  C6    . DT  D 4 7  ? -0.385  5.572   -9.828  1.00 74.95  ? 7   DT  D C6    1 
ATOM   671 P  P     . DG  D 4 8  ? 0.633   -0.605  -9.488  1.00 102.32 ? 8   DG  D P     1 
ATOM   672 O  OP1   . DG  D 4 8  ? 1.543   -1.640  -10.031 1.00 97.41  ? 8   DG  D OP1   1 
ATOM   673 O  OP2   . DG  D 4 8  ? -0.624  -0.304  -10.208 1.00 96.96  ? 8   DG  D OP2   1 
ATOM   674 O  "O5'" . DG  D 4 8  ? 0.234   -0.971  -7.986  1.00 85.59  ? 8   DG  D "O5'" 1 
ATOM   675 C  "C5'" . DG  D 4 8  ? 1.131   -0.676  -6.932  1.00 76.16  ? 8   DG  D "C5'" 1 
ATOM   676 C  "C4'" . DG  D 4 8  ? 0.404   -0.570  -5.602  1.00 70.64  ? 8   DG  D "C4'" 1 
ATOM   677 O  "O4'" . DG  D 4 8  ? -0.339  0.671   -5.537  1.00 75.85  ? 8   DG  D "O4'" 1 
ATOM   678 C  "C3'" . DG  D 4 8  ? -0.598  -1.669  -5.312  1.00 63.95  ? 8   DG  D "C3'" 1 
ATOM   679 O  "O3'" . DG  D 4 8  ? -0.601  -1.925  -3.933  1.00 59.16  ? 8   DG  D "O3'" 1 
ATOM   680 C  "C2'" . DG  D 4 8  ? -1.929  -1.067  -5.780  1.00 68.61  ? 8   DG  D "C2'" 1 
ATOM   681 C  "C1'" . DG  D 4 8  ? -1.735  0.422   -5.508  1.00 64.91  ? 8   DG  D "C1'" 1 
ATOM   682 N  N9    . DG  D 4 8  ? -2.338  1.301   -6.503  1.00 61.40  ? 8   DG  D N9    1 
ATOM   683 C  C8    . DG  D 4 8  ? -2.278  1.167   -7.869  1.00 67.14  ? 8   DG  D C8    1 
ATOM   684 N  N7    . DG  D 4 8  ? -2.879  2.128   -8.513  1.00 67.59  ? 8   DG  D N7    1 
ATOM   685 C  C5    . DG  D 4 8  ? -3.352  2.965   -7.512  1.00 59.68  ? 8   DG  D C5    1 
ATOM   686 C  C6    . DG  D 4 8  ? -4.081  4.174   -7.608  1.00 61.67  ? 8   DG  D C6    1 
ATOM   687 O  O6    . DG  D 4 8  ? -4.464  4.758   -8.632  1.00 74.95  ? 8   DG  D O6    1 
ATOM   688 N  N1    . DG  D 4 8  ? -4.366  4.705   -6.352  1.00 60.05  ? 8   DG  D N1    1 
ATOM   689 C  C2    . DG  D 4 8  ? -3.989  4.138   -5.158  1.00 60.40  ? 8   DG  D C2    1 
ATOM   690 N  N2    . DG  D 4 8  ? -4.353  4.794   -4.049  1.00 65.35  ? 8   DG  D N2    1 
ATOM   691 N  N3    . DG  D 4 8  ? -3.303  3.004   -5.056  1.00 64.02  ? 8   DG  D N3    1 
ATOM   692 C  C4    . DG  D 4 8  ? -3.020  2.476   -6.269  1.00 59.94  ? 8   DG  D C4    1 
ATOM   693 P  P     . DG  D 4 9  ? -1.278  -3.261  -3.368  1.00 86.16  ? 9   DG  D P     1 
ATOM   694 O  OP1   . DG  D 4 9  ? -0.622  -3.575  -2.075  1.00 85.24  ? 9   DG  D OP1   1 
ATOM   695 O  OP2   . DG  D 4 9  ? -1.312  -4.254  -4.464  1.00 81.00  ? 9   DG  D OP2   1 
ATOM   696 O  "O5'" . DG  D 4 9  ? -2.782  -2.823  -3.071  1.00 64.45  ? 9   DG  D "O5'" 1 
ATOM   697 C  "C5'" . DG  D 4 9  ? -3.095  -2.210  -1.836  1.00 64.86  ? 9   DG  D "C5'" 1 
ATOM   698 C  "C4'" . DG  D 4 9  ? -4.394  -1.438  -1.932  1.00 70.39  ? 9   DG  D "C4'" 1 
ATOM   699 O  "O4'" . DG  D 4 9  ? -4.432  -0.682  -3.161  1.00 72.04  ? 9   DG  D "O4'" 1 
ATOM   700 C  "C3'" . DG  D 4 9  ? -5.664  -2.293  -1.939  1.00 61.57  ? 9   DG  D "C3'" 1 
ATOM   701 O  "O3'" . DG  D 4 9  ? -6.385  -2.084  -0.740  1.00 58.78  ? 9   DG  D "O3'" 1 
ATOM   702 C  "C2'" . DG  D 4 9  ? -6.453  -1.790  -3.161  1.00 62.25  ? 9   DG  D "C2'" 1 
ATOM   703 C  "C1'" . DG  D 4 9  ? -5.780  -0.464  -3.458  1.00 55.09  ? 9   DG  D "C1'" 1 
ATOM   704 N  N9    . DG  D 4 9  ? -5.898  -0.034  -4.844  1.00 49.37  ? 9   DG  D N9    1 
ATOM   705 C  C8    . DG  D 4 9  ? -5.544  -0.742  -5.966  1.00 49.92  ? 9   DG  D C8    1 
ATOM   706 N  N7    . DG  D 4 9  ? -5.758  -0.092  -7.078  1.00 51.28  ? 9   DG  D N7    1 
ATOM   707 C  C5    . DG  D 4 9  ? -6.286  1.126   -6.663  1.00 54.07  ? 9   DG  D C5    1 
ATOM   708 C  C6    . DG  D 4 9  ? -6.711  2.243   -7.422  1.00 49.13  ? 9   DG  D C6    1 
ATOM   709 O  O6    . DG  D 4 9  ? -6.710  2.381   -8.649  1.00 55.62  ? 9   DG  D O6    1 
ATOM   710 N  N1    . DG  D 4 9  ? -7.178  3.271   -6.612  1.00 49.79  ? 9   DG  D N1    1 
ATOM   711 C  C2    . DG  D 4 9  ? -7.228  3.230   -5.242  1.00 59.36  ? 9   DG  D C2    1 
ATOM   712 N  N2    . DG  D 4 9  ? -7.713  4.326   -4.633  1.00 63.61  ? 9   DG  D N2    1 
ATOM   713 N  N3    . DG  D 4 9  ? -6.834  2.189   -4.515  1.00 59.68  ? 9   DG  D N3    1 
ATOM   714 C  C4    . DG  D 4 9  ? -6.376  1.176   -5.293  1.00 57.77  ? 9   DG  D C4    1 
ATOM   715 P  P     . DC  D 4 10 ? -6.059  -2.986  0.545   1.00 71.73  ? 10  DC  D P     1 
ATOM   716 O  OP1   . DC  D 4 10 ? -5.602  -2.097  1.633   1.00 102.08 ? 10  DC  D OP1   1 
ATOM   717 O  OP2   . DC  D 4 10 ? -5.198  -4.092  0.074   1.00 71.17  ? 10  DC  D OP2   1 
ATOM   718 O  "O5'" . DC  D 4 10 ? -7.470  -3.608  0.960   1.00 73.59  ? 10  DC  D "O5'" 1 
ATOM   719 C  "C5'" . DC  D 4 10 ? -8.150  -4.474  0.066   1.00 66.26  ? 10  DC  D "C5'" 1 
ATOM   720 C  "C4'" . DC  D 4 10 ? -7.960  -5.930  0.461   1.00 70.36  ? 10  DC  D "C4'" 1 
ATOM   721 O  "O4'" . DC  D 4 10 ? -6.938  -6.538  -0.345  1.00 65.62  ? 10  DC  D "O4'" 1 
ATOM   722 C  "C3'" . DC  D 4 10 ? -7.465  -6.171  1.867   1.00 73.93  ? 10  DC  D "C3'" 1 
ATOM   723 O  "O3'" . DC  D 4 10 ? -8.541  -6.088  2.789   1.00 78.25  ? 10  DC  D "O3'" 1 
ATOM   724 C  "C2'" . DC  D 4 10 ? -6.913  -7.602  1.764   1.00 68.68  ? 10  DC  D "C2'" 1 
ATOM   725 C  "C1'" . DC  D 4 10 ? -6.585  -7.754  0.269   1.00 55.70  ? 10  DC  D "C1'" 1 
ATOM   726 N  N1    . DC  D 4 10 ? -5.153  -8.038  -0.001  1.00 59.32  ? 10  DC  D N1    1 
ATOM   727 C  C2    . DC  D 4 10 ? -4.640  -9.313  0.266   1.00 65.15  ? 10  DC  D C2    1 
ATOM   728 O  O2    . DC  D 4 10 ? -5.392  -10.185 0.719   1.00 69.46  ? 10  DC  D O2    1 
ATOM   729 N  N3    . DC  D 4 10 ? -3.330  -9.559  0.020   1.00 56.75  ? 10  DC  D N3    1 
ATOM   730 C  C4    . DC  D 4 10 ? -2.552  -8.593  -0.464  1.00 58.78  ? 10  DC  D C4    1 
ATOM   731 N  N4    . DC  D 4 10 ? -1.268  -8.883  -0.692  1.00 57.49  ? 10  DC  D N4    1 
ATOM   732 C  C5    . DC  D 4 10 ? -3.056  -7.289  -0.742  1.00 66.89  ? 10  DC  D C5    1 
ATOM   733 C  C6    . DC  D 4 10 ? -4.351  -7.056  -0.497  1.00 58.74  ? 10  DC  D C6    1 
ATOM   734 P  P     . DG  D 4 11 ? -8.244  -5.819  4.343   1.00 82.73  ? 11  DG  D P     1 
ATOM   735 O  OP1   . DG  D 4 11 ? -9.549  -5.776  5.041   1.00 75.98  ? 11  DG  D OP1   1 
ATOM   736 O  OP2   . DG  D 4 11 ? -7.302  -4.678  4.431   1.00 66.71  ? 11  DG  D OP2   1 
ATOM   737 O  "O5'" . DG  D 4 11 ? -7.456  -7.126  4.818   1.00 67.14  ? 11  DG  D "O5'" 1 
ATOM   738 C  "C5'" . DG  D 4 11 ? -8.146  -8.359  4.951   1.00 77.27  ? 11  DG  D "C5'" 1 
ATOM   739 C  "C4'" . DG  D 4 11 ? -7.167  -9.499  5.155   1.00 85.18  ? 11  DG  D "C4'" 1 
ATOM   740 O  "O4'" . DG  D 4 11 ? -6.129  -9.423  4.166   1.00 79.31  ? 11  DG  D "O4'" 1 
ATOM   741 C  "C3'" . DG  D 4 11 ? -6.410  -9.460  6.469   1.00 91.95  ? 11  DG  D "C3'" 1 
ATOM   742 O  "O3'" . DG  D 4 11 ? -7.127  -10.148 7.470   1.00 96.67  ? 11  DG  D "O3'" 1 
ATOM   743 C  "C2'" . DG  D 4 11 ? -5.093  -10.176 6.149   1.00 92.10  ? 11  DG  D "C2'" 1 
ATOM   744 C  "C1'" . DG  D 4 11 ? -5.047  -10.194 4.622   1.00 78.10  ? 11  DG  D "C1'" 1 
ATOM   745 N  N9    . DG  D 4 11 ? -3.811  -9.661  4.070   1.00 71.42  ? 11  DG  D N9    1 
ATOM   746 C  C8    . DG  D 4 11 ? -3.593  -8.406  3.555   1.00 74.72  ? 11  DG  D C8    1 
ATOM   747 N  N7    . DG  D 4 11 ? -2.373  -8.225  3.125   1.00 71.10  ? 11  DG  D N7    1 
ATOM   748 C  C5    . DG  D 4 11 ? -1.746  -9.445  3.378   1.00 77.70  ? 11  DG  D C5    1 
ATOM   749 C  C6    . DG  D 4 11 ? -0.413  -9.851  3.122   1.00 82.01  ? 11  DG  D C6    1 
ATOM   750 O  O6    . DG  D 4 11 ? 0.507   -9.203  2.615   1.00 80.27  ? 11  DG  D O6    1 
ATOM   751 N  N1    . DG  D 4 11 ? -0.197  -11.169 3.529   1.00 84.48  ? 11  DG  D N1    1 
ATOM   752 C  C2    . DG  D 4 11 ? -1.144  -11.982 4.104   1.00 91.51  ? 11  DG  D C2    1 
ATOM   753 N  N2    . DG  D 4 11 ? -0.749  -13.220 4.432   1.00 107.50 ? 11  DG  D N2    1 
ATOM   754 N  N3    . DG  D 4 11 ? -2.394  -11.607 4.345   1.00 78.75  ? 11  DG  D N3    1 
ATOM   755 C  C4    . DG  D 4 11 ? -2.622  -10.329 3.955   1.00 76.21  ? 11  DG  D C4    1 
ATOM   756 P  P     . DT  D 4 12 ? -6.669  -10.015 9.002   1.00 103.64 ? 12  DT  D P     1 
ATOM   757 O  OP1   . DT  D 4 12 ? -7.816  -10.417 9.847   1.00 100.28 ? 12  DT  D OP1   1 
ATOM   758 O  OP2   . DT  D 4 12 ? -6.065  -8.670  9.153   1.00 97.39  ? 12  DT  D OP2   1 
ATOM   759 O  "O5'" . DT  D 4 12 ? -5.487  -11.079 9.153   1.00 83.65  ? 12  DT  D "O5'" 1 
ATOM   760 C  "C5'" . DT  D 4 12 ? -5.770  -12.469 9.084   1.00 91.02  ? 12  DT  D "C5'" 1 
ATOM   761 C  "C4'" . DT  D 4 12 ? -4.495  -13.276 9.223   1.00 99.65  ? 12  DT  D "C4'" 1 
ATOM   762 O  "O4'" . DT  D 4 12 ? -3.507  -12.780 8.276   1.00 100.59 ? 12  DT  D "O4'" 1 
ATOM   763 C  "C3'" . DT  D 4 12 ? -3.824  -13.197 10.593  1.00 105.00 ? 12  DT  D "C3'" 1 
ATOM   764 O  "O3'" . DT  D 4 12 ? -3.197  -14.452 10.891  1.00 119.01 ? 12  DT  D "O3'" 1 
ATOM   765 C  "C2'" . DT  D 4 12 ? -2.795  -12.089 10.376  1.00 100.18 ? 12  DT  D "C2'" 1 
ATOM   766 C  "C1'" . DT  D 4 12 ? -2.335  -12.419 8.970   1.00 91.35  ? 12  DT  D "C1'" 1 
ATOM   767 N  N1    . DT  D 4 12 ? -1.678  -11.281 8.254   1.00 87.81  ? 12  DT  D N1    1 
ATOM   768 C  C2    . DT  D 4 12 ? -0.428  -11.469 7.712   1.00 93.93  ? 12  DT  D C2    1 
ATOM   769 O  O2    . DT  D 4 12 ? 0.177   -12.522 7.785   1.00 104.37 ? 12  DT  D O2    1 
ATOM   770 N  N3    . DT  D 4 12 ? 0.093   -10.374 7.074   1.00 88.51  ? 12  DT  D N3    1 
ATOM   771 C  C4    . DT  D 4 12 ? -0.499  -9.135  6.925   1.00 88.85  ? 12  DT  D C4    1 
ATOM   772 O  O4    . DT  D 4 12 ? 0.052   -8.212  6.332   1.00 83.08  ? 12  DT  D O4    1 
ATOM   773 C  C5    . DT  D 4 12 ? -1.811  -9.002  7.515   1.00 91.35  ? 12  DT  D C5    1 
ATOM   774 C  C7    . DT  D 4 12 ? -2.550  -7.700  7.418   1.00 87.54  ? 12  DT  D C7    1 
ATOM   775 C  C6    . DT  D 4 12 ? -2.332  -10.069 8.147   1.00 89.29  ? 12  DT  D C6    1 
ATOM   776 P  P     . DC  D 4 13 ? -2.611  -14.762 12.357  1.00 125.55 ? 13  DC  D P     1 
ATOM   777 O  OP1   . DC  D 4 13 ? -3.251  -16.002 12.852  1.00 120.28 ? 13  DC  D OP1   1 
ATOM   778 O  OP2   . DC  D 4 13 ? -2.695  -13.518 13.154  1.00 116.43 ? 13  DC  D OP2   1 
ATOM   779 O  "O5'" . DC  D 4 13 ? -1.068  -15.084 12.092  1.00 95.58  ? 13  DC  D "O5'" 1 
ATOM   780 C  "C5'" . DC  D 4 13 ? -0.243  -14.127 11.454  1.00 93.46  ? 13  DC  D "C5'" 1 
ATOM   781 C  "C4'" . DC  D 4 13 ? 1.155   -14.673 11.256  1.00 110.83 ? 13  DC  D "C4'" 1 
ATOM   782 O  "O4'" . DC  D 4 13 ? 1.880   -13.824 10.335  1.00 111.89 ? 13  DC  D "O4'" 1 
ATOM   783 C  "C3'" . DC  D 4 13 ? 2.016   -14.711 12.502  1.00 127.15 ? 13  DC  D "C3'" 1 
ATOM   784 O  "O3'" . DC  D 4 13 ? 3.048   -15.678 12.331  1.00 149.02 ? 13  DC  D "O3'" 1 
ATOM   785 C  "C2'" . DC  D 4 13 ? 2.575   -13.290 12.534  1.00 126.04 ? 13  DC  D "C2'" 1 
ATOM   786 C  "C1'" . DC  D 4 13 ? 2.803   -13.014 11.048  1.00 117.11 ? 13  DC  D "C1'" 1 
ATOM   787 N  N1    . DC  D 4 13 ? 2.561   -11.594 10.645  1.00 106.26 ? 13  DC  D N1    1 
ATOM   788 C  C2    . DC  D 4 13 ? 3.511   -10.918 9.867   1.00 104.95 ? 13  DC  D C2    1 
ATOM   789 O  O2    . DC  D 4 13 ? 4.553   -11.501 9.544   1.00 104.66 ? 13  DC  D O2    1 
ATOM   790 N  N3    . DC  D 4 13 ? 3.263   -9.637  9.494   1.00 98.93  ? 13  DC  D N3    1 
ATOM   791 C  C4    . DC  D 4 13 ? 2.126   -9.042  9.863   1.00 104.78 ? 13  DC  D C4    1 
ATOM   792 N  N4    . DC  D 4 13 ? 1.928   -7.778  9.473   1.00 104.44 ? 13  DC  D N4    1 
ATOM   793 C  C5    . DC  D 4 13 ? 1.143   -9.715  10.648  1.00 98.77  ? 13  DC  D C5    1 
ATOM   794 C  C6    . DC  D 4 13 ? 1.397   -10.977 11.009  1.00 97.10  ? 13  DC  D C6    1 
ATOM   795 P  P     . DT  D 4 14 ? 3.911   -16.182 13.590  1.00 143.95 ? 14  DT  D P     1 
ATOM   796 O  OP1   . DT  D 4 14 ? 4.413   -17.536 13.266  1.00 147.04 ? 14  DT  D OP1   1 
ATOM   797 O  OP2   . DT  D 4 14 ? 3.100   -15.973 14.812  1.00 137.14 ? 14  DT  D OP2   1 
ATOM   798 O  "O5'" . DT  D 4 14 ? 5.159   -15.183 13.619  1.00 131.95 ? 14  DT  D "O5'" 1 
ATOM   799 C  "C5'" . DT  D 4 14 ? 6.070   -15.168 12.530  1.00 126.78 ? 14  DT  D "C5'" 1 
ATOM   800 C  "C4'" . DT  D 4 14 ? 7.115   -14.077 12.701  1.00 138.35 ? 14  DT  D "C4'" 1 
ATOM   801 O  "O4'" . DT  D 4 14 ? 6.572   -12.794 12.283  1.00 135.38 ? 14  DT  D "O4'" 1 
ATOM   802 C  "C3'" . DT  D 4 14 ? 7.622   -13.869 14.135  1.00 145.87 ? 14  DT  D "C3'" 1 
ATOM   803 O  "O3'" . DT  D 4 14 ? 9.033   -13.707 14.122  1.00 152.59 ? 14  DT  D "O3'" 1 
ATOM   804 C  "C2'" . DT  D 4 14 ? 6.930   -12.574 14.553  1.00 139.78 ? 14  DT  D "C2'" 1 
ATOM   805 C  "C1'" . DT  D 4 14 ? 6.953   -11.831 13.232  1.00 135.75 ? 14  DT  D "C1'" 1 
ATOM   806 N  N1    . DT  D 4 14 ? 6.022   -10.663 13.160  1.00 126.28 ? 14  DT  D N1    1 
ATOM   807 C  C2    . DT  D 4 14 ? 6.369   -9.588  12.376  1.00 126.48 ? 14  DT  D C2    1 
ATOM   808 O  O2    . DT  D 4 14 ? 7.400   -9.541  11.728  1.00 127.51 ? 14  DT  D O2    1 
ATOM   809 N  N3    . DT  D 4 14 ? 5.461   -8.564  12.371  1.00 121.91 ? 14  DT  D N3    1 
ATOM   810 C  C4    . DT  D 4 14 ? 4.264   -8.507  13.061  1.00 117.07 ? 14  DT  D C4    1 
ATOM   811 O  O4    . DT  D 4 14 ? 3.513   -7.538  12.991  1.00 112.63 ? 14  DT  D O4    1 
ATOM   812 C  C5    . DT  D 4 14 ? 3.960   -9.665  13.869  1.00 112.43 ? 14  DT  D C5    1 
ATOM   813 C  C7    . DT  D 4 14 ? 2.687   -9.716  14.663  1.00 108.39 ? 14  DT  D C7    1 
ATOM   814 C  C6    . DT  D 4 14 ? 4.845   -10.676 13.881  1.00 115.71 ? 14  DT  D C6    1 
ATOM   815 P  P     . DG  D 4 15 ? 9.949   -14.506 15.170  1.00 168.20 ? 15  DG  D P     1 
ATOM   816 O  OP1   . DG  D 4 15 ? 10.067  -15.899 14.681  1.00 163.85 ? 15  DG  D OP1   1 
ATOM   817 O  OP2   . DG  D 4 15 ? 9.408   -14.239 16.521  1.00 167.62 ? 15  DG  D OP2   1 
ATOM   818 O  "O5'" . DG  D 4 15 ? 11.382  -13.806 15.045  1.00 156.39 ? 15  DG  D "O5'" 1 
ATOM   819 C  "C5'" . DG  D 4 15 ? 11.903  -13.466 13.764  1.00 155.42 ? 15  DG  D "C5'" 1 
ATOM   820 C  "C4'" . DG  D 4 15 ? 12.209  -11.981 13.694  1.00 154.85 ? 15  DG  D "C4'" 1 
ATOM   821 O  "O4'" . DG  D 4 15 ? 10.966  -11.246 13.736  1.00 148.76 ? 15  DG  D "O4'" 1 
ATOM   822 C  "C3'" . DG  D 4 15 ? 13.062  -11.454 14.852  1.00 160.12 ? 15  DG  D "C3'" 1 
ATOM   823 O  "O3'" . DG  D 4 15 ? 14.377  -11.010 14.382  1.00 168.95 ? 15  DG  D "O3'" 1 
ATOM   824 C  "C2'" . DG  D 4 15 ? 12.218  -10.341 15.497  1.00 154.35 ? 15  DG  D "C2'" 1 
ATOM   825 C  "C1'" . DG  D 4 15 ? 11.150  -10.053 14.449  1.00 148.98 ? 15  DG  D "C1'" 1 
ATOM   826 N  N9    . DG  D 4 15 ? 9.870   -9.659  15.026  1.00 143.83 ? 15  DG  D N9    1 
ATOM   827 C  C8    . DG  D 4 15 ? 9.127   -10.360 15.946  1.00 143.09 ? 15  DG  D C8    1 
ATOM   828 N  N7    . DG  D 4 15 ? 8.021   -9.759  16.285  1.00 144.02 ? 15  DG  D N7    1 
ATOM   829 C  C5    . DG  D 4 15 ? 8.033   -8.583  15.547  1.00 140.88 ? 15  DG  D C5    1 
ATOM   830 C  C6    . DG  D 4 15 ? 7.091   -7.531  15.503  1.00 138.05 ? 15  DG  D C6    1 
ATOM   831 O  O6    . DG  D 4 15 ? 6.027   -7.429  16.126  1.00 130.20 ? 15  DG  D O6    1 
ATOM   832 N  N1    . DG  D 4 15 ? 7.484   -6.525  14.623  1.00 138.91 ? 15  DG  D N1    1 
ATOM   833 C  C2    . DG  D 4 15 ? 8.642   -6.537  13.882  1.00 140.44 ? 15  DG  D C2    1 
ATOM   834 N  N2    . DG  D 4 15 ? 8.851   -5.477  13.088  1.00 134.25 ? 15  DG  D N2    1 
ATOM   835 N  N3    . DG  D 4 15 ? 9.534   -7.520  13.916  1.00 140.92 ? 15  DG  D N3    1 
ATOM   836 C  C4    . DG  D 4 15 ? 9.164   -8.506  14.768  1.00 141.01 ? 15  DG  D C4    1 
ATOM   837 P  P     . DC  D 4 16 ? 14.695  -9.482  13.969  1.00 175.57 ? 16  DC  D P     1 
ATOM   838 O  OP1   . DC  D 4 16 ? 13.688  -9.038  12.978  1.00 181.36 ? 16  DC  D OP1   1 
ATOM   839 O  OP2   . DC  D 4 16 ? 16.126  -9.437  13.597  1.00 164.01 ? 16  DC  D OP2   1 
ATOM   840 O  "O5'" . DC  D 4 16 ? 14.579  -8.655  15.336  1.00 157.89 ? 16  DC  D "O5'" 1 
ATOM   841 C  "C5'" . DC  D 4 16 ? 15.059  -7.314  15.410  1.00 151.71 ? 16  DC  D "C5'" 1 
ATOM   842 C  "C4'" . DC  D 4 16 ? 14.202  -6.377  14.576  1.00 149.62 ? 16  DC  D "C4'" 1 
ATOM   843 O  "O4'" . DC  D 4 16 ? 12.797  -6.614  14.864  1.00 148.44 ? 16  DC  D "O4'" 1 
ATOM   844 C  "C3'" . DC  D 4 16 ? 14.441  -4.888  14.832  1.00 147.33 ? 16  DC  D "C3'" 1 
ATOM   845 O  "O3'" . DC  D 4 16 ? 14.396  -4.167  13.607  1.00 149.78 ? 16  DC  D "O3'" 1 
ATOM   846 C  "C2'" . DC  D 4 16 ? 13.282  -4.509  15.748  1.00 145.48 ? 16  DC  D "C2'" 1 
ATOM   847 C  "C1'" . DC  D 4 16 ? 12.175  -5.398  15.207  1.00 146.62 ? 16  DC  D "C1'" 1 
ATOM   848 N  N1    . DC  D 4 16 ? 11.092  -5.677  16.196  1.00 144.73 ? 16  DC  D N1    1 
ATOM   849 C  C2    . DC  D 4 16 ? 10.051  -4.758  16.358  1.00 148.39 ? 16  DC  D C2    1 
ATOM   850 O  O2    . DC  D 4 16 ? 10.048  -3.724  15.680  1.00 143.98 ? 16  DC  D O2    1 
ATOM   851 N  N3    . DC  D 4 16 ? 9.073   -5.028  17.258  1.00 153.05 ? 16  DC  D N3    1 
ATOM   852 C  C4    . DC  D 4 16 ? 9.112   -6.154  17.972  1.00 157.80 ? 16  DC  D C4    1 
ATOM   853 N  N4    . DC  D 4 16 ? 8.126   -6.375  18.845  1.00 150.51 ? 16  DC  D N4    1 
ATOM   854 C  C5    . DC  D 4 16 ? 10.165  -7.104  17.819  1.00 162.68 ? 16  DC  D C5    1 
ATOM   855 C  C6    . DC  D 4 16 ? 11.125  -6.828  16.929  1.00 146.87 ? 16  DC  D C6    1 
HETATM 856 AS AS    . CAC E 5 .  ? -11.734 -2.594  -9.585  1.00 182.54 ? 101 CAC C AS    1 
# 
loop_
_pdbx_poly_seq_scheme.asym_id 
_pdbx_poly_seq_scheme.entity_id 
_pdbx_poly_seq_scheme.seq_id 
_pdbx_poly_seq_scheme.mon_id 
_pdbx_poly_seq_scheme.ndb_seq_num 
_pdbx_poly_seq_scheme.pdb_seq_num 
_pdbx_poly_seq_scheme.auth_seq_num 
_pdbx_poly_seq_scheme.pdb_mon_id 
_pdbx_poly_seq_scheme.auth_mon_id 
_pdbx_poly_seq_scheme.pdb_strand_id 
_pdbx_poly_seq_scheme.pdb_ins_code 
_pdbx_poly_seq_scheme.hetero 
A 1 1  DG 1  1  1  DG DG A . n 
A 1 2  DA 2  2  2  DA DA A . n 
A 1 3  DG 3  3  3  DG DG A . n 
A 1 4  DC 4  4  4  DC DC A . n 
A 1 5  DA 5  5  5  DA DA A . n 
A 1 6  DG 6  6  6  DG DG A . n 
A 1 7  DA 7  7  7  DA DA A . n 
A 1 8  DC 8  8  8  DC DC A . n 
A 1 9  DG 9  9  9  DG DG A . n 
A 1 10 DT 10 10 10 DT DT A . n 
A 1 11 DG 11 11 11 DG DG A . n 
A 1 12 DG 12 12 ?  ?  ?  A . n 
A 1 13 DA 13 13 ?  ?  ?  A . n 
A 1 14 DG 14 14 ?  ?  ?  A . n 
A 1 15 DC 15 15 ?  ?  ?  A . n 
A 1 16 DA 16 16 ?  ?  ?  A . n 
A 1 17 DG 17 17 ?  ?  ?  A . n 
A 1 18 DA 18 18 ?  ?  ?  A . n 
A 1 19 DC 19 19 ?  ?  ?  A . n 
A 1 20 DG 20 20 ?  ?  ?  A . n 
A 1 21 DT 21 21 ?  ?  ?  A . n 
A 1 22 DG 22 22 ?  ?  ?  A . n 
B 2 1  DA 1  12 12 DA DA B . n 
B 2 2  DC 2  13 13 DC DC B . n 
B 2 3  DC 3  14 14 DC DC B . n 
B 2 4  DC 4  15 15 DC DC B . n 
B 2 5  DC 5  16 16 DC DC B . n 
B 2 6  DA 6  17 17 DA DA B . n 
B 2 7  DC 7  18 18 DC DC B . n 
B 2 8  DT 8  19 19 DT DT B . n 
B 2 9  DC 9  20 20 DC DC B . n 
B 2 10 DA 10 21 21 DA DA B . n 
C 3 1  DC 1  1  1  DC DC C . n 
C 3 2  DA 2  2  2  DA DA C . n 
C 3 3  DG 3  3  3  DG DG C . n 
C 3 4  DG 4  4  4  DG DG C . n 
C 3 5  DT 5  5  5  DT DT C . n 
D 4 1  DT 1  1  1  DT DT D . n 
D 4 2  DC 2  2  2  DC DC D . n 
D 4 3  DT 3  3  3  DT DT D . n 
D 4 4  DG 4  4  4  DG DG D . n 
D 4 5  DA 5  5  5  DA DA D . n 
D 4 6  DG 6  6  6  DG DG D . n 
D 4 7  DT 7  7  7  DT DT D . n 
D 4 8  DG 8  8  8  DG DG D . n 
D 4 9  DG 9  9  9  DG DG D . n 
D 4 10 DC 10 10 10 DC DC D . n 
D 4 11 DG 11 11 11 DG DG D . n 
D 4 12 DT 12 12 12 DT DT D . n 
D 4 13 DC 13 13 13 DC DC D . n 
D 4 14 DT 14 14 14 DT DT D . n 
D 4 15 DG 15 15 15 DG DG D . n 
D 4 16 DC 16 16 16 DC DC D . n 
# 
_pdbx_nonpoly_scheme.asym_id         E 
_pdbx_nonpoly_scheme.entity_id       5 
_pdbx_nonpoly_scheme.mon_id          CAC 
_pdbx_nonpoly_scheme.ndb_seq_num     1 
_pdbx_nonpoly_scheme.pdb_seq_num     101 
_pdbx_nonpoly_scheme.auth_seq_num    1 
_pdbx_nonpoly_scheme.pdb_mon_id      CAC 
_pdbx_nonpoly_scheme.auth_mon_id     AS 
_pdbx_nonpoly_scheme.pdb_strand_id   C 
_pdbx_nonpoly_scheme.pdb_ins_code    . 
# 
_pdbx_struct_assembly.id                   1 
_pdbx_struct_assembly.details              author_and_software_defined_assembly 
_pdbx_struct_assembly.method_details       PISA 
_pdbx_struct_assembly.oligomeric_details   tetrameric 
_pdbx_struct_assembly.oligomeric_count     4 
# 
_pdbx_struct_assembly_gen.assembly_id       1 
_pdbx_struct_assembly_gen.oper_expression   1 
_pdbx_struct_assembly_gen.asym_id_list      A,B,C,D,E 
# 
loop_
_pdbx_struct_assembly_prop.biol_id 
_pdbx_struct_assembly_prop.type 
_pdbx_struct_assembly_prop.value 
_pdbx_struct_assembly_prop.details 
1 'ABSA (A^2)' 2590 ? 
1 MORE         -11  ? 
1 'SSA (A^2)'  7850 ? 
# 
_pdbx_struct_oper_list.id                   1 
_pdbx_struct_oper_list.type                 'identity operation' 
_pdbx_struct_oper_list.name                 1_555 
_pdbx_struct_oper_list.symmetry_operation   x,y,z 
_pdbx_struct_oper_list.matrix[1][1]         1.0000000000 
_pdbx_struct_oper_list.matrix[1][2]         0.0000000000 
_pdbx_struct_oper_list.matrix[1][3]         0.0000000000 
_pdbx_struct_oper_list.vector[1]            0.0000000000 
_pdbx_struct_oper_list.matrix[2][1]         0.0000000000 
_pdbx_struct_oper_list.matrix[2][2]         1.0000000000 
_pdbx_struct_oper_list.matrix[2][3]         0.0000000000 
_pdbx_struct_oper_list.vector[2]            0.0000000000 
_pdbx_struct_oper_list.matrix[3][1]         0.0000000000 
_pdbx_struct_oper_list.matrix[3][2]         0.0000000000 
_pdbx_struct_oper_list.matrix[3][3]         1.0000000000 
_pdbx_struct_oper_list.vector[3]            0.0000000000 
# 
loop_
_pdbx_audit_revision_history.ordinal 
_pdbx_audit_revision_history.data_content_type 
_pdbx_audit_revision_history.major_revision 
_pdbx_audit_revision_history.minor_revision 
_pdbx_audit_revision_history.revision_date 
1 'Structure model' 1 0 2021-07-14 
2 'Structure model' 1 1 2022-07-06 
3 'Structure model' 1 2 2023-10-18 
# 
_pdbx_audit_revision_details.ordinal             1 
_pdbx_audit_revision_details.revision_ordinal    1 
_pdbx_audit_revision_details.data_content_type   'Structure model' 
_pdbx_audit_revision_details.provider            repository 
_pdbx_audit_revision_details.type                'Initial release' 
_pdbx_audit_revision_details.description         ? 
_pdbx_audit_revision_details.details             ? 
# 
loop_
_pdbx_audit_revision_group.ordinal 
_pdbx_audit_revision_group.revision_ordinal 
_pdbx_audit_revision_group.data_content_type 
_pdbx_audit_revision_group.group 
1 2 'Structure model' 'Database references'    
2 3 'Structure model' 'Data collection'        
3 3 'Structure model' 'Refinement description' 
# 
loop_
_pdbx_audit_revision_category.ordinal 
_pdbx_audit_revision_category.revision_ordinal 
_pdbx_audit_revision_category.data_content_type 
_pdbx_audit_revision_category.category 
1 2 'Structure model' citation                      
2 2 'Structure model' citation_author               
3 2 'Structure model' database_2                    
4 3 'Structure model' chem_comp_atom                
5 3 'Structure model' chem_comp_bond                
6 3 'Structure model' pdbx_initial_refinement_model 
# 
loop_
_pdbx_audit_revision_item.ordinal 
_pdbx_audit_revision_item.revision_ordinal 
_pdbx_audit_revision_item.data_content_type 
_pdbx_audit_revision_item.item 
1  2 'Structure model' '_citation.country'                   
2  2 'Structure model' '_citation.journal_abbrev'            
3  2 'Structure model' '_citation.journal_id_CSD'            
4  2 'Structure model' '_citation.journal_id_ISSN'           
5  2 'Structure model' '_citation.journal_volume'            
6  2 'Structure model' '_citation.page_first'                
7  2 'Structure model' '_citation.page_last'                 
8  2 'Structure model' '_citation.pdbx_database_id_DOI'      
9  2 'Structure model' '_citation.pdbx_database_id_PubMed'   
10 2 'Structure model' '_citation.title'                     
11 2 'Structure model' '_citation.year'                      
12 2 'Structure model' '_database_2.pdbx_DOI'                
13 2 'Structure model' '_database_2.pdbx_database_accession' 
# 
loop_
_software.citation_id 
_software.classification 
_software.compiler_name 
_software.compiler_version 
_software.contact_author 
_software.contact_author_email 
_software.date 
_software.description 
_software.dependencies 
_software.hardware 
_software.language 
_software.location 
_software.mods 
_software.name 
_software.os 
_software.os_version 
_software.type 
_software.version 
_software.pdbx_ordinal 
? 'data reduction'  ? ? ? ? ? ? ? ? ? ? ? HKL-2000    ? ? ? .           1 
? 'data scaling'    ? ? ? ? ? ? ? ? ? ? ? HKL-2000    ? ? ? .           2 
? refinement        ? ? ? ? ? ? ? ? ? ? ? PHENIX      ? ? ? 1.11.1_2575 3 
? 'data extraction' ? ? ? ? ? ? ? ? ? ? ? PDB_EXTRACT ? ? ? 3.25        4 
? phasing           ? ? ? ? ? ? ? ? ? ? ? PHASER      ? ? ? .           5 
# 
_pdbx_entry_details.entry_id                 6XEM 
_pdbx_entry_details.has_ligand_of_interest   N 
_pdbx_entry_details.compound_details         ? 
_pdbx_entry_details.source_details           ? 
_pdbx_entry_details.nonpolymer_details       ? 
_pdbx_entry_details.sequence_details         ? 
# 
loop_
_pdbx_unobs_or_zero_occ_atoms.id 
_pdbx_unobs_or_zero_occ_atoms.PDB_model_num 
_pdbx_unobs_or_zero_occ_atoms.polymer_flag 
_pdbx_unobs_or_zero_occ_atoms.occupancy_flag 
_pdbx_unobs_or_zero_occ_atoms.auth_asym_id 
_pdbx_unobs_or_zero_occ_atoms.auth_comp_id 
_pdbx_unobs_or_zero_occ_atoms.auth_seq_id 
_pdbx_unobs_or_zero_occ_atoms.PDB_ins_code 
_pdbx_unobs_or_zero_occ_atoms.auth_atom_id 
_pdbx_unobs_or_zero_occ_atoms.label_alt_id 
_pdbx_unobs_or_zero_occ_atoms.label_asym_id 
_pdbx_unobs_or_zero_occ_atoms.label_comp_id 
_pdbx_unobs_or_zero_occ_atoms.label_seq_id 
_pdbx_unobs_or_zero_occ_atoms.label_atom_id 
1 1 N 1 C CAC 101 ? O1 ? E CAC 1 O1 
2 1 N 1 C CAC 101 ? O2 ? E CAC 1 O2 
3 1 N 1 C CAC 101 ? C1 ? E CAC 1 C1 
4 1 N 1 C CAC 101 ? C2 ? E CAC 1 C2 
# 
loop_
_pdbx_unobs_or_zero_occ_residues.id 
_pdbx_unobs_or_zero_occ_residues.PDB_model_num 
_pdbx_unobs_or_zero_occ_residues.polymer_flag 
_pdbx_unobs_or_zero_occ_residues.occupancy_flag 
_pdbx_unobs_or_zero_occ_residues.auth_asym_id 
_pdbx_unobs_or_zero_occ_residues.auth_comp_id 
_pdbx_unobs_or_zero_occ_residues.auth_seq_id 
_pdbx_unobs_or_zero_occ_residues.PDB_ins_code 
_pdbx_unobs_or_zero_occ_residues.label_asym_id 
_pdbx_unobs_or_zero_occ_residues.label_comp_id 
_pdbx_unobs_or_zero_occ_residues.label_seq_id 
1  1 Y 1 A DG 12 ? A DG 12 
2  1 Y 1 A DA 13 ? A DA 13 
3  1 Y 1 A DG 14 ? A DG 14 
4  1 Y 1 A DC 15 ? A DC 15 
5  1 Y 1 A DA 16 ? A DA 16 
6  1 Y 1 A DG 17 ? A DG 17 
7  1 Y 1 A DA 18 ? A DA 18 
8  1 Y 1 A DC 19 ? A DC 19 
9  1 Y 1 A DG 20 ? A DG 20 
10 1 Y 1 A DT 21 ? A DT 21 
11 1 Y 1 A DG 22 ? A DG 22 
# 
loop_
_chem_comp_atom.comp_id 
_chem_comp_atom.atom_id 
_chem_comp_atom.type_symbol 
_chem_comp_atom.pdbx_aromatic_flag 
_chem_comp_atom.pdbx_stereo_config 
_chem_comp_atom.pdbx_ordinal 
CAC AS     AS N N 1   
CAC O1     O  N N 2   
CAC O2     O  N N 3   
CAC C1     C  N N 4   
CAC C2     C  N N 5   
CAC H11    H  N N 6   
CAC H12    H  N N 7   
CAC H13    H  N N 8   
CAC H21    H  N N 9   
CAC H22    H  N N 10  
CAC H23    H  N N 11  
DA  OP3    O  N N 12  
DA  P      P  N N 13  
DA  OP1    O  N N 14  
DA  OP2    O  N N 15  
DA  "O5'"  O  N N 16  
DA  "C5'"  C  N N 17  
DA  "C4'"  C  N R 18  
DA  "O4'"  O  N N 19  
DA  "C3'"  C  N S 20  
DA  "O3'"  O  N N 21  
DA  "C2'"  C  N N 22  
DA  "C1'"  C  N R 23  
DA  N9     N  Y N 24  
DA  C8     C  Y N 25  
DA  N7     N  Y N 26  
DA  C5     C  Y N 27  
DA  C6     C  Y N 28  
DA  N6     N  N N 29  
DA  N1     N  Y N 30  
DA  C2     C  Y N 31  
DA  N3     N  Y N 32  
DA  C4     C  Y N 33  
DA  HOP3   H  N N 34  
DA  HOP2   H  N N 35  
DA  "H5'"  H  N N 36  
DA  "H5''" H  N N 37  
DA  "H4'"  H  N N 38  
DA  "H3'"  H  N N 39  
DA  "HO3'" H  N N 40  
DA  "H2'"  H  N N 41  
DA  "H2''" H  N N 42  
DA  "H1'"  H  N N 43  
DA  H8     H  N N 44  
DA  H61    H  N N 45  
DA  H62    H  N N 46  
DA  H2     H  N N 47  
DC  OP3    O  N N 48  
DC  P      P  N N 49  
DC  OP1    O  N N 50  
DC  OP2    O  N N 51  
DC  "O5'"  O  N N 52  
DC  "C5'"  C  N N 53  
DC  "C4'"  C  N R 54  
DC  "O4'"  O  N N 55  
DC  "C3'"  C  N S 56  
DC  "O3'"  O  N N 57  
DC  "C2'"  C  N N 58  
DC  "C1'"  C  N R 59  
DC  N1     N  N N 60  
DC  C2     C  N N 61  
DC  O2     O  N N 62  
DC  N3     N  N N 63  
DC  C4     C  N N 64  
DC  N4     N  N N 65  
DC  C5     C  N N 66  
DC  C6     C  N N 67  
DC  HOP3   H  N N 68  
DC  HOP2   H  N N 69  
DC  "H5'"  H  N N 70  
DC  "H5''" H  N N 71  
DC  "H4'"  H  N N 72  
DC  "H3'"  H  N N 73  
DC  "HO3'" H  N N 74  
DC  "H2'"  H  N N 75  
DC  "H2''" H  N N 76  
DC  "H1'"  H  N N 77  
DC  H41    H  N N 78  
DC  H42    H  N N 79  
DC  H5     H  N N 80  
DC  H6     H  N N 81  
DG  OP3    O  N N 82  
DG  P      P  N N 83  
DG  OP1    O  N N 84  
DG  OP2    O  N N 85  
DG  "O5'"  O  N N 86  
DG  "C5'"  C  N N 87  
DG  "C4'"  C  N R 88  
DG  "O4'"  O  N N 89  
DG  "C3'"  C  N S 90  
DG  "O3'"  O  N N 91  
DG  "C2'"  C  N N 92  
DG  "C1'"  C  N R 93  
DG  N9     N  Y N 94  
DG  C8     C  Y N 95  
DG  N7     N  Y N 96  
DG  C5     C  Y N 97  
DG  C6     C  N N 98  
DG  O6     O  N N 99  
DG  N1     N  N N 100 
DG  C2     C  N N 101 
DG  N2     N  N N 102 
DG  N3     N  N N 103 
DG  C4     C  Y N 104 
DG  HOP3   H  N N 105 
DG  HOP2   H  N N 106 
DG  "H5'"  H  N N 107 
DG  "H5''" H  N N 108 
DG  "H4'"  H  N N 109 
DG  "H3'"  H  N N 110 
DG  "HO3'" H  N N 111 
DG  "H2'"  H  N N 112 
DG  "H2''" H  N N 113 
DG  "H1'"  H  N N 114 
DG  H8     H  N N 115 
DG  H1     H  N N 116 
DG  H21    H  N N 117 
DG  H22    H  N N 118 
DT  OP3    O  N N 119 
DT  P      P  N N 120 
DT  OP1    O  N N 121 
DT  OP2    O  N N 122 
DT  "O5'"  O  N N 123 
DT  "C5'"  C  N N 124 
DT  "C4'"  C  N R 125 
DT  "O4'"  O  N N 126 
DT  "C3'"  C  N S 127 
DT  "O3'"  O  N N 128 
DT  "C2'"  C  N N 129 
DT  "C1'"  C  N R 130 
DT  N1     N  N N 131 
DT  C2     C  N N 132 
DT  O2     O  N N 133 
DT  N3     N  N N 134 
DT  C4     C  N N 135 
DT  O4     O  N N 136 
DT  C5     C  N N 137 
DT  C7     C  N N 138 
DT  C6     C  N N 139 
DT  HOP3   H  N N 140 
DT  HOP2   H  N N 141 
DT  "H5'"  H  N N 142 
DT  "H5''" H  N N 143 
DT  "H4'"  H  N N 144 
DT  "H3'"  H  N N 145 
DT  "HO3'" H  N N 146 
DT  "H2'"  H  N N 147 
DT  "H2''" H  N N 148 
DT  "H1'"  H  N N 149 
DT  H3     H  N N 150 
DT  H71    H  N N 151 
DT  H72    H  N N 152 
DT  H73    H  N N 153 
DT  H6     H  N N 154 
# 
loop_
_chem_comp_bond.comp_id 
_chem_comp_bond.atom_id_1 
_chem_comp_bond.atom_id_2 
_chem_comp_bond.value_order 
_chem_comp_bond.pdbx_aromatic_flag 
_chem_comp_bond.pdbx_stereo_config 
_chem_comp_bond.pdbx_ordinal 
CAC AS    O1     doub N N 1   
CAC AS    O2     sing N N 2   
CAC AS    C1     sing N N 3   
CAC AS    C2     sing N N 4   
CAC C1    H11    sing N N 5   
CAC C1    H12    sing N N 6   
CAC C1    H13    sing N N 7   
CAC C2    H21    sing N N 8   
CAC C2    H22    sing N N 9   
CAC C2    H23    sing N N 10  
DA  OP3   P      sing N N 11  
DA  OP3   HOP3   sing N N 12  
DA  P     OP1    doub N N 13  
DA  P     OP2    sing N N 14  
DA  P     "O5'"  sing N N 15  
DA  OP2   HOP2   sing N N 16  
DA  "O5'" "C5'"  sing N N 17  
DA  "C5'" "C4'"  sing N N 18  
DA  "C5'" "H5'"  sing N N 19  
DA  "C5'" "H5''" sing N N 20  
DA  "C4'" "O4'"  sing N N 21  
DA  "C4'" "C3'"  sing N N 22  
DA  "C4'" "H4'"  sing N N 23  
DA  "O4'" "C1'"  sing N N 24  
DA  "C3'" "O3'"  sing N N 25  
DA  "C3'" "C2'"  sing N N 26  
DA  "C3'" "H3'"  sing N N 27  
DA  "O3'" "HO3'" sing N N 28  
DA  "C2'" "C1'"  sing N N 29  
DA  "C2'" "H2'"  sing N N 30  
DA  "C2'" "H2''" sing N N 31  
DA  "C1'" N9     sing N N 32  
DA  "C1'" "H1'"  sing N N 33  
DA  N9    C8     sing Y N 34  
DA  N9    C4     sing Y N 35  
DA  C8    N7     doub Y N 36  
DA  C8    H8     sing N N 37  
DA  N7    C5     sing Y N 38  
DA  C5    C6     sing Y N 39  
DA  C5    C4     doub Y N 40  
DA  C6    N6     sing N N 41  
DA  C6    N1     doub Y N 42  
DA  N6    H61    sing N N 43  
DA  N6    H62    sing N N 44  
DA  N1    C2     sing Y N 45  
DA  C2    N3     doub Y N 46  
DA  C2    H2     sing N N 47  
DA  N3    C4     sing Y N 48  
DC  OP3   P      sing N N 49  
DC  OP3   HOP3   sing N N 50  
DC  P     OP1    doub N N 51  
DC  P     OP2    sing N N 52  
DC  P     "O5'"  sing N N 53  
DC  OP2   HOP2   sing N N 54  
DC  "O5'" "C5'"  sing N N 55  
DC  "C5'" "C4'"  sing N N 56  
DC  "C5'" "H5'"  sing N N 57  
DC  "C5'" "H5''" sing N N 58  
DC  "C4'" "O4'"  sing N N 59  
DC  "C4'" "C3'"  sing N N 60  
DC  "C4'" "H4'"  sing N N 61  
DC  "O4'" "C1'"  sing N N 62  
DC  "C3'" "O3'"  sing N N 63  
DC  "C3'" "C2'"  sing N N 64  
DC  "C3'" "H3'"  sing N N 65  
DC  "O3'" "HO3'" sing N N 66  
DC  "C2'" "C1'"  sing N N 67  
DC  "C2'" "H2'"  sing N N 68  
DC  "C2'" "H2''" sing N N 69  
DC  "C1'" N1     sing N N 70  
DC  "C1'" "H1'"  sing N N 71  
DC  N1    C2     sing N N 72  
DC  N1    C6     sing N N 73  
DC  C2    O2     doub N N 74  
DC  C2    N3     sing N N 75  
DC  N3    C4     doub N N 76  
DC  C4    N4     sing N N 77  
DC  C4    C5     sing N N 78  
DC  N4    H41    sing N N 79  
DC  N4    H42    sing N N 80  
DC  C5    C6     doub N N 81  
DC  C5    H5     sing N N 82  
DC  C6    H6     sing N N 83  
DG  OP3   P      sing N N 84  
DG  OP3   HOP3   sing N N 85  
DG  P     OP1    doub N N 86  
DG  P     OP2    sing N N 87  
DG  P     "O5'"  sing N N 88  
DG  OP2   HOP2   sing N N 89  
DG  "O5'" "C5'"  sing N N 90  
DG  "C5'" "C4'"  sing N N 91  
DG  "C5'" "H5'"  sing N N 92  
DG  "C5'" "H5''" sing N N 93  
DG  "C4'" "O4'"  sing N N 94  
DG  "C4'" "C3'"  sing N N 95  
DG  "C4'" "H4'"  sing N N 96  
DG  "O4'" "C1'"  sing N N 97  
DG  "C3'" "O3'"  sing N N 98  
DG  "C3'" "C2'"  sing N N 99  
DG  "C3'" "H3'"  sing N N 100 
DG  "O3'" "HO3'" sing N N 101 
DG  "C2'" "C1'"  sing N N 102 
DG  "C2'" "H2'"  sing N N 103 
DG  "C2'" "H2''" sing N N 104 
DG  "C1'" N9     sing N N 105 
DG  "C1'" "H1'"  sing N N 106 
DG  N9    C8     sing Y N 107 
DG  N9    C4     sing Y N 108 
DG  C8    N7     doub Y N 109 
DG  C8    H8     sing N N 110 
DG  N7    C5     sing Y N 111 
DG  C5    C6     sing N N 112 
DG  C5    C4     doub Y N 113 
DG  C6    O6     doub N N 114 
DG  C6    N1     sing N N 115 
DG  N1    C2     sing N N 116 
DG  N1    H1     sing N N 117 
DG  C2    N2     sing N N 118 
DG  C2    N3     doub N N 119 
DG  N2    H21    sing N N 120 
DG  N2    H22    sing N N 121 
DG  N3    C4     sing N N 122 
DT  OP3   P      sing N N 123 
DT  OP3   HOP3   sing N N 124 
DT  P     OP1    doub N N 125 
DT  P     OP2    sing N N 126 
DT  P     "O5'"  sing N N 127 
DT  OP2   HOP2   sing N N 128 
DT  "O5'" "C5'"  sing N N 129 
DT  "C5'" "C4'"  sing N N 130 
DT  "C5'" "H5'"  sing N N 131 
DT  "C5'" "H5''" sing N N 132 
DT  "C4'" "O4'"  sing N N 133 
DT  "C4'" "C3'"  sing N N 134 
DT  "C4'" "H4'"  sing N N 135 
DT  "O4'" "C1'"  sing N N 136 
DT  "C3'" "O3'"  sing N N 137 
DT  "C3'" "C2'"  sing N N 138 
DT  "C3'" "H3'"  sing N N 139 
DT  "O3'" "HO3'" sing N N 140 
DT  "C2'" "C1'"  sing N N 141 
DT  "C2'" "H2'"  sing N N 142 
DT  "C2'" "H2''" sing N N 143 
DT  "C1'" N1     sing N N 144 
DT  "C1'" "H1'"  sing N N 145 
DT  N1    C2     sing N N 146 
DT  N1    C6     sing N N 147 
DT  C2    O2     doub N N 148 
DT  C2    N3     sing N N 149 
DT  N3    C4     sing N N 150 
DT  N3    H3     sing N N 151 
DT  C4    O4     doub N N 152 
DT  C4    C5     sing N N 153 
DT  C5    C7     sing N N 154 
DT  C5    C6     doub N N 155 
DT  C7    H71    sing N N 156 
DT  C7    H72    sing N N 157 
DT  C7    H73    sing N N 158 
DT  C6    H6     sing N N 159 
# 
loop_
_ndb_struct_conf_na.entry_id 
_ndb_struct_conf_na.feature 
6XEM 'double helix'        
6XEM 'a-form double helix' 
6XEM 'b-form double helix' 
# 
loop_
_ndb_struct_na_base_pair.model_number 
_ndb_struct_na_base_pair.i_label_asym_id 
_ndb_struct_na_base_pair.i_label_comp_id 
_ndb_struct_na_base_pair.i_label_seq_id 
_ndb_struct_na_base_pair.i_symmetry 
_ndb_struct_na_base_pair.j_label_asym_id 
_ndb_struct_na_base_pair.j_label_comp_id 
_ndb_struct_na_base_pair.j_label_seq_id 
_ndb_struct_na_base_pair.j_symmetry 
_ndb_struct_na_base_pair.shear 
_ndb_struct_na_base_pair.stretch 
_ndb_struct_na_base_pair.stagger 
_ndb_struct_na_base_pair.buckle 
_ndb_struct_na_base_pair.propeller 
_ndb_struct_na_base_pair.opening 
_ndb_struct_na_base_pair.pair_number 
_ndb_struct_na_base_pair.pair_name 
_ndb_struct_na_base_pair.i_auth_asym_id 
_ndb_struct_na_base_pair.i_auth_seq_id 
_ndb_struct_na_base_pair.i_PDB_ins_code 
_ndb_struct_na_base_pair.j_auth_asym_id 
_ndb_struct_na_base_pair.j_auth_seq_id 
_ndb_struct_na_base_pair.j_PDB_ins_code 
_ndb_struct_na_base_pair.hbond_type_28 
_ndb_struct_na_base_pair.hbond_type_12 
1 A DG 3  1_555 D DC 16 1_555 -0.094 -0.430 0.914  10.122  -17.676 2.831  1  A_DG3:DC16_D A 3  ? D 16 ? 19 1 
1 A DC 4  1_555 D DG 15 1_555 -0.371 0.114  0.582  3.190   -15.412 -0.251 2  A_DC4:DG15_D A 4  ? D 15 ? 19 1 
1 A DA 5  1_555 D DT 14 1_555 0.036  0.313  0.586  -3.137  -12.110 -3.417 3  A_DA5:DT14_D A 5  ? D 14 ? 20 1 
1 A DG 6  1_555 D DC 13 1_555 -0.358 -0.483 0.232  0.115   -11.143 -7.254 4  A_DG6:DC13_D A 6  ? D 13 ? 19 1 
1 A DA 7  1_555 D DT 12 1_555 -0.084 0.050  -0.076 -3.649  -7.752  -9.853 5  A_DA7:DT12_D A 7  ? D 12 ? 20 1 
1 A DC 8  1_555 D DG 11 1_555 0.367  -0.402 0.110  -0.055  -7.040  -2.453 6  A_DC8:DG11_D A 8  ? D 11 ? 19 1 
1 A DG 9  1_555 D DC 10 1_555 -0.182 -0.130 0.108  -10.323 -6.565  -4.611 7  A_DG9:DC10_D A 9  ? D 10 ? 19 1 
1 A DT 10 1_555 C DA 2  1_555 -1.720 0.065  0.612  -8.952  -11.298 8.267  8  A_DT10:DA2_C A 10 ? C 2  ? 20 1 
1 A DG 11 1_555 C DC 1  1_555 0.765  -0.163 0.399  -0.629  -6.345  3.839  9  A_DG11:DC1_C A 11 ? C 1  ? 19 1 
1 B DA 1  1_555 C DT 5  1_555 0.086  -0.173 0.592  13.155  -7.481  -5.730 10 B_DA12:DT5_C B 12 ? C 5  ? 20 1 
1 B DC 2  1_555 C DG 4  1_555 0.602  -0.383 0.373  10.402  -13.502 2.639  11 B_DC13:DG4_C B 13 ? C 4  ? 19 1 
1 B DC 3  1_555 C DG 3  1_555 -0.046 -0.437 0.612  -3.069  -16.358 -3.967 12 B_DC14:DG3_C B 14 ? C 3  ? 19 1 
1 B DC 4  1_555 D DG 9  1_555 -0.509 0.054  0.619  -8.033  -9.644  0.302  13 B_DC15:DG9_D B 15 ? D 9  ? 19 1 
1 B DC 5  1_555 D DG 8  1_555 0.152  -0.258 1.146  1.411   -6.271  4.317  14 B_DC16:DG8_D B 16 ? D 8  ? 19 1 
1 B DA 6  1_555 D DT 7  1_555 0.941  0.125  0.925  9.558   -14.242 -0.623 15 B_DA17:DT7_D B 17 ? D 7  ? 20 1 
1 B DC 7  1_555 D DG 6  1_555 -0.291 0.066  -0.147 13.476  -12.717 -0.379 16 B_DC18:DG6_D B 18 ? D 6  ? 19 1 
1 B DT 8  1_555 D DA 5  1_555 -0.769 -0.034 -0.183 16.142  -17.937 -0.609 17 B_DT19:DA5_D B 19 ? D 5  ? 20 1 
1 B DC 9  1_555 D DG 4  1_555 0.098  0.194  -0.340 12.480  -24.324 0.616  18 B_DC20:DG4_D B 20 ? D 4  ? 19 1 
1 B DA 10 1_555 D DT 3  1_555 1.541  0.452  -0.117 -5.046  -28.593 -4.367 19 B_DA21:DT3_D B 21 ? D 3  ? 20 1 
# 
loop_
_ndb_struct_na_base_pair_step.model_number 
_ndb_struct_na_base_pair_step.i_label_asym_id_1 
_ndb_struct_na_base_pair_step.i_label_comp_id_1 
_ndb_struct_na_base_pair_step.i_label_seq_id_1 
_ndb_struct_na_base_pair_step.i_symmetry_1 
_ndb_struct_na_base_pair_step.j_label_asym_id_1 
_ndb_struct_na_base_pair_step.j_label_comp_id_1 
_ndb_struct_na_base_pair_step.j_label_seq_id_1 
_ndb_struct_na_base_pair_step.j_symmetry_1 
_ndb_struct_na_base_pair_step.i_label_asym_id_2 
_ndb_struct_na_base_pair_step.i_label_comp_id_2 
_ndb_struct_na_base_pair_step.i_label_seq_id_2 
_ndb_struct_na_base_pair_step.i_symmetry_2 
_ndb_struct_na_base_pair_step.j_label_asym_id_2 
_ndb_struct_na_base_pair_step.j_label_comp_id_2 
_ndb_struct_na_base_pair_step.j_label_seq_id_2 
_ndb_struct_na_base_pair_step.j_symmetry_2 
_ndb_struct_na_base_pair_step.shift 
_ndb_struct_na_base_pair_step.slide 
_ndb_struct_na_base_pair_step.rise 
_ndb_struct_na_base_pair_step.tilt 
_ndb_struct_na_base_pair_step.roll 
_ndb_struct_na_base_pair_step.twist 
_ndb_struct_na_base_pair_step.x_displacement 
_ndb_struct_na_base_pair_step.y_displacement 
_ndb_struct_na_base_pair_step.helical_rise 
_ndb_struct_na_base_pair_step.inclination 
_ndb_struct_na_base_pair_step.tip 
_ndb_struct_na_base_pair_step.helical_twist 
_ndb_struct_na_base_pair_step.step_number 
_ndb_struct_na_base_pair_step.step_name 
_ndb_struct_na_base_pair_step.i_auth_asym_id_1 
_ndb_struct_na_base_pair_step.i_auth_seq_id_1 
_ndb_struct_na_base_pair_step.i_PDB_ins_code_1 
_ndb_struct_na_base_pair_step.j_auth_asym_id_1 
_ndb_struct_na_base_pair_step.j_auth_seq_id_1 
_ndb_struct_na_base_pair_step.j_PDB_ins_code_1 
_ndb_struct_na_base_pair_step.i_auth_asym_id_2 
_ndb_struct_na_base_pair_step.i_auth_seq_id_2 
_ndb_struct_na_base_pair_step.i_PDB_ins_code_2 
_ndb_struct_na_base_pair_step.j_auth_asym_id_2 
_ndb_struct_na_base_pair_step.j_auth_seq_id_2 
_ndb_struct_na_base_pair_step.j_PDB_ins_code_2 
1 A DG 3  1_555 D DC 16 1_555 A DC 4  1_555 D DG 15 1_555 -0.358 -0.961 3.463 2.583  0.112   31.535 -1.784 1.159  3.420 0.206   
-4.743  31.638 1  AA_DG3DC4:DG15DC16_DD A 3  ? D 16 ? A 4  ? D 15 ? 
1 A DC 4  1_555 D DG 15 1_555 A DA 5  1_555 D DT 14 1_555 -0.444 1.474  3.613 -1.011 0.005   41.036 2.102  0.512  3.623 0.007   
1.442   41.048 2  AA_DC4DA5:DT14DG15_DD A 4  ? D 15 ? A 5  ? D 14 ? 
1 A DA 5  1_555 D DT 14 1_555 A DG 6  1_555 D DC 13 1_555 -0.336 -0.403 3.330 -1.867 0.796   27.553 -1.042 0.241  3.332 1.668   
3.912   27.627 3  AA_DA5DG6:DC13DT14_DD A 5  ? D 14 ? A 6  ? D 13 ? 
1 A DG 6  1_555 D DC 13 1_555 A DA 7  1_555 D DT 12 1_555 -0.160 -1.143 3.418 -0.978 1.831   39.196 -1.929 0.117  3.366 2.727   
1.456   39.248 4  AA_DG6DA7:DT12DC13_DD A 6  ? D 13 ? A 7  ? D 12 ? 
1 A DA 7  1_555 D DT 12 1_555 A DC 8  1_555 D DG 11 1_555 0.560  -0.718 3.311 -4.777 0.466   38.394 -1.142 -1.433 3.212 0.705   
7.229   38.681 5  AA_DA7DC8:DG11DT12_DD A 7  ? D 12 ? A 8  ? D 11 ? 
1 A DC 8  1_555 D DG 11 1_555 A DG 9  1_555 D DC 10 1_555 -0.723 -1.583 3.473 -3.311 2.483   31.685 -3.350 0.681  3.398 4.523   
6.032   31.947 6  AA_DC8DG9:DC10DG11_DD A 8  ? D 11 ? A 9  ? D 10 ? 
1 A DG 9  1_555 D DC 10 1_555 A DT 10 1_555 C DA 2  1_555 -0.488 -1.743 3.247 -3.187 2.843   13.509 -9.598 -0.859 2.858 11.711  
13.125  14.165 7  AA_DG9DT10:DA2DC10_CD A 9  ? D 10 ? A 10 ? C 2  ? 
1 A DT 10 1_555 C DA 2  1_555 A DG 11 1_555 C DC 1  1_555 -0.367 1.382  3.186 -3.994 2.952   51.018 1.396  0.153  3.274 3.418   
4.624   51.243 8  AA_DT10DG11:DC1DA2_CC A 10 ? C 2  ? A 11 ? C 1  ? 
1 B DA 1  1_555 C DT 5  1_555 B DC 2  1_555 C DG 4  1_555 1.029  -1.227 3.292 -0.158 0.691   35.808 -2.095 -1.696 3.264 1.124   
0.257   35.815 9  BB_DA12DC13:DG4DT5_CC B 12 ? C 5  ? B 13 ? C 4  ? 
1 B DC 2  1_555 C DG 4  1_555 B DC 3  1_555 C DG 3  1_555 -0.674 -1.580 3.603 -5.657 -2.100  32.232 -2.390 0.089  3.756 -3.741  
10.079  32.778 10 BB_DC13DC14:DG3DG4_CC B 13 ? C 4  ? B 14 ? C 3  ? 
1 B DC 3  1_555 C DG 3  1_555 B DC 4  1_555 D DG 9  1_555 -0.750 -1.395 3.228 -0.907 1.061   26.431 -3.323 1.402  3.194 2.318   
1.982   26.467 11 BB_DC14DC15:DG9DG3_DC B 14 ? C 3  ? B 15 ? D 9  ? 
1 B DC 4  1_555 D DG 9  1_555 B DC 5  1_555 D DG 8  1_555 0.010  0.076  3.331 -1.908 4.407   31.291 -0.691 -0.378 3.304 8.110   
3.512   31.648 12 BB_DC15DC16:DG8DG9_DD B 15 ? D 9  ? B 16 ? D 8  ? 
1 B DC 5  1_555 D DG 8  1_555 B DA 6  1_555 D DT 7  1_555 -0.001 1.720  3.166 2.292  -11.605 46.064 2.987  0.169  2.680 -14.549 
-2.874  47.478 13 BB_DC16DA17:DT7DG8_DD B 16 ? D 8  ? B 17 ? D 7  ? 
1 B DA 6  1_555 D DT 7  1_555 B DC 7  1_555 D DG 6  1_555 0.359  -0.786 3.154 7.333  0.184   26.475 -1.701 1.013  3.132 0.391   
-15.633 27.455 14 BB_DA17DC18:DG6DT7_DD B 17 ? D 7  ? B 18 ? D 6  ? 
1 B DC 7  1_555 D DG 6  1_555 B DT 8  1_555 D DA 5  1_555 0.347  -0.199 3.148 5.617  3.121   31.919 -0.883 0.331  3.129 5.604   
-10.086 32.543 15 BB_DC18DT19:DA5DG6_DD B 18 ? D 6  ? B 19 ? D 5  ? 
1 B DT 8  1_555 D DA 5  1_555 B DC 9  1_555 D DG 4  1_555 0.889  0.863  3.580 8.247  5.322   39.377 0.569  -0.234 3.764 7.753   
-12.013 40.534 16 BB_DT19DC20:DG4DA5_DD B 19 ? D 5  ? B 20 ? D 4  ? 
1 B DC 9  1_555 D DG 4  1_555 B DA 10 1_555 D DT 3  1_555 0.070  1.673  3.978 -0.774 1.522   43.949 2.058  -0.182 4.029 2.032   
1.033   43.981 17 BB_DC20DA21:DT3DG4_DD B 20 ? D 4  ? B 21 ? D 3  ? 
# 
loop_
_pdbx_audit_support.funding_organization 
_pdbx_audit_support.country 
_pdbx_audit_support.grant_number 
_pdbx_audit_support.ordinal 
'National Science Foundation (NSF, United States)'                                         'United States' 1360635     1 
'National Institutes of Health/National Institute of General Medical Sciences (NIH/NIGMS)' 'United States' R01GM104960 2 
'National Science Foundation (NSF, United States)'                                         'United States' NSF2004250  3 
# 
_pdbx_entity_nonpoly.entity_id   5 
_pdbx_entity_nonpoly.name        'CACODYLATE ION' 
_pdbx_entity_nonpoly.comp_id     CAC 
# 
_pdbx_initial_refinement_model.id               1 
_pdbx_initial_refinement_model.entity_id_list   ? 
_pdbx_initial_refinement_model.type             'experimental model' 
_pdbx_initial_refinement_model.source_name      PDB 
_pdbx_initial_refinement_model.accession_code   6X8C 
_pdbx_initial_refinement_model.details          ? 
# 
_pdbx_struct_assembly_auth_evidence.id                     1 
_pdbx_struct_assembly_auth_evidence.assembly_id            1 
_pdbx_struct_assembly_auth_evidence.experimental_support   none 
_pdbx_struct_assembly_auth_evidence.details                ? 
# 
